data_6J27
#
_entry.id   6J27
#
_cell.length_a   69.570
_cell.length_b   158.606
_cell.length_c   71.936
_cell.angle_alpha   90.00
_cell.angle_beta   118.95
_cell.angle_gamma   90.00
#
_symmetry.space_group_name_H-M   'P 1 21 1'
#
loop_
_entity.id
_entity.type
_entity.pdbx_description
1 polymer 'N(4)-bis(aminopropyl)spermidine synthase'
2 non-polymer 'FE (III) ION'
3 non-polymer "5'-DEOXY-5'-METHYLTHIOADENOSINE"
4 non-polymer N,N-bis(3-aminopropyl)butane-1,4-diamine
5 non-polymer 'TRIETHYLENE GLYCOL'
6 non-polymer DI(HYDROXYETHYL)ETHER
7 water water
#
_entity_poly.entity_id   1
_entity_poly.type   'polypeptide(L)'
_entity_poly.pdbx_seq_one_letter_code
;MGSSHHHHHHSSGLVPRGSHMVETAGKGVSVNKEALVQVAEEVRRATGLPVGWRDVERTLGALRATRDLWEAVRLSRVPL
RFLVPIWEGLARRGLLRVEEGLDLLAEVPAPRPGEAACPACEGRGLVGERLPGRAAERFLAWAKERPEAIQDFDQGYVTP
ESTLARVALAWNWGDLEGKEVLVLGDDDLTGLAAALTGLPKRVVVLDADPRIVRFLERAAKAEGLPLEAHVHDLREPLPE
AWVHAFHTFFTDPVEGPLGLQAFVGRGLLALEGEGCAGYVGLTHVEASLAKWADFQRFLLENGAVITELRDGFHVYENWG
YIEQMRAWPWLPVKRRPEKPWYTSALIRLELLRRADLENARVEGDLQDEEATTY
;
_entity_poly.pdbx_strand_id   A,B,C,D
#
loop_
_chem_comp.id
_chem_comp.type
_chem_comp.name
_chem_comp.formula
FE non-polymer 'FE (III) ION' 'Fe 3'
MTA non-polymer 5'-DEOXY-5'-METHYLTHIOADENOSINE 'C11 H15 N5 O3 S'
N4P non-polymer N,N-bis(3-aminopropyl)butane-1,4-diamine 'C10 H26 N4'
PEG non-polymer DI(HYDROXYETHYL)ETHER 'C4 H10 O3'
PGE non-polymer 'TRIETHYLENE GLYCOL' 'C6 H14 O4'
#
# COMPACT_ATOMS: atom_id res chain seq x y z
N VAL A 31 32.52 -40.22 -16.87
CA VAL A 31 31.71 -39.30 -17.71
C VAL A 31 32.42 -37.97 -17.96
N ASN A 32 32.77 -37.70 -19.20
CA ASN A 32 33.58 -36.51 -19.53
C ASN A 32 32.75 -35.59 -20.38
N LYS A 33 33.33 -34.42 -20.64
CA LYS A 33 32.73 -33.36 -21.42
C LYS A 33 32.21 -33.78 -22.80
N GLU A 34 32.91 -34.67 -23.49
CA GLU A 34 32.50 -35.04 -24.82
C GLU A 34 31.18 -35.80 -24.81
N ALA A 35 30.92 -36.53 -23.75
CA ALA A 35 29.70 -37.25 -23.69
C ALA A 35 28.52 -36.24 -23.66
N LEU A 36 28.67 -35.07 -23.01
CA LEU A 36 27.58 -34.09 -23.04
C LEU A 36 27.35 -33.54 -24.41
N VAL A 37 28.45 -33.32 -25.14
CA VAL A 37 28.38 -32.86 -26.46
C VAL A 37 27.70 -33.91 -27.32
N GLN A 38 28.07 -35.17 -27.15
CA GLN A 38 27.44 -36.18 -28.02
C GLN A 38 25.93 -36.42 -27.77
N VAL A 39 25.51 -36.30 -26.53
CA VAL A 39 24.10 -36.45 -26.19
C VAL A 39 23.33 -35.34 -26.89
N ALA A 40 23.84 -34.10 -26.81
CA ALA A 40 23.15 -32.96 -27.39
C ALA A 40 23.04 -33.10 -28.93
N GLU A 41 24.15 -33.48 -29.56
CA GLU A 41 24.21 -33.64 -31.00
C GLU A 41 23.14 -34.69 -31.47
N GLU A 42 23.01 -35.76 -30.70
CA GLU A 42 22.03 -36.83 -31.00
C GLU A 42 20.61 -36.28 -31.00
N VAL A 43 20.27 -35.51 -29.96
CA VAL A 43 18.96 -34.88 -29.90
C VAL A 43 18.83 -33.91 -31.01
N ARG A 44 19.89 -33.15 -31.24
CA ARG A 44 19.83 -32.20 -32.34
C ARG A 44 19.54 -32.93 -33.68
N ARG A 45 20.23 -34.03 -33.91
CA ARG A 45 20.08 -34.79 -35.15
C ARG A 45 18.67 -35.38 -35.27
N ALA A 46 18.12 -35.86 -34.17
CA ALA A 46 16.78 -36.43 -34.22
C ALA A 46 15.60 -35.39 -34.30
N THR A 47 15.81 -34.14 -33.89
CA THR A 47 14.69 -33.19 -33.75
C THR A 47 14.78 -31.90 -34.54
N GLY A 48 15.97 -31.46 -34.96
CA GLY A 48 16.10 -30.19 -35.59
C GLY A 48 16.07 -29.02 -34.63
N LEU A 49 15.98 -29.31 -33.33
CA LEU A 49 15.90 -28.28 -32.30
C LEU A 49 17.28 -27.77 -31.85
N PRO A 50 17.37 -26.53 -31.32
CA PRO A 50 18.66 -26.01 -30.87
C PRO A 50 19.12 -26.49 -29.46
N VAL A 51 19.51 -27.76 -29.40
CA VAL A 51 19.92 -28.39 -28.20
C VAL A 51 21.45 -28.41 -28.11
N GLY A 52 21.97 -27.83 -27.03
CA GLY A 52 23.45 -27.70 -26.81
C GLY A 52 23.99 -28.53 -25.70
N TRP A 53 25.32 -28.63 -25.59
CA TRP A 53 25.94 -29.36 -24.55
C TRP A 53 25.55 -28.80 -23.17
N ARG A 54 25.37 -27.46 -23.08
CA ARG A 54 25.10 -26.88 -21.76
C ARG A 54 23.66 -27.24 -21.31
N ASP A 55 22.77 -27.51 -22.26
CA ASP A 55 21.42 -28.08 -21.88
C ASP A 55 21.57 -29.40 -21.18
N VAL A 56 22.48 -30.25 -21.69
CA VAL A 56 22.75 -31.49 -21.06
C VAL A 56 23.40 -31.32 -19.72
N GLU A 57 24.28 -30.32 -19.59
CA GLU A 57 24.96 -30.13 -18.35
C GLU A 57 23.94 -29.74 -17.29
N ARG A 58 23.05 -28.88 -17.68
CA ARG A 58 22.02 -28.38 -16.76
CA ARG A 58 22.00 -28.39 -16.77
C ARG A 58 21.11 -29.53 -16.34
N THR A 59 20.80 -30.41 -17.28
CA THR A 59 19.94 -31.55 -16.98
C THR A 59 20.58 -32.45 -15.92
N LEU A 60 21.88 -32.74 -16.06
CA LEU A 60 22.60 -33.55 -15.12
C LEU A 60 22.76 -32.93 -13.79
N GLY A 61 23.12 -31.63 -13.80
CA GLY A 61 23.20 -30.83 -12.58
C GLY A 61 22.00 -30.91 -11.70
N ALA A 62 20.82 -30.71 -12.30
CA ALA A 62 19.59 -30.77 -11.53
C ALA A 62 19.41 -32.14 -10.84
N LEU A 63 19.81 -33.19 -11.54
CA LEU A 63 19.64 -34.56 -11.05
C LEU A 63 20.62 -34.85 -9.92
N ARG A 64 21.62 -33.98 -9.72
CA ARG A 64 22.48 -34.16 -8.58
C ARG A 64 21.72 -33.77 -7.34
N ALA A 65 20.69 -32.93 -7.49
CA ALA A 65 19.95 -32.45 -6.34
C ALA A 65 18.60 -33.12 -6.13
N THR A 66 18.09 -33.80 -7.13
CA THR A 66 16.74 -34.37 -6.96
C THR A 66 16.54 -35.58 -7.78
N ARG A 67 15.62 -36.45 -7.34
CA ARG A 67 15.15 -37.58 -8.13
C ARG A 67 13.78 -37.35 -8.72
N ASP A 68 13.13 -36.28 -8.31
CA ASP A 68 11.75 -36.05 -8.70
C ASP A 68 11.72 -35.36 -10.05
N LEU A 69 10.93 -35.87 -10.98
CA LEU A 69 10.93 -35.32 -12.32
C LEU A 69 10.53 -33.82 -12.36
N TRP A 70 9.47 -33.44 -11.66
CA TRP A 70 8.99 -32.06 -11.76
C TRP A 70 10.05 -31.09 -11.19
N GLU A 71 10.58 -31.43 -10.05
CA GLU A 71 11.67 -30.66 -9.45
C GLU A 71 12.90 -30.58 -10.40
N ALA A 72 13.23 -31.67 -11.08
CA ALA A 72 14.29 -31.65 -12.06
C ALA A 72 14.04 -30.68 -13.17
N VAL A 73 12.77 -30.62 -13.64
CA VAL A 73 12.42 -29.61 -14.59
C VAL A 73 12.69 -28.21 -14.00
N ARG A 74 12.19 -27.94 -12.81
CA ARG A 74 12.36 -26.59 -12.20
C ARG A 74 13.84 -26.19 -12.04
N LEU A 75 14.67 -27.13 -11.65
CA LEU A 75 16.06 -26.81 -11.38
C LEU A 75 16.90 -26.66 -12.61
N SER A 76 16.52 -27.32 -13.70
CA SER A 76 17.27 -27.44 -14.92
C SER A 76 17.40 -26.18 -15.71
N ARG A 77 16.34 -25.37 -15.79
CA ARG A 77 16.27 -24.30 -16.73
C ARG A 77 16.40 -24.73 -18.16
N VAL A 78 15.91 -25.91 -18.49
CA VAL A 78 15.96 -26.41 -19.89
C VAL A 78 14.51 -26.65 -20.36
N PRO A 79 14.22 -26.45 -21.65
CA PRO A 79 12.83 -26.75 -22.07
C PRO A 79 12.44 -28.20 -21.83
N LEU A 80 11.19 -28.43 -21.40
CA LEU A 80 10.69 -29.79 -21.23
C LEU A 80 10.80 -30.59 -22.59
N ARG A 81 10.57 -29.91 -23.70
CA ARG A 81 10.78 -30.55 -25.05
C ARG A 81 12.17 -31.15 -25.24
N PHE A 82 13.17 -30.50 -24.65
CA PHE A 82 14.56 -30.94 -24.71
C PHE A 82 14.85 -31.96 -23.65
N LEU A 83 14.33 -31.78 -22.43
CA LEU A 83 14.59 -32.64 -21.32
C LEU A 83 14.25 -34.08 -21.60
N VAL A 84 13.13 -34.30 -22.24
CA VAL A 84 12.70 -35.67 -22.47
C VAL A 84 13.73 -36.45 -23.31
N PRO A 85 14.13 -35.93 -24.46
CA PRO A 85 15.10 -36.72 -25.22
C PRO A 85 16.50 -36.70 -24.61
N ILE A 86 16.85 -35.64 -23.87
CA ILE A 86 18.12 -35.66 -23.18
C ILE A 86 18.12 -36.79 -22.12
N TRP A 87 17.10 -36.85 -21.30
CA TRP A 87 16.98 -37.87 -20.25
C TRP A 87 17.03 -39.27 -20.88
N GLU A 88 16.40 -39.40 -22.04
CA GLU A 88 16.43 -40.71 -22.82
C GLU A 88 17.83 -41.05 -23.24
N GLY A 89 18.55 -40.04 -23.70
CA GLY A 89 19.94 -40.24 -24.18
C GLY A 89 20.87 -40.59 -23.08
N LEU A 90 20.67 -39.98 -21.92
CA LEU A 90 21.48 -40.25 -20.75
C LEU A 90 21.24 -41.68 -20.24
N ALA A 91 19.98 -42.14 -20.28
CA ALA A 91 19.64 -43.53 -19.89
C ALA A 91 20.21 -44.55 -20.88
N ARG A 92 20.23 -44.21 -22.17
CA ARG A 92 20.79 -45.15 -23.16
C ARG A 92 22.27 -45.34 -22.93
N ARG A 93 22.95 -44.35 -22.39
CA ARG A 93 24.35 -44.47 -21.98
C ARG A 93 24.56 -44.98 -20.57
N GLY A 94 23.55 -45.53 -19.93
CA GLY A 94 23.73 -45.97 -18.56
C GLY A 94 24.07 -44.94 -17.50
N LEU A 95 23.84 -43.64 -17.76
CA LEU A 95 24.10 -42.58 -16.77
C LEU A 95 22.99 -42.28 -15.84
N LEU A 96 21.80 -42.75 -16.20
CA LEU A 96 20.56 -42.40 -15.59
C LEU A 96 19.63 -43.60 -15.58
N ARG A 97 19.05 -43.87 -14.42
CA ARG A 97 18.04 -44.93 -14.28
C ARG A 97 16.69 -44.26 -14.24
N VAL A 98 15.76 -44.78 -15.02
CA VAL A 98 14.42 -44.25 -15.11
C VAL A 98 13.48 -45.29 -14.61
N GLU A 99 13.13 -45.14 -13.35
CA GLU A 99 12.29 -46.09 -12.67
C GLU A 99 11.74 -45.41 -11.36
N GLU A 100 10.46 -45.06 -11.32
CA GLU A 100 9.84 -44.29 -10.19
C GLU A 100 10.47 -42.92 -9.79
N GLY A 101 11.43 -42.45 -10.56
CA GLY A 101 12.24 -41.29 -10.21
C GLY A 101 13.26 -41.24 -11.30
N LEU A 102 14.10 -40.21 -11.29
CA LEU A 102 15.22 -40.15 -12.21
C LEU A 102 16.48 -40.19 -11.31
N ASP A 103 17.24 -41.28 -11.40
CA ASP A 103 18.42 -41.50 -10.52
C ASP A 103 19.69 -41.46 -11.28
N LEU A 104 20.59 -40.55 -10.92
CA LEU A 104 21.94 -40.54 -11.53
C LEU A 104 22.73 -41.79 -11.19
N LEU A 105 23.34 -42.44 -12.15
CA LEU A 105 24.11 -43.64 -11.83
C LEU A 105 25.62 -43.40 -11.81
N ALA A 106 26.06 -42.20 -12.13
CA ALA A 106 27.47 -41.90 -12.15
C ALA A 106 27.76 -40.48 -11.67
N GLU A 107 29.02 -40.24 -11.27
CA GLU A 107 29.46 -38.88 -10.97
C GLU A 107 29.55 -38.14 -12.31
N VAL A 108 29.14 -36.87 -12.33
CA VAL A 108 29.09 -36.13 -13.58
C VAL A 108 29.78 -34.79 -13.55
N PRO A 109 30.22 -34.31 -14.71
CA PRO A 109 30.85 -33.00 -14.81
C PRO A 109 29.77 -31.93 -14.96
N ALA A 110 28.98 -31.72 -13.88
CA ALA A 110 27.85 -30.77 -13.93
C ALA A 110 27.69 -30.10 -12.62
N PRO A 111 27.60 -28.77 -12.62
CA PRO A 111 27.45 -28.08 -11.36
C PRO A 111 26.12 -28.37 -10.68
N ARG A 112 26.12 -28.54 -9.41
CA ARG A 112 24.92 -28.75 -8.63
CA ARG A 112 24.88 -28.75 -8.70
C ARG A 112 24.19 -27.39 -8.47
N PRO A 113 22.86 -27.38 -8.37
CA PRO A 113 22.10 -26.15 -8.15
C PRO A 113 22.53 -25.38 -6.94
N GLY A 114 22.67 -24.08 -7.06
CA GLY A 114 23.04 -23.25 -5.92
C GLY A 114 21.83 -23.00 -5.03
N GLU A 115 22.05 -22.48 -3.86
CA GLU A 115 20.99 -22.27 -2.91
C GLU A 115 20.97 -20.84 -2.39
N ALA A 116 21.21 -19.88 -3.24
CA ALA A 116 21.35 -18.52 -2.74
C ALA A 116 20.08 -17.64 -2.84
N ALA A 117 19.00 -18.14 -3.39
CA ALA A 117 17.69 -17.40 -3.42
C ALA A 117 17.34 -16.82 -2.06
N CYS A 118 16.92 -15.56 -2.01
CA CYS A 118 16.48 -14.98 -0.71
C CYS A 118 15.16 -15.60 -0.30
N PRO A 119 15.13 -16.28 0.85
CA PRO A 119 13.87 -16.98 1.17
C PRO A 119 12.71 -16.03 1.50
N ALA A 120 13.00 -14.79 1.93
CA ALA A 120 11.91 -13.85 2.27
C ALA A 120 11.02 -13.45 1.07
N CYS A 121 11.62 -13.33 -0.12
CA CYS A 121 10.87 -12.88 -1.29
C CYS A 121 10.87 -13.97 -2.39
N GLU A 122 11.19 -15.21 -2.02
CA GLU A 122 11.34 -16.34 -2.95
C GLU A 122 12.22 -16.03 -4.17
N GLY A 123 13.27 -15.27 -3.90
CA GLY A 123 14.20 -14.89 -4.94
C GLY A 123 13.79 -13.81 -5.90
N ARG A 124 12.65 -13.16 -5.64
CA ARG A 124 12.16 -12.09 -6.53
C ARG A 124 12.87 -10.74 -6.37
N GLY A 125 13.17 -10.40 -5.12
CA GLY A 125 13.65 -9.08 -4.78
C GLY A 125 12.55 -8.11 -4.45
N LEU A 126 11.29 -8.49 -4.72
CA LEU A 126 10.14 -7.59 -4.61
C LEU A 126 9.12 -8.32 -3.77
N VAL A 127 8.39 -7.59 -2.92
CA VAL A 127 7.36 -8.18 -2.05
C VAL A 127 6.01 -7.44 -2.32
N GLY A 128 4.97 -8.18 -2.71
CA GLY A 128 3.71 -7.55 -3.09
C GLY A 128 2.90 -7.00 -1.92
N GLU A 129 3.23 -7.49 -0.71
CA GLU A 129 2.61 -7.07 0.55
CA GLU A 129 2.60 -7.04 0.53
C GLU A 129 2.72 -5.55 0.77
N ARG A 130 3.73 -4.94 0.19
CA ARG A 130 3.95 -3.54 0.38
C ARG A 130 3.08 -2.65 -0.54
N LEU A 131 2.32 -3.23 -1.46
CA LEU A 131 1.47 -2.43 -2.36
C LEU A 131 0.45 -1.53 -1.66
N PRO A 132 0.19 -0.38 -2.23
CA PRO A 132 -0.83 0.51 -1.68
C PRO A 132 -2.24 -0.05 -1.74
N GLY A 133 -3.16 0.59 -1.02
CA GLY A 133 -4.60 0.31 -1.08
C GLY A 133 -4.97 -1.04 -0.50
N ARG A 134 -4.08 -1.60 0.28
CA ARG A 134 -4.25 -2.92 0.85
C ARG A 134 -4.50 -3.94 -0.28
N ALA A 135 -3.92 -3.69 -1.47
CA ALA A 135 -4.10 -4.58 -2.60
C ALA A 135 -3.82 -6.00 -2.34
N ALA A 136 -2.88 -6.33 -1.49
CA ALA A 136 -2.48 -7.70 -1.34
C ALA A 136 -3.54 -8.45 -0.63
N GLU A 137 -4.07 -7.90 0.45
CA GLU A 137 -5.12 -8.57 1.23
CA GLU A 137 -5.09 -8.63 1.17
C GLU A 137 -6.46 -8.62 0.42
N ARG A 138 -6.77 -7.54 -0.31
CA ARG A 138 -8.00 -7.53 -1.06
C ARG A 138 -7.89 -8.53 -2.23
N PHE A 139 -6.70 -8.62 -2.80
CA PHE A 139 -6.48 -9.56 -3.95
C PHE A 139 -6.65 -11.01 -3.51
N LEU A 140 -6.11 -11.35 -2.35
CA LEU A 140 -6.16 -12.71 -1.88
C LEU A 140 -7.60 -13.16 -1.63
N ALA A 141 -8.47 -12.25 -1.16
CA ALA A 141 -9.90 -12.54 -1.06
C ALA A 141 -10.56 -12.88 -2.42
N TRP A 142 -10.28 -12.08 -3.47
CA TRP A 142 -10.82 -12.31 -4.78
C TRP A 142 -10.23 -13.58 -5.40
N ALA A 143 -8.99 -13.84 -5.11
CA ALA A 143 -8.28 -15.03 -5.73
C ALA A 143 -8.95 -16.36 -5.32
N LYS A 144 -9.54 -16.39 -4.14
CA LYS A 144 -10.23 -17.53 -3.68
C LYS A 144 -11.43 -17.93 -4.51
N GLU A 145 -11.98 -17.04 -5.31
CA GLU A 145 -13.10 -17.36 -6.19
C GLU A 145 -12.77 -17.29 -7.68
N ARG A 146 -11.51 -17.22 -8.05
CA ARG A 146 -11.11 -17.04 -9.48
C ARG A 146 -11.50 -18.22 -10.36
N PRO A 147 -11.71 -17.99 -11.64
CA PRO A 147 -11.96 -19.10 -12.51
C PRO A 147 -10.77 -20.07 -12.60
N GLU A 148 -11.05 -21.37 -12.50
CA GLU A 148 -10.11 -22.46 -12.76
C GLU A 148 -9.39 -22.34 -14.14
N ALA A 149 -8.13 -22.71 -14.23
CA ALA A 149 -7.41 -22.74 -15.48
C ALA A 149 -7.91 -23.87 -16.38
N ILE A 150 -8.27 -23.54 -17.61
CA ILE A 150 -8.76 -24.54 -18.58
C ILE A 150 -7.89 -24.66 -19.80
N GLN A 151 -7.91 -25.85 -20.35
CA GLN A 151 -7.05 -26.16 -21.47
C GLN A 151 -7.40 -25.41 -22.74
N ASP A 152 -8.70 -25.04 -22.92
CA ASP A 152 -9.21 -24.36 -24.11
C ASP A 152 -8.36 -23.17 -24.46
N PHE A 153 -7.75 -22.51 -23.47
CA PHE A 153 -6.94 -21.30 -23.73
C PHE A 153 -5.52 -21.37 -23.17
N ASP A 154 -4.99 -22.56 -23.01
CA ASP A 154 -3.61 -22.74 -22.53
C ASP A 154 -3.40 -22.06 -21.18
N GLN A 155 -4.44 -22.06 -20.35
CA GLN A 155 -4.39 -21.35 -19.06
C GLN A 155 -3.56 -21.99 -17.98
N GLY A 156 -3.01 -21.14 -17.10
CA GLY A 156 -2.35 -21.62 -15.91
C GLY A 156 -1.84 -20.42 -15.14
N TYR A 157 -2.43 -20.13 -14.01
CA TYR A 157 -2.14 -18.87 -13.40
C TYR A 157 -1.03 -18.99 -12.39
N VAL A 158 -0.36 -17.86 -12.21
CA VAL A 158 0.68 -17.76 -11.25
C VAL A 158 0.08 -17.69 -9.86
N THR A 159 0.89 -17.94 -8.87
CA THR A 159 0.50 -17.79 -7.47
C THR A 159 0.10 -16.36 -7.18
N PRO A 160 -0.77 -16.16 -6.19
CA PRO A 160 -1.15 -14.78 -5.88
C PRO A 160 0.06 -13.92 -5.54
N GLU A 161 1.05 -14.45 -4.82
CA GLU A 161 2.23 -13.69 -4.46
CA GLU A 161 2.26 -13.69 -4.47
C GLU A 161 2.98 -13.22 -5.74
N SER A 162 2.97 -14.11 -6.77
CA SER A 162 3.59 -13.81 -8.04
C SER A 162 2.88 -12.65 -8.78
N THR A 163 1.56 -12.67 -8.78
CA THR A 163 0.80 -11.60 -9.41
C THR A 163 1.07 -10.27 -8.74
N LEU A 164 0.99 -10.30 -7.42
CA LEU A 164 1.23 -9.10 -6.64
C LEU A 164 2.65 -8.59 -6.83
N ALA A 165 3.66 -9.47 -6.90
CA ALA A 165 5.04 -9.02 -7.09
C ALA A 165 5.22 -8.44 -8.46
N ARG A 166 4.51 -9.00 -9.44
CA ARG A 166 4.58 -8.49 -10.84
C ARG A 166 4.10 -7.03 -10.89
N VAL A 167 2.99 -6.78 -10.23
CA VAL A 167 2.43 -5.44 -10.14
C VAL A 167 3.34 -4.52 -9.27
N ALA A 168 3.93 -5.04 -8.22
CA ALA A 168 4.93 -4.29 -7.38
C ALA A 168 6.14 -3.81 -8.23
N LEU A 169 6.62 -4.64 -9.16
CA LEU A 169 7.70 -4.23 -10.03
C LEU A 169 7.28 -2.99 -10.82
N ALA A 170 6.04 -2.99 -11.35
CA ALA A 170 5.48 -1.89 -12.12
C ALA A 170 5.26 -0.66 -11.28
N TRP A 171 4.89 -0.89 -10.03
CA TRP A 171 4.77 0.24 -9.09
C TRP A 171 6.15 0.91 -8.91
N ASN A 172 7.16 0.08 -8.69
CA ASN A 172 8.54 0.57 -8.39
C ASN A 172 9.09 1.34 -9.59
N TRP A 173 8.73 0.93 -10.81
CA TRP A 173 9.22 1.63 -11.99
C TRP A 173 8.31 2.76 -12.44
N GLY A 174 7.30 3.14 -11.62
CA GLY A 174 6.49 4.27 -12.03
C GLY A 174 5.56 4.05 -13.21
N ASP A 175 5.20 2.79 -13.48
CA ASP A 175 4.34 2.45 -14.61
C ASP A 175 2.90 2.18 -14.28
N LEU A 176 2.47 2.49 -13.03
CA LEU A 176 1.06 2.40 -12.68
C LEU A 176 0.38 3.74 -12.43
N GLU A 177 0.99 4.57 -11.61
CA GLU A 177 0.30 5.79 -11.13
C GLU A 177 -0.05 6.80 -12.21
N GLY A 178 -1.37 7.02 -12.37
CA GLY A 178 -1.94 7.95 -13.31
C GLY A 178 -1.85 7.45 -14.76
N LYS A 179 -1.49 6.18 -14.95
CA LYS A 179 -1.26 5.62 -16.29
C LYS A 179 -2.47 4.78 -16.81
N GLU A 180 -2.49 4.57 -18.09
CA GLU A 180 -3.44 3.79 -18.81
C GLU A 180 -2.74 2.41 -19.01
N VAL A 181 -3.31 1.37 -18.44
CA VAL A 181 -2.71 0.02 -18.37
C VAL A 181 -3.53 -0.95 -19.19
N LEU A 182 -2.88 -1.68 -20.09
CA LEU A 182 -3.53 -2.78 -20.84
C LEU A 182 -2.97 -4.11 -20.35
N VAL A 183 -3.82 -5.11 -20.10
CA VAL A 183 -3.40 -6.45 -19.81
C VAL A 183 -3.87 -7.35 -20.93
N LEU A 184 -2.95 -8.09 -21.55
CA LEU A 184 -3.28 -8.96 -22.70
C LEU A 184 -3.26 -10.41 -22.27
N GLY A 185 -4.45 -10.97 -21.97
CA GLY A 185 -4.63 -12.30 -21.28
C GLY A 185 -4.54 -12.05 -19.81
N ASP A 186 -5.47 -12.55 -19.05
CA ASP A 186 -5.44 -12.29 -17.64
C ASP A 186 -5.94 -13.34 -16.67
N ASP A 187 -5.58 -14.60 -16.89
CA ASP A 187 -5.87 -15.62 -15.89
C ASP A 187 -5.18 -15.31 -14.57
N ASP A 188 -4.07 -14.55 -14.63
CA ASP A 188 -3.26 -14.17 -13.48
C ASP A 188 -3.93 -13.08 -12.68
N LEU A 189 -4.94 -12.45 -13.27
CA LEU A 189 -5.70 -11.34 -12.62
C LEU A 189 -4.79 -10.16 -12.28
N THR A 190 -3.75 -10.00 -13.09
CA THR A 190 -2.90 -8.80 -13.01
C THR A 190 -3.66 -7.50 -13.10
N GLY A 191 -4.67 -7.44 -13.98
CA GLY A 191 -5.50 -6.27 -14.11
C GLY A 191 -6.19 -5.91 -12.81
N LEU A 192 -6.68 -6.93 -12.15
CA LEU A 192 -7.27 -6.75 -10.83
C LEU A 192 -6.31 -6.27 -9.78
N ALA A 193 -5.19 -6.92 -9.64
CA ALA A 193 -4.20 -6.46 -8.70
C ALA A 193 -3.79 -5.00 -8.96
N ALA A 194 -3.52 -4.70 -10.21
CA ALA A 194 -3.13 -3.37 -10.58
C ALA A 194 -4.21 -2.33 -10.21
N ALA A 195 -5.48 -2.61 -10.52
CA ALA A 195 -6.57 -1.68 -10.18
C ALA A 195 -6.80 -1.60 -8.67
N LEU A 196 -6.62 -2.69 -7.93
CA LEU A 196 -6.72 -2.62 -6.47
C LEU A 196 -5.69 -1.68 -5.79
N THR A 197 -4.56 -1.42 -6.43
CA THR A 197 -3.61 -0.48 -5.79
C THR A 197 -4.11 0.96 -5.68
N GLY A 198 -5.13 1.31 -6.46
CA GLY A 198 -5.64 2.68 -6.52
C GLY A 198 -4.80 3.58 -7.38
N LEU A 199 -3.82 3.04 -8.09
CA LEU A 199 -2.86 3.88 -8.85
C LEU A 199 -3.19 4.18 -10.27
N PRO A 200 -3.60 3.15 -11.10
CA PRO A 200 -3.78 3.48 -12.48
C PRO A 200 -4.94 4.41 -12.79
N LYS A 201 -4.80 5.25 -13.83
CA LYS A 201 -5.95 6.01 -14.37
C LYS A 201 -7.02 5.03 -14.84
N ARG A 202 -6.61 4.00 -15.59
CA ARG A 202 -7.56 2.95 -15.91
C ARG A 202 -6.88 1.70 -16.37
N VAL A 203 -7.56 0.58 -16.22
CA VAL A 203 -6.97 -0.71 -16.60
C VAL A 203 -7.96 -1.34 -17.55
N VAL A 204 -7.47 -1.79 -18.69
CA VAL A 204 -8.29 -2.44 -19.71
C VAL A 204 -7.70 -3.84 -19.85
N VAL A 205 -8.56 -4.86 -19.84
CA VAL A 205 -8.07 -6.23 -19.93
C VAL A 205 -8.71 -6.85 -21.15
N LEU A 206 -7.93 -7.58 -21.95
CA LEU A 206 -8.44 -8.36 -23.09
C LEU A 206 -8.19 -9.82 -22.83
N ASP A 207 -9.14 -10.69 -23.14
CA ASP A 207 -8.95 -12.12 -22.95
C ASP A 207 -9.92 -12.82 -23.82
N ALA A 208 -9.53 -13.98 -24.34
CA ALA A 208 -10.42 -14.78 -25.14
C ALA A 208 -11.46 -15.47 -24.33
N ASP A 209 -11.29 -15.56 -23.04
CA ASP A 209 -12.17 -16.39 -22.22
C ASP A 209 -13.18 -15.51 -21.52
N PRO A 210 -14.47 -15.66 -21.86
CA PRO A 210 -15.52 -14.89 -21.17
C PRO A 210 -15.54 -15.11 -19.70
N ARG A 211 -15.13 -16.26 -19.19
CA ARG A 211 -15.11 -16.43 -17.71
C ARG A 211 -14.21 -15.38 -17.01
N ILE A 212 -13.05 -15.10 -17.63
CA ILE A 212 -12.06 -14.17 -17.09
C ILE A 212 -12.61 -12.75 -17.20
N VAL A 213 -13.18 -12.45 -18.37
CA VAL A 213 -13.84 -11.15 -18.60
C VAL A 213 -14.92 -10.87 -17.55
N ARG A 214 -15.76 -11.87 -17.31
CA ARG A 214 -16.89 -11.69 -16.38
C ARG A 214 -16.46 -11.58 -14.97
N PHE A 215 -15.44 -12.32 -14.58
CA PHE A 215 -14.92 -12.23 -13.21
C PHE A 215 -14.33 -10.84 -12.93
N LEU A 216 -13.62 -10.30 -13.92
CA LEU A 216 -13.05 -8.98 -13.80
C LEU A 216 -14.13 -7.90 -13.73
N GLU A 217 -15.14 -8.02 -14.57
CA GLU A 217 -16.26 -7.05 -14.51
C GLU A 217 -16.99 -7.13 -13.17
N ARG A 218 -17.15 -8.32 -12.60
CA ARG A 218 -17.73 -8.46 -11.32
C ARG A 218 -16.93 -7.79 -10.24
N ALA A 219 -15.63 -8.02 -10.28
CA ALA A 219 -14.78 -7.42 -9.28
C ALA A 219 -14.76 -5.88 -9.45
N ALA A 220 -14.70 -5.41 -10.71
CA ALA A 220 -14.69 -3.96 -10.97
C ALA A 220 -15.91 -3.24 -10.38
N LYS A 221 -17.07 -3.88 -10.49
CA LYS A 221 -18.31 -3.31 -9.98
C LYS A 221 -18.34 -3.33 -8.47
N ALA A 222 -18.00 -4.47 -7.88
CA ALA A 222 -18.05 -4.60 -6.42
C ALA A 222 -17.05 -3.70 -5.73
N GLU A 223 -15.89 -3.49 -6.35
CA GLU A 223 -14.85 -2.68 -5.74
C GLU A 223 -14.84 -1.21 -6.16
N GLY A 224 -15.63 -0.81 -7.17
CA GLY A 224 -15.62 0.54 -7.70
C GLY A 224 -14.33 0.95 -8.40
N LEU A 225 -13.77 0.04 -9.20
CA LEU A 225 -12.51 0.24 -9.86
C LEU A 225 -12.64 0.70 -11.31
N PRO A 226 -11.65 1.47 -11.80
CA PRO A 226 -11.63 1.90 -13.19
C PRO A 226 -11.01 0.79 -14.03
N LEU A 227 -11.65 -0.34 -14.01
CA LEU A 227 -11.17 -1.58 -14.66
C LEU A 227 -12.25 -2.01 -15.64
N GLU A 228 -11.90 -2.24 -16.90
CA GLU A 228 -12.84 -2.79 -17.89
C GLU A 228 -12.22 -3.99 -18.54
N ALA A 229 -13.03 -4.97 -18.88
CA ALA A 229 -12.52 -6.20 -19.54
C ALA A 229 -13.39 -6.51 -20.76
N HIS A 230 -12.74 -7.03 -21.78
CA HIS A 230 -13.37 -7.31 -23.07
C HIS A 230 -12.95 -8.64 -23.60
N VAL A 231 -13.90 -9.36 -24.20
CA VAL A 231 -13.60 -10.65 -24.84
C VAL A 231 -12.97 -10.29 -26.13
N HIS A 232 -11.75 -10.75 -26.31
CA HIS A 232 -11.05 -10.48 -27.57
C HIS A 232 -10.02 -11.55 -27.83
N ASP A 233 -9.92 -12.04 -29.05
CA ASP A 233 -8.91 -13.03 -29.39
C ASP A 233 -7.79 -12.30 -30.10
N LEU A 234 -6.57 -12.47 -29.58
CA LEU A 234 -5.45 -11.73 -30.06
C LEU A 234 -4.93 -12.16 -31.38
N ARG A 235 -5.47 -13.23 -31.95
CA ARG A 235 -5.16 -13.55 -33.36
C ARG A 235 -5.83 -12.54 -34.34
N GLU A 236 -6.85 -11.85 -33.89
CA GLU A 236 -7.44 -10.83 -34.77
C GLU A 236 -6.76 -9.49 -34.49
N PRO A 237 -6.72 -8.59 -35.47
CA PRO A 237 -6.16 -7.27 -35.22
C PRO A 237 -6.65 -6.62 -34.00
N LEU A 238 -5.80 -5.74 -33.47
CA LEU A 238 -6.14 -4.95 -32.31
C LEU A 238 -7.07 -3.84 -32.82
N PRO A 239 -8.24 -3.68 -32.19
CA PRO A 239 -9.19 -2.58 -32.45
C PRO A 239 -8.51 -1.20 -32.34
N GLU A 240 -8.88 -0.31 -33.24
CA GLU A 240 -8.19 0.97 -33.39
C GLU A 240 -8.20 1.81 -32.14
N ALA A 241 -9.24 1.70 -31.33
CA ALA A 241 -9.28 2.40 -30.06
C ALA A 241 -8.09 2.07 -29.14
N TRP A 242 -7.49 0.88 -29.31
CA TRP A 242 -6.43 0.42 -28.42
C TRP A 242 -5.06 0.59 -29.01
N VAL A 243 -4.96 0.97 -30.27
CA VAL A 243 -3.68 1.17 -30.90
C VAL A 243 -3.07 2.48 -30.41
N HIS A 244 -1.81 2.42 -29.99
CA HIS A 244 -1.11 3.57 -29.47
C HIS A 244 -1.91 4.36 -28.46
N ALA A 245 -2.58 3.68 -27.53
CA ALA A 245 -3.44 4.30 -26.55
C ALA A 245 -3.04 4.05 -25.10
N PHE A 246 -1.97 3.30 -24.83
CA PHE A 246 -1.68 2.91 -23.46
C PHE A 246 -0.26 3.28 -23.08
N HIS A 247 -0.01 3.38 -21.77
CA HIS A 247 1.31 3.67 -21.27
C HIS A 247 2.05 2.42 -20.88
N THR A 248 1.33 1.39 -20.47
CA THR A 248 1.89 0.22 -19.82
C THR A 248 1.07 -0.98 -20.28
N PHE A 249 1.75 -2.08 -20.65
CA PHE A 249 1.09 -3.37 -20.81
C PHE A 249 1.69 -4.46 -19.94
N PHE A 250 0.86 -5.47 -19.62
CA PHE A 250 1.27 -6.71 -19.03
C PHE A 250 0.78 -7.88 -19.89
N THR A 251 1.61 -8.90 -20.04
CA THR A 251 1.19 -10.13 -20.69
C THR A 251 2.01 -11.35 -20.25
N ASP A 252 1.43 -12.55 -20.25
CA ASP A 252 2.16 -13.75 -19.94
C ASP A 252 1.82 -14.72 -21.09
N PRO A 253 2.52 -14.58 -22.21
CA PRO A 253 2.01 -15.07 -23.48
C PRO A 253 2.29 -16.52 -23.81
N VAL A 254 1.56 -17.01 -24.79
CA VAL A 254 1.95 -18.26 -25.46
C VAL A 254 3.27 -17.98 -26.15
N GLU A 255 4.18 -18.93 -26.13
CA GLU A 255 5.58 -18.67 -26.43
C GLU A 255 6.09 -19.23 -27.77
N GLY A 256 5.21 -19.71 -28.65
CA GLY A 256 5.68 -19.87 -30.05
C GLY A 256 5.89 -18.47 -30.65
N PRO A 257 6.68 -18.35 -31.70
CA PRO A 257 6.83 -17.01 -32.31
C PRO A 257 5.55 -16.34 -32.70
N LEU A 258 4.58 -17.09 -33.21
CA LEU A 258 3.28 -16.50 -33.49
C LEU A 258 2.56 -16.02 -32.22
N GLY A 259 2.69 -16.79 -31.12
CA GLY A 259 2.08 -16.42 -29.84
C GLY A 259 2.75 -15.15 -29.33
N LEU A 260 4.05 -15.07 -29.51
CA LEU A 260 4.81 -13.82 -29.12
C LEU A 260 4.36 -12.61 -29.91
N GLN A 261 4.15 -12.79 -31.21
CA GLN A 261 3.59 -11.79 -32.03
C GLN A 261 2.20 -11.37 -31.64
N ALA A 262 1.34 -12.31 -31.36
CA ALA A 262 -0.06 -12.01 -31.09
C ALA A 262 -0.25 -11.36 -29.71
N PHE A 263 0.59 -11.73 -28.74
CA PHE A 263 0.50 -11.13 -27.40
C PHE A 263 1.45 -9.94 -27.25
N VAL A 264 2.76 -10.17 -27.40
CA VAL A 264 3.73 -9.09 -27.17
C VAL A 264 3.72 -8.02 -28.30
N GLY A 265 3.61 -8.43 -29.54
CA GLY A 265 3.54 -7.45 -30.64
C GLY A 265 2.30 -6.57 -30.54
N ARG A 266 1.17 -7.14 -30.11
CA ARG A 266 -0.04 -6.35 -29.92
C ARG A 266 0.24 -5.39 -28.80
N GLY A 267 0.97 -5.87 -27.79
CA GLY A 267 1.24 -4.98 -26.63
C GLY A 267 2.03 -3.78 -27.08
N LEU A 268 3.02 -4.03 -27.89
CA LEU A 268 3.89 -2.95 -28.39
C LEU A 268 3.14 -1.99 -29.25
N LEU A 269 2.19 -2.53 -30.02
CA LEU A 269 1.33 -1.67 -30.84
C LEU A 269 0.39 -0.86 -29.99
N ALA A 270 -0.03 -1.41 -28.86
CA ALA A 270 -0.83 -0.73 -27.94
C ALA A 270 -0.16 0.42 -27.21
N LEU A 271 1.17 0.42 -27.11
CA LEU A 271 1.84 1.50 -26.40
C LEU A 271 1.83 2.80 -27.21
N GLU A 272 1.55 3.92 -26.54
CA GLU A 272 1.61 5.23 -27.24
C GLU A 272 2.93 5.47 -27.94
N GLY A 273 4.03 5.16 -27.28
CA GLY A 273 5.34 5.28 -27.89
C GLY A 273 6.47 5.44 -26.91
N GLU A 274 7.42 6.30 -27.22
CA GLU A 274 8.59 6.48 -26.37
C GLU A 274 8.20 6.66 -24.89
N GLY A 275 8.93 5.97 -24.02
CA GLY A 275 8.74 6.06 -22.59
C GLY A 275 7.69 5.15 -22.01
N CYS A 276 6.99 4.42 -22.84
CA CYS A 276 5.96 3.49 -22.39
C CYS A 276 6.57 2.14 -22.08
N ALA A 277 5.90 1.31 -21.26
CA ALA A 277 6.55 0.12 -20.72
C ALA A 277 5.72 -1.13 -20.94
N GLY A 278 6.38 -2.25 -21.06
CA GLY A 278 5.73 -3.56 -21.11
C GLY A 278 6.33 -4.54 -20.15
N TYR A 279 5.52 -5.46 -19.66
CA TYR A 279 5.92 -6.50 -18.74
C TYR A 279 5.55 -7.83 -19.31
N VAL A 280 6.53 -8.75 -19.46
CA VAL A 280 6.28 -10.01 -20.16
C VAL A 280 6.78 -11.18 -19.32
N GLY A 281 5.96 -12.23 -19.19
CA GLY A 281 6.35 -13.46 -18.61
C GLY A 281 7.02 -14.38 -19.64
N LEU A 282 8.16 -14.96 -19.30
CA LEU A 282 8.91 -15.84 -20.26
C LEU A 282 9.54 -16.99 -19.56
N THR A 283 9.23 -18.21 -20.02
CA THR A 283 9.72 -19.40 -19.37
C THR A 283 10.95 -19.94 -20.02
N HIS A 284 11.61 -20.83 -19.31
CA HIS A 284 12.55 -21.79 -19.95
C HIS A 284 11.82 -23.07 -20.33
N VAL A 285 10.81 -23.45 -19.55
CA VAL A 285 10.09 -24.70 -19.80
C VAL A 285 9.62 -24.82 -21.23
N GLU A 286 9.21 -23.74 -21.90
CA GLU A 286 8.68 -23.78 -23.25
C GLU A 286 9.38 -22.89 -24.26
N ALA A 287 10.59 -22.43 -23.87
CA ALA A 287 11.33 -21.48 -24.74
C ALA A 287 12.85 -21.68 -24.53
N SER A 288 13.56 -22.07 -25.59
CA SER A 288 14.99 -22.33 -25.54
C SER A 288 15.73 -20.95 -25.46
N LEU A 289 17.01 -20.99 -25.08
CA LEU A 289 17.79 -19.76 -25.11
C LEU A 289 17.96 -19.22 -26.47
N ALA A 290 18.02 -20.09 -27.47
CA ALA A 290 17.90 -19.60 -28.81
C ALA A 290 16.65 -18.75 -29.11
N LYS A 291 15.51 -19.20 -28.62
CA LYS A 291 14.31 -18.40 -28.79
C LYS A 291 14.32 -17.14 -27.90
N TRP A 292 14.93 -17.22 -26.75
CA TRP A 292 15.13 -16.02 -25.87
C TRP A 292 15.87 -14.91 -26.66
N ALA A 293 16.90 -15.36 -27.39
CA ALA A 293 17.69 -14.40 -28.16
C ALA A 293 16.86 -13.81 -29.31
N ASP A 294 16.14 -14.68 -30.08
CA ASP A 294 15.25 -14.22 -31.09
C ASP A 294 14.20 -13.23 -30.58
N PHE A 295 13.60 -13.50 -29.43
CA PHE A 295 12.68 -12.56 -28.86
C PHE A 295 13.34 -11.19 -28.48
N GLN A 296 14.54 -11.25 -27.91
CA GLN A 296 15.29 -10.07 -27.58
C GLN A 296 15.62 -9.27 -28.83
N ARG A 297 15.97 -9.95 -29.89
CA ARG A 297 16.16 -9.22 -31.18
C ARG A 297 14.85 -8.53 -31.72
N PHE A 298 13.76 -9.24 -31.54
CA PHE A 298 12.44 -8.75 -31.91
C PHE A 298 12.14 -7.48 -31.08
N LEU A 299 12.42 -7.52 -29.78
CA LEU A 299 12.22 -6.28 -29.01
C LEU A 299 13.12 -5.14 -29.48
N LEU A 300 14.39 -5.40 -29.65
CA LEU A 300 15.34 -4.32 -30.00
C LEU A 300 15.02 -3.70 -31.39
N GLU A 301 14.61 -4.57 -32.30
CA GLU A 301 14.32 -4.08 -33.63
C GLU A 301 13.00 -3.28 -33.70
N ASN A 302 12.11 -3.44 -32.72
CA ASN A 302 10.93 -2.66 -32.66
C ASN A 302 11.06 -1.51 -31.69
N GLY A 303 12.29 -1.17 -31.28
CA GLY A 303 12.50 0.10 -30.58
C GLY A 303 12.43 0.02 -29.07
N ALA A 304 12.38 -1.19 -28.54
CA ALA A 304 12.32 -1.40 -27.10
C ALA A 304 13.72 -1.67 -26.57
N VAL A 305 13.87 -1.62 -25.26
CA VAL A 305 15.05 -1.97 -24.56
C VAL A 305 14.64 -2.72 -23.26
N ILE A 306 15.40 -3.71 -22.83
CA ILE A 306 15.10 -4.47 -21.62
C ILE A 306 15.73 -3.75 -20.46
N THR A 307 14.94 -3.50 -19.40
CA THR A 307 15.45 -2.84 -18.22
C THR A 307 15.33 -3.70 -17.00
N GLU A 308 14.64 -4.81 -17.06
CA GLU A 308 14.65 -5.82 -16.00
C GLU A 308 14.43 -7.17 -16.62
N LEU A 309 15.08 -8.19 -16.10
CA LEU A 309 14.85 -9.60 -16.52
C LEU A 309 15.12 -10.40 -15.28
N ARG A 310 14.09 -10.72 -14.51
CA ARG A 310 14.24 -11.45 -13.29
C ARG A 310 13.82 -12.88 -13.46
N ASP A 311 14.79 -13.77 -13.63
CA ASP A 311 14.48 -15.14 -13.97
C ASP A 311 13.91 -15.90 -12.78
N GLY A 312 12.92 -16.74 -13.03
CA GLY A 312 12.29 -17.49 -11.95
C GLY A 312 11.42 -16.67 -11.01
N PHE A 313 10.98 -15.54 -11.50
CA PHE A 313 10.18 -14.60 -10.73
C PHE A 313 8.75 -15.14 -10.43
N HIS A 314 8.10 -15.77 -11.42
CA HIS A 314 6.74 -16.23 -11.26
C HIS A 314 6.79 -17.70 -10.94
N VAL A 315 5.97 -18.11 -9.97
CA VAL A 315 5.73 -19.55 -9.71
C VAL A 315 4.25 -19.83 -10.09
N TYR A 316 3.96 -20.90 -10.80
CA TYR A 316 2.64 -21.19 -11.34
C TYR A 316 1.96 -22.26 -10.47
N GLU A 317 0.68 -22.08 -10.26
CA GLU A 317 -0.14 -23.11 -9.61
C GLU A 317 -0.39 -24.25 -10.56
N ASN A 318 -0.46 -25.47 -10.05
CA ASN A 318 -0.65 -26.65 -10.91
C ASN A 318 -2.04 -26.58 -11.47
N TRP A 319 -2.19 -26.86 -12.75
CA TRP A 319 -3.45 -26.79 -13.46
C TRP A 319 -4.02 -28.21 -13.52
N GLY A 320 -5.34 -28.28 -13.62
CA GLY A 320 -6.09 -29.55 -13.49
C GLY A 320 -5.87 -30.50 -14.68
N TYR A 321 -5.52 -29.92 -15.84
CA TYR A 321 -5.44 -30.68 -17.09
C TYR A 321 -4.04 -31.24 -17.45
N ILE A 322 -3.13 -31.30 -16.49
CA ILE A 322 -1.73 -31.72 -16.73
C ILE A 322 -1.68 -33.08 -17.48
N GLU A 323 -2.53 -34.04 -17.14
CA GLU A 323 -2.50 -35.32 -17.89
C GLU A 323 -2.96 -35.31 -19.28
N GLN A 324 -3.57 -34.21 -19.77
CA GLN A 324 -4.00 -34.07 -21.11
C GLN A 324 -3.08 -33.15 -21.88
N MET A 325 -1.97 -32.73 -21.30
CA MET A 325 -1.10 -31.81 -22.06
C MET A 325 -0.24 -32.61 -23.02
N ARG A 326 0.30 -31.87 -23.98
CA ARG A 326 1.05 -32.45 -25.08
C ARG A 326 2.15 -33.44 -24.63
N ALA A 327 3.05 -33.06 -23.72
CA ALA A 327 4.16 -33.90 -23.32
C ALA A 327 3.85 -35.04 -22.37
N TRP A 328 2.67 -35.08 -21.77
CA TRP A 328 2.36 -36.14 -20.80
C TRP A 328 2.72 -37.55 -21.25
N PRO A 329 2.29 -37.95 -22.48
CA PRO A 329 2.60 -39.33 -22.93
C PRO A 329 4.10 -39.60 -23.05
N TRP A 330 4.91 -38.54 -23.21
CA TRP A 330 6.38 -38.72 -23.34
C TRP A 330 7.15 -38.80 -22.08
N LEU A 331 6.56 -38.49 -20.93
CA LEU A 331 7.29 -38.39 -19.74
C LEU A 331 7.77 -39.76 -19.26
N PRO A 332 9.01 -39.84 -18.75
CA PRO A 332 9.51 -41.14 -18.33
C PRO A 332 8.95 -41.66 -17.04
N VAL A 333 8.48 -40.75 -16.21
CA VAL A 333 7.81 -40.99 -14.98
C VAL A 333 6.51 -40.16 -15.06
N LYS A 334 5.37 -40.76 -14.79
CA LYS A 334 4.08 -40.04 -14.92
C LYS A 334 3.38 -40.09 -13.60
N ARG A 335 3.50 -39.00 -12.87
CA ARG A 335 2.86 -38.85 -11.60
C ARG A 335 2.35 -37.40 -11.51
N ARG A 336 1.13 -37.19 -11.03
CA ARG A 336 0.58 -35.80 -10.98
C ARG A 336 1.49 -34.98 -10.01
N PRO A 337 1.85 -33.73 -10.34
CA PRO A 337 2.73 -32.98 -9.40
C PRO A 337 1.97 -32.56 -8.18
N GLU A 338 2.65 -32.48 -7.05
CA GLU A 338 2.03 -32.13 -5.78
C GLU A 338 2.50 -30.81 -5.25
N LYS A 339 3.49 -30.22 -5.89
CA LYS A 339 3.97 -28.89 -5.55
C LYS A 339 4.33 -28.14 -6.81
N PRO A 340 4.50 -26.82 -6.69
CA PRO A 340 4.83 -26.11 -7.91
C PRO A 340 6.18 -26.46 -8.56
N TRP A 341 6.20 -26.41 -9.89
CA TRP A 341 7.37 -26.76 -10.66
C TRP A 341 7.59 -25.84 -11.86
N TYR A 342 6.52 -25.21 -12.33
CA TYR A 342 6.57 -24.43 -13.55
C TYR A 342 6.71 -22.98 -13.12
N THR A 343 7.70 -22.29 -13.73
CA THR A 343 8.11 -20.95 -13.36
C THR A 343 8.42 -20.17 -14.64
N SER A 344 8.48 -18.86 -14.49
CA SER A 344 8.86 -17.97 -15.57
C SER A 344 9.53 -16.71 -15.11
N ALA A 345 10.30 -16.10 -16.01
CA ALA A 345 10.92 -14.83 -15.76
C ALA A 345 9.93 -13.69 -15.91
N LEU A 346 10.22 -12.53 -15.30
CA LEU A 346 9.56 -11.30 -15.60
C LEU A 346 10.52 -10.35 -16.30
N ILE A 347 10.10 -9.90 -17.45
CA ILE A 347 10.85 -8.93 -18.24
C ILE A 347 10.11 -7.58 -18.18
N ARG A 348 10.86 -6.52 -18.00
CA ARG A 348 10.40 -5.14 -18.22
C ARG A 348 11.11 -4.57 -19.40
N LEU A 349 10.32 -4.08 -20.32
CA LEU A 349 10.82 -3.38 -21.50
C LEU A 349 10.29 -1.96 -21.52
N GLU A 350 11.03 -1.08 -22.18
CA GLU A 350 10.63 0.30 -22.36
C GLU A 350 10.89 0.67 -23.80
N LEU A 351 9.94 1.39 -24.39
CA LEU A 351 10.11 1.90 -25.75
C LEU A 351 10.98 3.13 -25.80
N LEU A 352 11.89 3.14 -26.74
CA LEU A 352 12.70 4.32 -27.05
C LEU A 352 12.11 5.14 -28.17
N ARG A 353 11.16 4.54 -28.91
CA ARG A 353 10.42 5.18 -30.01
C ARG A 353 9.13 4.38 -30.22
N ARG A 354 8.21 4.94 -30.96
CA ARG A 354 7.01 4.21 -31.28
C ARG A 354 7.27 2.94 -32.05
N ALA A 355 6.65 1.85 -31.62
CA ALA A 355 6.77 0.56 -32.35
C ALA A 355 5.73 0.54 -33.48
N ASP A 356 6.21 0.47 -34.71
CA ASP A 356 5.30 0.49 -35.84
C ASP A 356 5.23 -0.91 -36.44
N LEU A 357 4.47 -1.76 -35.75
CA LEU A 357 4.25 -3.12 -36.16
C LEU A 357 3.01 -3.23 -37.00
N GLU A 358 3.02 -4.22 -37.89
CA GLU A 358 1.85 -4.52 -38.73
C GLU A 358 0.76 -4.99 -37.81
N ASN A 359 -0.45 -4.48 -37.96
CA ASN A 359 -1.58 -4.92 -37.14
C ASN A 359 -2.47 -5.93 -37.91
N ALA A 360 -1.85 -7.02 -38.35
CA ALA A 360 -2.44 -8.02 -39.18
C ALA A 360 -2.98 -9.14 -38.32
N ARG A 361 -3.80 -9.94 -38.96
CA ARG A 361 -4.25 -11.18 -38.40
C ARG A 361 -3.08 -12.12 -38.23
N VAL A 362 -3.05 -12.87 -37.15
CA VAL A 362 -2.04 -13.90 -37.02
C VAL A 362 -2.69 -15.21 -37.42
N GLU A 363 -2.15 -15.84 -38.45
CA GLU A 363 -2.64 -17.13 -38.94
C GLU A 363 -1.66 -18.20 -38.55
N GLY A 364 -2.16 -19.35 -38.18
CA GLY A 364 -1.24 -20.40 -37.84
C GLY A 364 -1.17 -20.57 -36.35
N ASP A 365 -0.36 -21.53 -35.95
CA ASP A 365 -0.41 -22.06 -34.62
C ASP A 365 0.36 -21.14 -33.68
N LEU A 366 -0.25 -20.71 -32.57
CA LEU A 366 0.49 -19.89 -31.60
C LEU A 366 1.52 -20.71 -30.85
N GLN A 367 1.25 -21.99 -30.67
CA GLN A 367 2.23 -22.94 -30.12
CA GLN A 367 2.23 -22.94 -30.15
C GLN A 367 3.22 -23.41 -31.21
N ASP A 368 4.45 -23.64 -30.80
CA ASP A 368 5.45 -24.15 -31.72
C ASP A 368 5.92 -25.52 -31.24
N GLU A 369 6.96 -26.06 -31.86
CA GLU A 369 7.52 -27.37 -31.47
C GLU A 369 8.05 -27.44 -30.04
N GLU A 370 8.56 -26.31 -29.53
CA GLU A 370 9.02 -26.25 -28.17
C GLU A 370 7.90 -26.28 -27.14
N ALA A 371 6.68 -26.02 -27.55
CA ALA A 371 5.55 -25.94 -26.60
C ALA A 371 5.12 -27.33 -26.21
N THR A 372 4.93 -27.57 -24.92
CA THR A 372 4.61 -28.90 -24.42
C THR A 372 3.51 -28.98 -23.39
N THR A 373 3.02 -27.88 -22.79
CA THR A 373 2.05 -27.99 -21.66
C THR A 373 0.62 -27.60 -22.04
N TYR A 374 0.39 -27.34 -23.29
CA TYR A 374 -0.95 -27.01 -23.82
C TYR A 374 -1.73 -28.31 -24.14
N VAL B 31 1.08 22.12 -14.55
CA VAL B 31 2.10 21.38 -15.36
C VAL B 31 1.48 20.18 -16.04
N ASN B 32 1.68 20.10 -17.36
CA ASN B 32 1.13 19.07 -18.24
C ASN B 32 2.24 18.23 -18.80
N LYS B 33 1.89 17.13 -19.43
CA LYS B 33 2.88 16.31 -20.14
C LYS B 33 3.67 17.10 -21.19
N GLU B 34 3.01 18.03 -21.86
CA GLU B 34 3.71 18.81 -22.88
C GLU B 34 4.92 19.54 -22.32
N ALA B 35 4.82 20.01 -21.09
CA ALA B 35 5.92 20.63 -20.38
C ALA B 35 7.13 19.69 -20.25
N LEU B 36 6.87 18.41 -20.01
CA LEU B 36 7.96 17.43 -19.82
C LEU B 36 8.67 17.23 -21.12
N VAL B 37 7.90 17.11 -22.19
CA VAL B 37 8.45 17.02 -23.52
C VAL B 37 9.31 18.26 -23.84
N GLN B 38 8.81 19.45 -23.51
CA GLN B 38 9.57 20.73 -23.76
C GLN B 38 10.91 20.77 -23.04
N VAL B 39 10.92 20.35 -21.78
CA VAL B 39 12.14 20.36 -20.99
C VAL B 39 13.14 19.42 -21.63
N ALA B 40 12.66 18.22 -21.97
CA ALA B 40 13.52 17.26 -22.62
C ALA B 40 14.11 17.76 -23.93
N GLU B 41 13.31 18.41 -24.76
CA GLU B 41 13.76 18.90 -26.07
C GLU B 41 14.82 19.98 -25.90
N GLU B 42 14.61 20.88 -24.94
CA GLU B 42 15.63 21.88 -24.60
C GLU B 42 16.96 21.26 -24.27
N VAL B 43 16.98 20.23 -23.43
CA VAL B 43 18.22 19.62 -23.05
C VAL B 43 18.83 18.88 -24.24
N ARG B 44 17.98 18.16 -24.97
N ARG B 44 17.99 18.15 -24.97
CA ARG B 44 18.41 17.42 -26.14
CA ARG B 44 18.39 17.44 -26.19
C ARG B 44 19.09 18.32 -27.17
C ARG B 44 19.10 18.35 -27.16
N ARG B 45 18.50 19.50 -27.38
CA ARG B 45 19.02 20.47 -28.33
C ARG B 45 20.32 21.10 -27.85
N ALA B 46 20.36 21.46 -26.59
CA ALA B 46 21.51 22.08 -25.98
C ALA B 46 22.72 21.15 -25.91
N THR B 47 22.47 19.85 -25.73
CA THR B 47 23.57 18.94 -25.49
C THR B 47 23.86 17.90 -26.55
N GLY B 48 22.93 17.65 -27.46
CA GLY B 48 23.08 16.54 -28.38
C GLY B 48 22.89 15.12 -27.82
N LEU B 49 22.53 15.00 -26.55
CA LEU B 49 22.33 13.71 -25.93
C LEU B 49 20.88 13.27 -26.04
N PRO B 50 20.62 11.94 -25.96
CA PRO B 50 19.29 11.38 -26.11
C PRO B 50 18.41 11.51 -24.86
N VAL B 51 18.03 12.73 -24.53
CA VAL B 51 17.16 13.00 -23.37
C VAL B 51 15.70 13.08 -23.83
N GLY B 52 14.85 12.28 -23.21
CA GLY B 52 13.44 12.18 -23.54
C GLY B 52 12.56 12.57 -22.39
N TRP B 53 11.28 12.71 -22.70
CA TRP B 53 10.28 13.17 -21.75
C TRP B 53 10.24 12.26 -20.57
N ARG B 54 10.53 10.96 -20.77
CA ARG B 54 10.36 10.04 -19.62
C ARG B 54 11.47 10.27 -18.57
N ASP B 55 12.67 10.64 -19.05
CA ASP B 55 13.74 10.99 -18.09
C ASP B 55 13.33 12.22 -17.24
N VAL B 56 12.64 13.19 -17.83
CA VAL B 56 12.07 14.32 -17.05
C VAL B 56 11.03 13.84 -16.06
N GLU B 57 10.17 12.93 -16.47
CA GLU B 57 9.14 12.43 -15.61
C GLU B 57 9.77 11.71 -14.44
N ARG B 58 10.73 10.88 -14.73
CA ARG B 58 11.49 10.18 -13.71
CA ARG B 58 11.49 10.19 -13.70
C ARG B 58 12.20 11.13 -12.73
N THR B 59 12.75 12.21 -13.29
CA THR B 59 13.42 13.23 -12.45
C THR B 59 12.39 13.84 -11.46
N LEU B 60 11.25 14.29 -11.99
CA LEU B 60 10.18 14.86 -11.18
C LEU B 60 9.65 13.84 -10.16
N GLY B 61 9.43 12.60 -10.59
CA GLY B 61 8.92 11.59 -9.65
C GLY B 61 9.80 11.38 -8.43
N ALA B 62 11.11 11.29 -8.66
CA ALA B 62 12.10 11.19 -7.58
C ALA B 62 11.98 12.34 -6.59
N LEU B 63 11.82 13.53 -7.12
CA LEU B 63 11.65 14.77 -6.27
C LEU B 63 10.37 14.80 -5.47
N ARG B 64 9.33 14.10 -5.92
CA ARG B 64 8.17 13.92 -5.05
C ARG B 64 8.49 13.15 -3.79
N ALA B 65 9.50 12.27 -3.85
CA ALA B 65 9.86 11.41 -2.77
C ALA B 65 10.95 11.90 -1.86
N THR B 66 11.79 12.85 -2.28
CA THR B 66 12.89 13.24 -1.49
C THR B 66 13.31 14.68 -1.84
N ARG B 67 13.94 15.33 -0.88
CA ARG B 67 14.58 16.62 -1.17
C ARG B 67 16.10 16.58 -1.16
N ASP B 68 16.64 15.37 -1.06
CA ASP B 68 18.05 15.16 -1.00
C ASP B 68 18.59 14.84 -2.41
N LEU B 69 19.66 15.54 -2.84
CA LEU B 69 20.14 15.35 -4.18
C LEU B 69 20.58 13.89 -4.48
N TRP B 70 21.34 13.32 -3.55
CA TRP B 70 21.90 12.00 -3.81
C TRP B 70 20.75 10.96 -3.89
N GLU B 71 19.84 11.02 -2.92
CA GLU B 71 18.65 10.17 -3.01
C GLU B 71 17.79 10.42 -4.29
N ALA B 72 17.73 11.65 -4.75
CA ALA B 72 17.03 11.95 -5.97
C ALA B 72 17.73 11.24 -7.15
N VAL B 73 19.04 11.24 -7.14
CA VAL B 73 19.77 10.51 -8.23
C VAL B 73 19.42 9.00 -8.18
N ARG B 74 19.48 8.45 -6.97
CA ARG B 74 19.20 7.02 -6.77
C ARG B 74 17.84 6.64 -7.24
N LEU B 75 16.83 7.41 -6.83
CA LEU B 75 15.45 7.12 -7.18
C LEU B 75 15.05 7.45 -8.61
N SER B 76 15.84 8.23 -9.33
CA SER B 76 15.49 8.69 -10.65
CA SER B 76 15.37 8.63 -10.62
C SER B 76 15.69 7.63 -11.78
N ARG B 77 16.71 6.82 -11.59
CA ARG B 77 17.13 5.96 -12.74
C ARG B 77 17.44 6.77 -14.02
N VAL B 78 17.99 7.93 -13.86
CA VAL B 78 18.33 8.82 -14.98
C VAL B 78 19.87 9.12 -14.87
N PRO B 79 20.59 9.27 -16.01
CA PRO B 79 22.00 9.62 -15.88
C PRO B 79 22.23 10.98 -15.21
N LEU B 80 23.24 11.07 -14.37
CA LEU B 80 23.58 12.33 -13.71
C LEU B 80 23.84 13.42 -14.77
N ARG B 81 24.42 13.00 -15.91
CA ARG B 81 24.69 13.96 -17.00
C ARG B 81 23.42 14.68 -17.49
N PHE B 82 22.29 13.96 -17.43
CA PHE B 82 21.01 14.44 -17.82
C PHE B 82 20.34 15.12 -16.66
N LEU B 83 20.42 14.55 -15.47
CA LEU B 83 19.80 15.15 -14.26
C LEU B 83 20.19 16.63 -14.01
N VAL B 84 21.44 16.96 -14.20
CA VAL B 84 21.92 18.34 -13.95
C VAL B 84 21.16 19.34 -14.82
N PRO B 85 21.20 19.20 -16.15
CA PRO B 85 20.47 20.14 -16.98
C PRO B 85 18.93 20.01 -16.91
N ILE B 86 18.36 18.84 -16.56
CA ILE B 86 16.92 18.73 -16.31
C ILE B 86 16.58 19.54 -15.07
N TRP B 87 17.32 19.33 -14.01
CA TRP B 87 17.05 20.09 -12.73
C TRP B 87 17.16 21.61 -13.03
N GLU B 88 18.14 22.02 -13.80
CA GLU B 88 18.32 23.44 -14.07
C GLU B 88 17.20 23.97 -14.90
N GLY B 89 16.70 23.17 -15.86
CA GLY B 89 15.60 23.60 -16.68
C GLY B 89 14.30 23.70 -15.88
N LEU B 90 14.10 22.76 -14.94
CA LEU B 90 12.94 22.80 -14.07
C LEU B 90 12.98 24.04 -13.18
N ALA B 91 14.15 24.39 -12.68
CA ALA B 91 14.30 25.56 -11.81
C ALA B 91 14.02 26.84 -12.60
N ARG B 92 14.48 26.92 -13.86
CA ARG B 92 14.23 28.11 -14.71
C ARG B 92 12.76 28.28 -14.96
N ARG B 93 12.00 27.19 -14.95
CA ARG B 93 10.56 27.26 -15.12
C ARG B 93 9.76 27.50 -13.83
N GLY B 94 10.41 27.79 -12.73
CA GLY B 94 9.68 27.98 -11.47
C GLY B 94 9.08 26.70 -10.92
N LEU B 95 9.53 25.52 -11.39
CA LEU B 95 9.03 24.23 -10.81
C LEU B 95 9.84 23.62 -9.71
N LEU B 96 11.09 24.05 -9.53
CA LEU B 96 11.98 23.49 -8.52
C LEU B 96 12.75 24.56 -7.79
N ARG B 97 12.73 24.50 -6.47
CA ARG B 97 13.48 25.38 -5.63
C ARG B 97 14.72 24.64 -5.26
N VAL B 98 15.89 25.27 -5.44
CA VAL B 98 17.16 24.71 -5.03
C VAL B 98 17.78 25.56 -3.95
N GLU B 99 17.96 25.00 -2.78
CA GLU B 99 18.54 25.78 -1.66
C GLU B 99 19.44 24.84 -0.94
N GLU B 100 19.14 24.53 0.29
CA GLU B 100 19.83 23.48 1.00
C GLU B 100 19.33 22.10 0.55
N GLY B 101 18.15 22.02 -0.03
CA GLY B 101 17.67 20.79 -0.66
C GLY B 101 17.01 21.08 -1.96
N LEU B 102 16.33 20.10 -2.49
CA LEU B 102 15.63 20.24 -3.74
C LEU B 102 14.11 20.16 -3.56
N ASP B 103 13.35 21.24 -3.72
CA ASP B 103 11.90 21.15 -3.39
C ASP B 103 11.06 21.51 -4.58
N LEU B 104 10.06 20.67 -4.88
CA LEU B 104 9.16 20.95 -5.98
C LEU B 104 8.23 22.12 -5.62
N LEU B 105 7.96 22.98 -6.58
CA LEU B 105 7.14 24.18 -6.34
C LEU B 105 5.77 24.11 -6.92
N ALA B 106 5.50 23.03 -7.63
CA ALA B 106 4.22 22.78 -8.16
C ALA B 106 3.85 21.32 -8.09
N GLU B 107 2.56 21.05 -8.27
CA GLU B 107 2.08 19.67 -8.38
C GLU B 107 2.50 19.16 -9.76
N VAL B 108 3.03 17.92 -9.87
CA VAL B 108 3.52 17.44 -11.18
C VAL B 108 2.93 16.10 -11.63
N PRO B 109 2.82 15.88 -12.95
CA PRO B 109 2.26 14.60 -13.45
C PRO B 109 3.37 13.58 -13.55
N ALA B 110 3.84 13.12 -12.38
CA ALA B 110 4.93 12.18 -12.36
C ALA B 110 4.70 11.15 -11.28
N PRO B 111 4.88 9.86 -11.59
CA PRO B 111 4.66 8.90 -10.54
C PRO B 111 5.73 8.91 -9.43
N ARG B 112 5.34 8.78 -8.16
CA ARG B 112 6.32 8.45 -7.12
C ARG B 112 6.86 7.06 -7.34
N PRO B 113 8.18 6.91 -7.22
CA PRO B 113 8.75 5.59 -7.25
C PRO B 113 8.17 4.73 -6.09
N GLY B 114 7.83 3.52 -6.42
CA GLY B 114 7.25 2.62 -5.42
C GLY B 114 8.26 2.10 -4.41
N GLU B 115 7.76 1.37 -3.39
CA GLU B 115 8.53 1.01 -2.22
C GLU B 115 8.40 -0.47 -1.94
N ALA B 116 8.45 -1.27 -3.00
CA ALA B 116 8.26 -2.70 -2.80
C ALA B 116 9.49 -3.55 -2.78
N ALA B 117 10.70 -2.98 -2.89
CA ALA B 117 11.95 -3.81 -2.67
C ALA B 117 11.96 -4.61 -1.37
N CYS B 118 12.36 -5.90 -1.44
CA CYS B 118 12.46 -6.76 -0.26
C CYS B 118 13.61 -6.22 0.61
N PRO B 119 13.34 -5.98 1.91
CA PRO B 119 14.38 -5.38 2.76
C PRO B 119 15.48 -6.38 3.14
N ALA B 120 15.14 -7.67 3.19
CA ALA B 120 16.05 -8.74 3.55
C ALA B 120 17.25 -8.88 2.57
N CYS B 121 17.02 -8.69 1.26
CA CYS B 121 18.07 -8.84 0.26
C CYS B 121 18.35 -7.55 -0.43
N GLU B 122 17.84 -6.44 0.13
CA GLU B 122 18.06 -5.16 -0.46
C GLU B 122 17.59 -5.19 -1.94
N GLY B 123 16.49 -5.88 -2.19
CA GLY B 123 15.88 -5.94 -3.52
C GLY B 123 16.56 -6.85 -4.53
N ARG B 124 17.63 -7.53 -4.12
CA ARG B 124 18.41 -8.35 -5.10
C ARG B 124 17.77 -9.71 -5.39
N GLY B 125 17.04 -10.27 -4.41
CA GLY B 125 16.54 -11.66 -4.51
C GLY B 125 17.58 -12.77 -4.22
N LEU B 126 18.82 -12.36 -4.01
CA LEU B 126 19.96 -13.27 -3.71
C LEU B 126 20.72 -12.76 -2.49
N VAL B 127 21.21 -13.72 -1.73
CA VAL B 127 21.95 -13.43 -0.48
C VAL B 127 23.27 -14.23 -0.52
N GLY B 128 24.37 -13.59 -0.12
CA GLY B 128 25.69 -14.23 -0.17
C GLY B 128 26.03 -15.19 0.96
N GLU B 129 25.23 -15.15 2.02
CA GLU B 129 25.48 -15.93 3.24
C GLU B 129 25.66 -17.46 3.11
N ARG B 130 24.91 -18.16 2.24
CA ARG B 130 25.00 -19.63 2.13
C ARG B 130 26.07 -20.06 1.18
N LEU B 131 26.79 -19.14 0.56
CA LEU B 131 27.93 -19.53 -0.26
C LEU B 131 28.81 -20.63 0.40
N PRO B 132 29.26 -21.61 -0.37
CA PRO B 132 30.13 -22.67 0.22
C PRO B 132 31.44 -22.08 0.74
N GLY B 133 32.23 -22.91 1.43
CA GLY B 133 33.57 -22.52 1.84
C GLY B 133 33.64 -21.48 2.93
N ARG B 134 32.54 -21.15 3.60
CA ARG B 134 32.53 -20.07 4.56
C ARG B 134 32.97 -18.75 3.88
N ALA B 135 32.62 -18.67 2.61
CA ALA B 135 33.13 -17.59 1.76
C ALA B 135 32.70 -16.23 2.24
N ALA B 136 31.46 -16.12 2.71
CA ALA B 136 31.02 -14.84 3.12
C ALA B 136 31.89 -14.31 4.28
N GLU B 137 32.07 -15.14 5.30
CA GLU B 137 32.75 -14.68 6.51
CA GLU B 137 32.73 -14.72 6.51
C GLU B 137 34.21 -14.41 6.19
N ARG B 138 34.82 -15.28 5.40
CA ARG B 138 36.22 -15.14 5.03
C ARG B 138 36.45 -13.92 4.16
N PHE B 139 35.53 -13.72 3.21
CA PHE B 139 35.58 -12.53 2.37
C PHE B 139 35.52 -11.25 3.18
N LEU B 140 34.68 -11.19 4.21
CA LEU B 140 34.46 -9.95 4.95
C LEU B 140 35.74 -9.55 5.68
N ALA B 141 36.48 -10.56 6.18
CA ALA B 141 37.79 -10.33 6.81
C ALA B 141 38.79 -9.70 5.85
N TRP B 142 38.86 -10.18 4.61
CA TRP B 142 39.77 -9.70 3.66
C TRP B 142 39.36 -8.29 3.24
N ALA B 143 38.05 -8.06 3.10
CA ALA B 143 37.55 -6.76 2.62
C ALA B 143 37.94 -5.61 3.56
N LYS B 144 38.00 -5.87 4.85
CA LYS B 144 38.52 -4.92 5.83
C LYS B 144 39.91 -4.39 5.51
N GLU B 145 40.71 -5.10 4.71
CA GLU B 145 42.01 -4.64 4.33
C GLU B 145 42.18 -4.31 2.87
N ARG B 146 41.07 -4.13 2.15
CA ARG B 146 41.17 -3.87 0.71
C ARG B 146 41.78 -2.54 0.28
N PRO B 147 42.32 -2.48 -0.93
CA PRO B 147 42.83 -1.19 -1.50
C PRO B 147 41.74 -0.18 -1.68
N GLU B 148 41.93 1.04 -1.21
CA GLU B 148 40.88 2.03 -1.29
C GLU B 148 40.72 2.45 -2.74
N ALA B 149 39.52 2.92 -3.12
CA ALA B 149 39.29 3.29 -4.50
C ALA B 149 40.01 4.61 -4.90
N ILE B 150 40.73 4.58 -5.99
CA ILE B 150 41.41 5.77 -6.53
C ILE B 150 40.95 6.23 -7.88
N GLN B 151 41.05 7.54 -8.08
CA GLN B 151 40.57 8.20 -9.26
C GLN B 151 41.35 7.81 -10.48
N ASP B 152 42.61 7.35 -10.30
CA ASP B 152 43.46 7.10 -11.48
C ASP B 152 42.86 6.01 -12.34
N PHE B 153 42.07 5.12 -11.77
CA PHE B 153 41.50 4.00 -12.56
C PHE B 153 39.96 4.01 -12.52
N ASP B 154 39.38 5.15 -12.15
CA ASP B 154 37.93 5.31 -12.10
C ASP B 154 37.29 4.27 -11.14
N GLN B 155 37.97 3.96 -10.05
CA GLN B 155 37.54 2.92 -9.10
C GLN B 155 36.39 3.37 -8.18
N GLY B 156 35.62 2.37 -7.73
CA GLY B 156 34.62 2.55 -6.72
C GLY B 156 34.00 1.21 -6.54
N TYR B 157 34.28 0.61 -5.41
CA TYR B 157 33.85 -0.74 -5.16
C TYR B 157 32.45 -0.83 -4.62
N VAL B 158 31.83 -1.95 -4.95
CA VAL B 158 30.52 -2.30 -4.37
C VAL B 158 30.63 -2.70 -2.89
N THR B 159 29.52 -2.70 -2.15
CA THR B 159 29.51 -3.16 -0.83
C THR B 159 29.89 -4.64 -0.80
N PRO B 160 30.49 -5.09 0.31
CA PRO B 160 30.85 -6.51 0.39
C PRO B 160 29.67 -7.44 0.10
N GLU B 161 28.49 -7.10 0.59
CA GLU B 161 27.32 -7.96 0.27
C GLU B 161 26.94 -7.98 -1.18
N SER B 162 27.21 -6.87 -1.88
CA SER B 162 27.01 -6.85 -3.32
C SER B 162 27.96 -7.78 -4.04
N THR B 163 29.24 -7.80 -3.65
CA THR B 163 30.16 -8.70 -4.29
C THR B 163 29.69 -10.14 -4.04
N LEU B 164 29.34 -10.45 -2.80
CA LEU B 164 28.94 -11.78 -2.47
C LEU B 164 27.66 -12.18 -3.17
N ALA B 165 26.75 -11.24 -3.32
CA ALA B 165 25.53 -11.53 -4.05
C ALA B 165 25.78 -11.83 -5.52
N ARG B 166 26.70 -11.06 -6.13
CA ARG B 166 27.07 -11.26 -7.49
C ARG B 166 27.60 -12.66 -7.68
N VAL B 167 28.54 -13.06 -6.85
CA VAL B 167 29.09 -14.41 -6.89
C VAL B 167 28.00 -15.49 -6.62
N ALA B 168 27.08 -15.19 -5.74
CA ALA B 168 25.99 -16.11 -5.46
C ALA B 168 25.02 -16.29 -6.63
N LEU B 169 24.85 -15.26 -7.46
CA LEU B 169 24.06 -15.38 -8.71
C LEU B 169 24.77 -16.40 -9.65
N ALA B 170 26.09 -16.28 -9.73
CA ALA B 170 26.90 -17.20 -10.52
C ALA B 170 26.85 -18.66 -10.00
N TRP B 171 26.86 -18.82 -8.67
CA TRP B 171 26.71 -20.11 -8.03
C TRP B 171 25.39 -20.74 -8.45
N ASN B 172 24.34 -19.97 -8.31
CA ASN B 172 22.99 -20.43 -8.68
C ASN B 172 22.80 -20.82 -10.10
N TRP B 173 23.51 -20.19 -11.01
CA TRP B 173 23.44 -20.48 -12.42
C TRP B 173 24.45 -21.53 -12.90
N GLY B 174 25.13 -22.19 -11.95
CA GLY B 174 26.16 -23.19 -12.31
C GLY B 174 27.41 -22.68 -12.99
N ASP B 175 27.76 -21.42 -12.74
CA ASP B 175 28.87 -20.82 -13.44
C ASP B 175 30.15 -20.80 -12.65
N LEU B 176 30.16 -21.39 -11.44
CA LEU B 176 31.41 -21.49 -10.68
C LEU B 176 32.04 -22.86 -10.60
N GLU B 177 31.21 -23.87 -10.32
CA GLU B 177 31.73 -25.17 -9.94
C GLU B 177 32.49 -25.85 -11.05
N GLY B 178 33.80 -26.07 -10.83
CA GLY B 178 34.65 -26.65 -11.84
C GLY B 178 34.91 -25.79 -13.06
N LYS B 179 34.58 -24.49 -13.02
CA LYS B 179 34.79 -23.67 -14.18
C LYS B 179 36.07 -22.82 -14.05
N GLU B 180 36.47 -22.29 -15.18
CA GLU B 180 37.59 -21.39 -15.36
C GLU B 180 36.95 -20.00 -15.39
N VAL B 181 37.33 -19.15 -14.44
CA VAL B 181 36.70 -17.84 -14.22
C VAL B 181 37.68 -16.72 -14.52
N LEU B 182 37.32 -15.77 -15.40
CA LEU B 182 38.09 -14.55 -15.63
C LEU B 182 37.40 -13.32 -15.05
N VAL B 183 38.13 -12.45 -14.31
CA VAL B 183 37.55 -11.20 -13.77
C VAL B 183 38.31 -10.06 -14.44
N LEU B 184 37.63 -9.16 -15.13
CA LEU B 184 38.24 -8.07 -15.87
C LEU B 184 38.02 -6.75 -15.11
N GLY B 185 39.01 -6.32 -14.38
CA GLY B 185 38.83 -5.22 -13.39
C GLY B 185 38.39 -5.84 -12.09
N ASP B 186 39.07 -5.59 -10.95
CA ASP B 186 38.61 -6.19 -9.73
C ASP B 186 38.72 -5.42 -8.45
N ASP B 187 38.45 -4.13 -8.49
CA ASP B 187 38.29 -3.39 -7.20
C ASP B 187 37.25 -4.00 -6.30
N ASP B 188 36.17 -4.57 -6.90
CA ASP B 188 35.13 -5.30 -6.17
C ASP B 188 35.55 -6.60 -5.47
N LEU B 189 36.72 -7.15 -5.84
CA LEU B 189 37.29 -8.37 -5.24
C LEU B 189 36.40 -9.58 -5.56
N THR B 190 35.66 -9.50 -6.65
CA THR B 190 34.79 -10.63 -7.05
C THR B 190 35.65 -11.88 -7.21
N GLY B 191 36.89 -11.75 -7.72
CA GLY B 191 37.75 -12.92 -7.92
C GLY B 191 38.12 -13.62 -6.65
N LEU B 192 38.36 -12.82 -5.60
CA LEU B 192 38.55 -13.37 -4.30
C LEU B 192 37.31 -14.03 -3.72
N ALA B 193 36.14 -13.38 -3.83
CA ALA B 193 34.95 -14.02 -3.36
C ALA B 193 34.67 -15.34 -4.08
N ALA B 194 34.86 -15.35 -5.39
CA ALA B 194 34.63 -16.56 -6.14
C ALA B 194 35.59 -17.66 -5.77
N ALA B 195 36.85 -17.30 -5.63
CA ALA B 195 37.83 -18.34 -5.19
C ALA B 195 37.58 -18.91 -3.80
N LEU B 196 37.18 -18.06 -2.85
CA LEU B 196 36.84 -18.49 -1.50
C LEU B 196 35.72 -19.55 -1.41
N THR B 197 34.85 -19.63 -2.40
CA THR B 197 33.82 -20.65 -2.38
C THR B 197 34.37 -22.04 -2.45
N GLY B 198 35.57 -22.14 -3.03
CA GLY B 198 36.17 -23.44 -3.35
C GLY B 198 35.57 -24.04 -4.60
N LEU B 199 34.70 -23.34 -5.32
CA LEU B 199 34.02 -23.95 -6.47
C LEU B 199 34.83 -23.89 -7.72
N PRO B 200 35.43 -22.71 -8.06
CA PRO B 200 36.08 -22.72 -9.36
C PRO B 200 37.28 -23.59 -9.49
N LYS B 201 37.56 -24.03 -10.71
CA LYS B 201 38.79 -24.79 -10.95
C LYS B 201 39.94 -23.80 -10.92
N ARG B 202 39.73 -22.63 -11.54
CA ARG B 202 40.69 -21.56 -11.29
C ARG B 202 40.09 -20.19 -11.50
N VAL B 203 40.67 -19.16 -10.89
CA VAL B 203 40.24 -17.77 -11.15
C VAL B 203 41.43 -16.94 -11.59
N VAL B 204 41.28 -16.25 -12.67
CA VAL B 204 42.28 -15.33 -13.18
C VAL B 204 41.73 -13.90 -13.15
N VAL B 205 42.48 -12.94 -12.57
CA VAL B 205 42.05 -11.56 -12.56
C VAL B 205 42.97 -10.67 -13.36
N LEU B 206 42.44 -9.77 -14.18
CA LEU B 206 43.22 -8.76 -14.86
C LEU B 206 42.86 -7.40 -14.29
N ASP B 207 43.85 -6.53 -14.02
CA ASP B 207 43.51 -5.13 -13.62
C ASP B 207 44.71 -4.24 -14.00
N ALA B 208 44.47 -3.00 -14.35
CA ALA B 208 45.57 -2.07 -14.70
C ALA B 208 46.26 -1.58 -13.40
N ASP B 209 45.59 -1.72 -12.26
CA ASP B 209 46.09 -1.19 -10.98
C ASP B 209 46.93 -2.25 -10.28
N PRO B 210 48.27 -2.05 -10.17
CA PRO B 210 49.03 -3.02 -9.43
C PRO B 210 48.63 -3.24 -7.97
N ARG B 211 47.96 -2.31 -7.31
CA ARG B 211 47.53 -2.59 -5.97
C ARG B 211 46.50 -3.68 -5.88
N ILE B 212 45.60 -3.72 -6.85
CA ILE B 212 44.56 -4.74 -6.88
C ILE B 212 45.22 -6.09 -7.12
N VAL B 213 46.11 -6.10 -8.09
CA VAL B 213 46.81 -7.35 -8.42
C VAL B 213 47.58 -7.87 -7.25
N ARG B 214 48.39 -7.01 -6.62
CA ARG B 214 49.14 -7.49 -5.45
C ARG B 214 48.28 -7.97 -4.29
N PHE B 215 47.17 -7.26 -4.02
CA PHE B 215 46.29 -7.70 -2.96
C PHE B 215 45.73 -9.12 -3.21
N LEU B 216 45.29 -9.35 -4.43
CA LEU B 216 44.73 -10.65 -4.80
C LEU B 216 45.82 -11.75 -4.72
N GLU B 217 47.03 -11.43 -5.14
CA GLU B 217 48.15 -12.42 -5.06
C GLU B 217 48.44 -12.74 -3.61
N ARG B 218 48.41 -11.71 -2.76
CA ARG B 218 48.61 -11.87 -1.37
C ARG B 218 47.56 -12.73 -0.74
N ALA B 219 46.29 -12.48 -1.05
CA ALA B 219 45.25 -13.28 -0.46
C ALA B 219 45.26 -14.72 -1.01
N ALA B 220 45.62 -14.87 -2.27
CA ALA B 220 45.65 -16.21 -2.88
C ALA B 220 46.65 -17.09 -2.14
N LYS B 221 47.82 -16.54 -1.89
CA LYS B 221 48.87 -17.31 -1.18
C LYS B 221 48.49 -17.60 0.24
N ALA B 222 47.90 -16.62 0.93
CA ALA B 222 47.52 -16.79 2.32
C ALA B 222 46.48 -17.86 2.55
N GLU B 223 45.55 -17.93 1.61
CA GLU B 223 44.41 -18.81 1.73
C GLU B 223 44.66 -20.09 0.94
N GLY B 224 45.71 -20.10 0.12
CA GLY B 224 45.99 -21.26 -0.68
C GLY B 224 44.89 -21.51 -1.69
N LEU B 225 44.53 -20.48 -2.46
CA LEU B 225 43.44 -20.60 -3.44
C LEU B 225 44.02 -20.65 -4.83
N PRO B 226 43.28 -21.25 -5.79
CA PRO B 226 43.70 -21.26 -7.20
C PRO B 226 43.31 -19.97 -7.88
N LEU B 227 43.90 -18.88 -7.44
CA LEU B 227 43.55 -17.49 -7.84
C LEU B 227 44.83 -16.84 -8.25
N GLU B 228 44.86 -16.23 -9.42
CA GLU B 228 46.05 -15.46 -9.85
C GLU B 228 45.62 -14.16 -10.44
N ALA B 229 46.51 -13.19 -10.42
CA ALA B 229 46.21 -11.86 -10.95
C ALA B 229 47.35 -11.33 -11.70
N HIS B 230 47.06 -10.45 -12.65
CA HIS B 230 48.04 -9.91 -13.55
C HIS B 230 47.76 -8.50 -13.93
N VAL B 231 48.80 -7.64 -13.98
CA VAL B 231 48.66 -6.33 -14.46
C VAL B 231 48.49 -6.33 -15.96
N HIS B 232 47.37 -5.76 -16.38
CA HIS B 232 47.05 -5.67 -17.78
C HIS B 232 46.16 -4.47 -18.03
N ASP B 233 46.54 -3.63 -18.95
CA ASP B 233 45.67 -2.56 -19.44
C ASP B 233 44.74 -3.12 -20.54
N LEU B 234 43.43 -3.06 -20.31
CA LEU B 234 42.50 -3.67 -21.26
C LEU B 234 42.37 -2.90 -22.56
N ARG B 235 43.01 -1.73 -22.68
CA ARG B 235 43.11 -1.08 -23.97
C ARG B 235 44.01 -1.90 -24.88
N GLU B 236 44.96 -2.66 -24.32
CA GLU B 236 45.81 -3.49 -25.16
C GLU B 236 45.15 -4.87 -25.41
N PRO B 237 45.58 -5.56 -26.48
CA PRO B 237 45.04 -6.90 -26.74
C PRO B 237 45.17 -7.86 -25.62
N LEU B 238 44.22 -8.77 -25.52
CA LEU B 238 44.27 -9.82 -24.53
C LEU B 238 45.41 -10.75 -24.96
N PRO B 239 46.33 -11.07 -24.05
CA PRO B 239 47.30 -12.13 -24.38
C PRO B 239 46.59 -13.42 -24.85
N GLU B 240 47.23 -14.15 -25.77
CA GLU B 240 46.67 -15.37 -26.33
C GLU B 240 46.30 -16.38 -25.29
N ALA B 241 47.05 -16.46 -24.22
CA ALA B 241 46.76 -17.42 -23.21
C ALA B 241 45.35 -17.32 -22.64
N TRP B 242 44.76 -16.13 -22.70
CA TRP B 242 43.42 -15.90 -22.18
C TRP B 242 42.33 -15.82 -23.24
N VAL B 243 42.68 -15.94 -24.50
CA VAL B 243 41.72 -15.90 -25.54
C VAL B 243 41.03 -17.26 -25.61
N HIS B 244 39.67 -17.24 -25.66
CA HIS B 244 38.85 -18.45 -25.68
C HIS B 244 39.30 -19.51 -24.68
N ALA B 245 39.56 -19.10 -23.46
CA ALA B 245 40.11 -19.91 -22.41
C ALA B 245 39.24 -20.08 -21.20
N PHE B 246 38.08 -19.41 -21.13
CA PHE B 246 37.38 -19.35 -19.86
C PHE B 246 35.92 -19.75 -20.04
N HIS B 247 35.29 -20.19 -18.99
CA HIS B 247 33.87 -20.53 -18.98
C HIS B 247 32.97 -19.40 -18.47
N THR B 248 33.53 -18.55 -17.63
CA THR B 248 32.72 -17.53 -16.97
C THR B 248 33.54 -16.25 -16.88
N PHE B 249 32.95 -15.09 -17.12
CA PHE B 249 33.71 -13.83 -16.79
C PHE B 249 32.84 -12.91 -15.95
N PHE B 250 33.52 -12.07 -15.18
CA PHE B 250 32.86 -10.98 -14.44
C PHE B 250 33.56 -9.68 -14.74
N THR B 251 32.81 -8.59 -14.91
CA THR B 251 33.39 -7.30 -15.05
C THR B 251 32.36 -6.24 -14.64
N ASP B 252 32.86 -5.09 -14.16
CA ASP B 252 32.04 -3.93 -13.80
C ASP B 252 32.65 -2.72 -14.50
N PRO B 253 32.29 -2.53 -15.77
CA PRO B 253 33.13 -1.75 -16.63
C PRO B 253 32.93 -0.28 -16.69
N VAL B 254 33.94 0.42 -17.22
CA VAL B 254 33.74 1.77 -17.70
C VAL B 254 32.70 1.76 -18.81
N GLU B 255 31.85 2.76 -18.87
CA GLU B 255 30.53 2.63 -19.64
C GLU B 255 30.41 3.45 -20.91
N GLY B 256 31.48 4.12 -21.32
CA GLY B 256 31.50 4.65 -22.65
C GLY B 256 31.57 3.46 -23.60
N PRO B 257 31.19 3.64 -24.86
CA PRO B 257 31.21 2.50 -25.80
C PRO B 257 32.56 1.84 -25.94
N LEU B 258 33.64 2.64 -26.00
CA LEU B 258 35.02 2.11 -25.92
C LEU B 258 35.33 1.38 -24.65
N GLY B 259 34.84 1.85 -23.53
CA GLY B 259 35.08 1.07 -22.32
C GLY B 259 34.33 -0.28 -22.32
N LEU B 260 33.13 -0.29 -22.85
CA LEU B 260 32.40 -1.53 -22.98
C LEU B 260 33.12 -2.47 -23.94
N GLN B 261 33.69 -1.93 -25.00
CA GLN B 261 34.50 -2.81 -25.87
C GLN B 261 35.76 -3.36 -25.15
N ALA B 262 36.44 -2.51 -24.38
CA ALA B 262 37.68 -2.91 -23.72
C ALA B 262 37.46 -3.96 -22.61
N PHE B 263 36.33 -3.84 -21.93
CA PHE B 263 36.02 -4.72 -20.83
C PHE B 263 35.10 -5.87 -21.23
N VAL B 264 33.93 -5.58 -21.76
CA VAL B 264 32.94 -6.65 -22.05
C VAL B 264 33.31 -7.41 -23.31
N GLY B 265 33.69 -6.67 -24.31
CA GLY B 265 34.21 -7.31 -25.54
C GLY B 265 35.40 -8.18 -25.32
N ARG B 266 36.35 -7.80 -24.42
CA ARG B 266 37.44 -8.69 -24.13
C ARG B 266 36.91 -9.91 -23.38
N GLY B 267 35.97 -9.68 -22.47
CA GLY B 267 35.26 -10.76 -21.79
C GLY B 267 34.72 -11.83 -22.76
N LEU B 268 34.03 -11.35 -23.77
CA LEU B 268 33.31 -12.20 -24.73
C LEU B 268 34.40 -13.02 -25.48
N LEU B 269 35.49 -12.33 -25.81
CA LEU B 269 36.61 -12.97 -26.53
C LEU B 269 37.31 -13.97 -25.66
N ALA B 270 37.34 -13.74 -24.36
CA ALA B 270 37.90 -14.69 -23.43
C ALA B 270 37.10 -15.97 -23.20
N LEU B 271 35.80 -15.96 -23.50
CA LEU B 271 35.01 -17.16 -23.23
C LEU B 271 35.27 -18.23 -24.34
N GLU B 272 35.30 -19.48 -23.94
CA GLU B 272 35.53 -20.59 -24.97
C GLU B 272 34.52 -20.60 -26.08
N GLY B 273 33.26 -20.28 -25.77
CA GLY B 273 32.19 -20.28 -26.74
C GLY B 273 30.85 -20.67 -26.18
N GLU B 274 30.11 -21.44 -26.97
CA GLU B 274 28.75 -21.79 -26.60
C GLU B 274 28.63 -22.33 -25.18
N GLY B 275 27.69 -21.77 -24.43
CA GLY B 275 27.44 -22.25 -23.07
C GLY B 275 28.24 -21.53 -21.97
N CYS B 276 29.15 -20.64 -22.33
CA CYS B 276 29.95 -19.87 -21.39
C CYS B 276 29.18 -18.59 -21.05
N ALA B 277 29.42 -18.06 -19.84
CA ALA B 277 28.65 -16.97 -19.30
C ALA B 277 29.44 -15.75 -18.95
N GLY B 278 28.74 -14.60 -18.92
CA GLY B 278 29.36 -13.34 -18.49
C GLY B 278 28.43 -12.59 -17.52
N TYR B 279 29.03 -11.87 -16.59
CA TYR B 279 28.32 -11.08 -15.57
C TYR B 279 28.85 -9.69 -15.69
N VAL B 280 27.96 -8.71 -15.90
CA VAL B 280 28.34 -7.38 -16.19
C VAL B 280 27.52 -6.42 -15.34
N GLY B 281 28.18 -5.45 -14.72
CA GLY B 281 27.49 -4.35 -13.99
C GLY B 281 27.20 -3.21 -14.85
N LEU B 282 25.96 -2.64 -14.79
CA LEU B 282 25.60 -1.57 -15.70
C LEU B 282 24.73 -0.54 -14.99
N THR B 283 25.13 0.72 -15.00
CA THR B 283 24.38 1.75 -14.25
C THR B 283 23.38 2.45 -15.12
N HIS B 284 22.46 3.19 -14.51
CA HIS B 284 21.77 4.29 -15.10
C HIS B 284 22.54 5.60 -14.90
N VAL B 285 23.29 5.71 -13.83
CA VAL B 285 23.90 6.99 -13.46
C VAL B 285 24.79 7.46 -14.59
N GLU B 286 25.46 6.54 -15.27
CA GLU B 286 26.39 6.95 -16.36
C GLU B 286 26.09 6.27 -17.69
N ALA B 287 24.86 5.80 -17.85
CA ALA B 287 24.41 5.14 -19.10
C ALA B 287 22.89 5.35 -19.36
N SER B 288 22.58 6.02 -20.45
CA SER B 288 21.22 6.27 -20.88
C SER B 288 20.56 4.98 -21.41
N LEU B 289 19.23 4.97 -21.45
CA LEU B 289 18.55 3.83 -22.06
C LEU B 289 18.89 3.66 -23.54
N ALA B 290 19.22 4.73 -24.27
CA ALA B 290 19.67 4.59 -25.66
C ALA B 290 20.95 3.75 -25.72
N LYS B 291 21.87 4.06 -24.82
CA LYS B 291 23.09 3.27 -24.66
C LYS B 291 22.83 1.84 -24.20
N TRP B 292 21.91 1.66 -23.23
CA TRP B 292 21.53 0.31 -22.86
C TRP B 292 21.12 -0.52 -24.10
N ALA B 293 20.31 0.07 -24.96
CA ALA B 293 19.85 -0.65 -26.14
C ALA B 293 21.01 -0.95 -27.11
N ASP B 294 21.86 0.04 -27.35
CA ASP B 294 23.02 -0.22 -28.18
C ASP B 294 23.91 -1.35 -27.62
N PHE B 295 24.10 -1.41 -26.29
CA PHE B 295 24.87 -2.50 -25.65
C PHE B 295 24.17 -3.85 -25.84
N GLN B 296 22.84 -3.87 -25.69
CA GLN B 296 22.08 -5.08 -25.82
C GLN B 296 22.17 -5.57 -27.29
N ARG B 297 22.14 -4.64 -28.20
CA ARG B 297 22.41 -5.00 -29.59
C ARG B 297 23.75 -5.64 -29.93
N PHE B 298 24.73 -5.00 -29.33
CA PHE B 298 26.09 -5.46 -29.38
C PHE B 298 26.19 -6.88 -28.86
N LEU B 299 25.58 -7.13 -27.70
CA LEU B 299 25.58 -8.47 -27.19
C LEU B 299 24.86 -9.47 -28.11
N LEU B 300 23.67 -9.14 -28.59
CA LEU B 300 22.94 -10.13 -29.37
C LEU B 300 23.67 -10.37 -30.70
N GLU B 301 24.23 -9.31 -31.28
CA GLU B 301 24.91 -9.49 -32.58
C GLU B 301 26.18 -10.32 -32.49
N ASN B 302 26.80 -10.41 -31.33
CA ASN B 302 28.00 -11.16 -31.15
C ASN B 302 27.79 -12.53 -30.47
N GLY B 303 26.57 -13.02 -30.44
CA GLY B 303 26.32 -14.36 -30.03
C GLY B 303 25.82 -14.58 -28.68
N ALA B 304 25.52 -13.51 -27.91
CA ALA B 304 25.06 -13.68 -26.52
C ALA B 304 23.53 -13.52 -26.40
N VAL B 305 23.00 -13.97 -25.27
CA VAL B 305 21.60 -13.78 -24.93
C VAL B 305 21.59 -13.34 -23.44
N ILE B 306 20.71 -12.44 -23.07
CA ILE B 306 20.64 -11.99 -21.69
C ILE B 306 19.72 -12.95 -20.97
N THR B 307 20.16 -13.49 -19.83
CA THR B 307 19.34 -14.38 -19.04
C THR B 307 18.97 -13.82 -17.71
N GLU B 308 19.63 -12.77 -17.26
CA GLU B 308 19.23 -12.03 -16.02
C GLU B 308 19.54 -10.61 -16.22
N LEU B 309 18.69 -9.68 -15.75
CA LEU B 309 19.08 -8.30 -15.70
C LEU B 309 18.37 -7.82 -14.41
N ARG B 310 19.12 -7.76 -13.31
CA ARG B 310 18.53 -7.36 -12.04
C ARG B 310 18.93 -5.91 -11.74
N ASP B 311 18.03 -5.00 -11.97
CA ASP B 311 18.38 -3.60 -11.87
C ASP B 311 18.51 -3.20 -10.43
N GLY B 312 19.48 -2.34 -10.14
CA GLY B 312 19.73 -1.94 -8.75
C GLY B 312 20.32 -2.99 -7.84
N PHE B 313 20.98 -4.00 -8.41
CA PHE B 313 21.50 -5.13 -7.70
C PHE B 313 22.73 -4.74 -6.84
N HIS B 314 23.65 -3.96 -7.40
CA HIS B 314 24.86 -3.53 -6.71
C HIS B 314 24.63 -2.13 -6.07
N VAL B 315 25.06 -1.99 -4.85
CA VAL B 315 25.14 -0.72 -4.14
C VAL B 315 26.63 -0.43 -3.98
N TYR B 316 27.04 0.79 -4.27
CA TYR B 316 28.45 1.13 -4.20
C TYR B 316 28.78 1.91 -2.91
N GLU B 317 29.95 1.61 -2.37
CA GLU B 317 30.45 2.45 -1.28
C GLU B 317 30.91 3.82 -1.84
N ASN B 318 30.76 4.91 -1.06
CA ASN B 318 31.15 6.21 -1.52
C ASN B 318 32.70 6.25 -1.56
N TRP B 319 33.22 6.90 -2.58
CA TRP B 319 34.66 6.89 -2.92
C TRP B 319 35.19 8.22 -2.44
N GLY B 320 36.47 8.24 -2.10
CA GLY B 320 37.01 9.38 -1.39
C GLY B 320 37.22 10.61 -2.24
N TYR B 321 37.23 10.44 -3.55
CA TYR B 321 37.48 11.53 -4.50
C TYR B 321 36.26 12.18 -5.13
N ILE B 322 35.11 12.03 -4.50
CA ILE B 322 33.86 12.57 -5.00
C ILE B 322 33.92 14.06 -5.31
N GLU B 323 34.68 14.85 -4.54
CA GLU B 323 34.72 16.28 -4.81
C GLU B 323 35.60 16.62 -6.00
N GLN B 324 36.33 15.65 -6.51
CA GLN B 324 37.22 15.84 -7.64
C GLN B 324 36.66 15.20 -8.87
N MET B 325 35.46 14.61 -8.80
CA MET B 325 34.90 13.99 -10.01
C MET B 325 34.31 15.00 -10.94
N ARG B 326 34.15 14.61 -12.20
CA ARG B 326 33.72 15.53 -13.25
C ARG B 326 32.48 16.35 -12.92
N ALA B 327 31.44 15.69 -12.35
CA ALA B 327 30.16 16.36 -12.13
C ALA B 327 30.11 17.27 -10.94
N TRP B 328 31.02 17.15 -10.00
CA TRP B 328 30.93 17.85 -8.71
C TRP B 328 30.68 19.37 -8.90
N PRO B 329 31.43 20.03 -9.80
CA PRO B 329 31.20 21.49 -9.88
C PRO B 329 29.82 21.88 -10.38
N TRP B 330 29.22 20.99 -11.15
CA TRP B 330 27.90 21.20 -11.74
C TRP B 330 26.75 21.02 -10.80
N LEU B 331 26.97 20.36 -9.67
CA LEU B 331 25.86 19.94 -8.89
C LEU B 331 25.16 21.16 -8.30
N PRO B 332 23.82 21.18 -8.33
CA PRO B 332 23.13 22.36 -7.75
C PRO B 332 23.26 22.47 -6.28
N VAL B 333 23.38 21.36 -5.57
CA VAL B 333 23.65 21.38 -4.17
C VAL B 333 24.92 20.55 -3.99
N LYS B 334 25.90 21.02 -3.22
CA LYS B 334 27.16 20.28 -3.01
C LYS B 334 27.41 19.91 -1.58
N ARG B 335 27.06 18.69 -1.23
CA ARG B 335 27.33 18.17 0.11
C ARG B 335 27.81 16.75 -0.06
N ARG B 336 28.79 16.31 0.72
CA ARG B 336 29.30 14.97 0.55
C ARG B 336 28.21 14.00 0.90
N PRO B 337 28.04 12.92 0.13
CA PRO B 337 27.05 11.90 0.55
C PRO B 337 27.41 11.19 1.85
N GLU B 338 26.37 10.86 2.62
CA GLU B 338 26.44 10.22 3.93
C GLU B 338 25.90 8.81 3.93
N LYS B 339 25.37 8.40 2.77
CA LYS B 339 24.88 7.06 2.63
C LYS B 339 25.02 6.69 1.15
N PRO B 340 24.91 5.41 0.84
CA PRO B 340 25.07 5.08 -0.59
C PRO B 340 23.95 5.64 -1.48
N TRP B 341 24.31 5.92 -2.73
CA TRP B 341 23.44 6.51 -3.72
C TRP B 341 23.68 5.92 -5.14
N TYR B 342 24.88 5.42 -5.42
CA TYR B 342 25.27 4.98 -6.74
C TYR B 342 25.07 3.46 -6.77
N THR B 343 24.34 3.01 -7.78
CA THR B 343 23.90 1.64 -7.84
C THR B 343 24.05 1.17 -9.26
N SER B 344 24.12 -0.14 -9.45
CA SER B 344 24.10 -0.70 -10.82
C SER B 344 23.33 -2.02 -10.93
N ALA B 345 22.95 -2.32 -12.15
CA ALA B 345 22.31 -3.56 -12.49
C ALA B 345 23.34 -4.69 -12.62
N LEU B 346 22.90 -5.93 -12.42
CA LEU B 346 23.74 -7.08 -12.74
C LEU B 346 23.10 -7.80 -13.88
N ILE B 347 23.85 -7.98 -14.96
CA ILE B 347 23.41 -8.65 -16.16
C ILE B 347 24.13 -9.98 -16.25
N ARG B 348 23.41 -11.07 -16.51
CA ARG B 348 24.04 -12.35 -16.84
C ARG B 348 23.71 -12.60 -18.29
N LEU B 349 24.76 -12.83 -19.05
CA LEU B 349 24.64 -13.28 -20.43
C LEU B 349 25.22 -14.66 -20.63
N GLU B 350 24.74 -15.33 -21.68
CA GLU B 350 25.31 -16.65 -22.01
C GLU B 350 25.55 -16.61 -23.49
N LEU B 351 26.61 -17.25 -23.96
CA LEU B 351 26.90 -17.37 -25.36
C LEU B 351 26.15 -18.56 -25.99
N LEU B 352 25.48 -18.28 -27.12
CA LEU B 352 24.88 -19.31 -27.98
C LEU B 352 25.89 -19.84 -28.98
N ARG B 353 27.02 -19.16 -29.11
CA ARG B 353 28.10 -19.59 -30.00
C ARG B 353 29.35 -18.73 -29.70
N ARG B 354 30.47 -19.11 -30.29
CA ARG B 354 31.73 -18.44 -30.01
C ARG B 354 31.72 -17.07 -30.54
N ALA B 355 32.22 -16.13 -29.77
CA ALA B 355 32.28 -14.75 -30.20
C ALA B 355 33.67 -14.48 -30.73
N ASP B 356 33.82 -14.23 -32.02
CA ASP B 356 35.12 -14.13 -32.70
C ASP B 356 35.52 -12.68 -32.91
N LEU B 357 35.54 -11.92 -31.84
CA LEU B 357 35.73 -10.47 -31.98
C LEU B 357 37.17 -10.18 -32.26
N GLU B 358 37.41 -8.98 -32.78
CA GLU B 358 38.80 -8.60 -33.03
C GLU B 358 39.48 -8.40 -31.69
N ASN B 359 40.76 -8.77 -31.62
CA ASN B 359 41.57 -8.50 -30.45
C ASN B 359 42.57 -7.35 -30.68
N ALA B 360 42.05 -6.16 -30.91
CA ALA B 360 42.90 -5.04 -31.27
C ALA B 360 43.02 -4.09 -30.10
N ARG B 361 43.99 -3.22 -30.21
CA ARG B 361 44.10 -2.05 -29.36
C ARG B 361 42.82 -1.21 -29.40
N VAL B 362 42.35 -0.77 -28.27
CA VAL B 362 41.27 0.20 -28.20
C VAL B 362 41.86 1.56 -28.04
N GLU B 363 41.54 2.46 -28.94
CA GLU B 363 42.20 3.74 -28.98
C GLU B 363 41.11 4.75 -28.69
N GLY B 364 41.42 5.73 -27.86
CA GLY B 364 40.41 6.70 -27.48
C GLY B 364 39.90 6.51 -26.05
N ASP B 365 39.06 7.44 -25.65
CA ASP B 365 38.73 7.61 -24.26
C ASP B 365 37.75 6.51 -23.91
N LEU B 366 38.00 5.79 -22.84
CA LEU B 366 37.01 4.79 -22.40
C LEU B 366 35.73 5.45 -21.85
N GLN B 367 35.86 6.63 -21.24
CA GLN B 367 34.69 7.44 -20.80
C GLN B 367 34.07 8.17 -21.99
N ASP B 368 32.78 8.47 -21.93
CA ASP B 368 32.11 9.29 -22.94
C ASP B 368 31.42 10.51 -22.33
N GLU B 369 30.60 11.20 -23.11
CA GLU B 369 29.92 12.42 -22.61
C GLU B 369 28.94 12.08 -21.46
N GLU B 370 28.37 10.89 -21.44
CA GLU B 370 27.49 10.50 -20.32
C GLU B 370 28.20 10.18 -19.01
N ALA B 371 29.54 10.02 -19.03
CA ALA B 371 30.31 9.72 -17.84
C ALA B 371 30.51 11.01 -17.03
N THR B 372 30.30 10.88 -15.74
CA THR B 372 30.34 12.03 -14.81
C THR B 372 31.06 11.76 -13.50
N THR B 373 31.43 10.51 -13.16
CA THR B 373 32.03 10.24 -11.88
C THR B 373 33.52 9.97 -11.89
N TYR B 374 34.17 10.17 -13.02
CA TYR B 374 35.58 9.97 -13.14
C TYR B 374 36.32 11.25 -12.76
N ASN C 32 -14.03 40.68 15.37
CA ASN C 32 -12.97 40.18 16.29
C ASN C 32 -13.62 39.26 17.33
N LYS C 33 -12.81 38.58 18.12
CA LYS C 33 -13.34 37.71 19.15
C LYS C 33 -14.45 38.38 19.96
N GLU C 34 -14.27 39.65 20.33
CA GLU C 34 -15.26 40.32 21.18
C GLU C 34 -16.60 40.40 20.47
N ALA C 35 -16.59 40.71 19.18
CA ALA C 35 -17.82 40.83 18.40
C ALA C 35 -18.62 39.52 18.42
N LEU C 36 -17.89 38.42 18.22
CA LEU C 36 -18.45 37.03 18.28
C LEU C 36 -19.12 36.72 19.61
N VAL C 37 -18.43 37.04 20.68
CA VAL C 37 -18.88 36.74 22.01
C VAL C 37 -20.14 37.58 22.27
N GLN C 38 -20.11 38.79 21.73
CA GLN C 38 -21.20 39.78 21.89
CA GLN C 38 -21.19 39.79 21.87
C GLN C 38 -22.52 39.29 21.22
N VAL C 39 -22.42 38.80 20.01
CA VAL C 39 -23.55 38.25 19.31
C VAL C 39 -24.10 37.06 20.05
N ALA C 40 -23.23 36.18 20.55
CA ALA C 40 -23.75 34.98 21.22
C ALA C 40 -24.47 35.34 22.49
N GLU C 41 -23.90 36.29 23.23
CA GLU C 41 -24.45 36.61 24.53
C GLU C 41 -25.82 37.23 24.34
N GLU C 42 -25.99 38.03 23.29
CA GLU C 42 -27.29 38.56 22.94
C GLU C 42 -28.31 37.48 22.77
N VAL C 43 -27.99 36.56 21.88
CA VAL C 43 -28.89 35.49 21.57
C VAL C 43 -29.21 34.62 22.79
N ARG C 44 -28.17 34.29 23.55
CA ARG C 44 -28.30 33.44 24.74
C ARG C 44 -29.19 34.12 25.77
N ARG C 45 -29.00 35.42 25.91
CA ARG C 45 -29.81 36.20 26.82
C ARG C 45 -31.27 36.22 26.38
N ALA C 46 -31.53 36.38 25.09
CA ALA C 46 -32.88 36.50 24.57
C ALA C 46 -33.62 35.17 24.52
N THR C 47 -32.94 34.04 24.41
CA THR C 47 -33.63 32.76 24.24
C THR C 47 -33.46 31.79 25.40
N GLY C 48 -32.50 32.06 26.27
CA GLY C 48 -32.06 31.11 27.24
C GLY C 48 -31.55 29.78 26.69
N LEU C 49 -31.15 29.75 25.42
CA LEU C 49 -30.48 28.56 24.84
C LEU C 49 -28.95 28.67 24.91
N PRO C 50 -28.22 27.51 24.90
CA PRO C 50 -26.75 27.54 25.09
C PRO C 50 -25.97 27.92 23.84
N VAL C 51 -26.02 29.18 23.48
CA VAL C 51 -25.36 29.70 22.29
C VAL C 51 -24.04 30.36 22.63
N GLY C 52 -22.96 29.87 22.06
CA GLY C 52 -21.64 30.42 22.30
C GLY C 52 -21.00 31.06 21.09
N TRP C 53 -19.89 31.70 21.38
CA TRP C 53 -19.15 32.41 20.38
C TRP C 53 -18.76 31.51 19.22
N ARG C 54 -18.47 30.24 19.51
CA ARG C 54 -17.98 29.36 18.41
C ARG C 54 -19.12 29.05 17.40
N ASP C 55 -20.36 28.99 17.89
CA ASP C 55 -21.51 28.83 16.98
C ASP C 55 -21.64 30.09 16.06
N VAL C 56 -21.36 31.28 16.58
CA VAL C 56 -21.25 32.51 15.77
C VAL C 56 -20.12 32.43 14.78
N GLU C 57 -18.95 31.95 15.20
CA GLU C 57 -17.86 31.82 14.28
C GLU C 57 -18.25 30.88 13.18
N ARG C 58 -18.81 29.75 13.54
CA ARG C 58 -19.23 28.75 12.52
CA ARG C 58 -19.22 28.77 12.52
C ARG C 58 -20.21 29.29 11.47
N THR C 59 -21.11 30.14 11.95
CA THR C 59 -22.16 30.73 11.12
C THR C 59 -21.46 31.63 10.11
N LEU C 60 -20.51 32.46 10.58
CA LEU C 60 -19.75 33.38 9.67
C LEU C 60 -18.91 32.63 8.71
N GLY C 61 -18.23 31.59 9.19
CA GLY C 61 -17.34 30.83 8.31
C GLY C 61 -18.05 30.21 7.13
N ALA C 62 -19.23 29.66 7.37
CA ALA C 62 -20.04 29.08 6.27
C ALA C 62 -20.38 30.11 5.21
N LEU C 63 -20.69 31.32 5.64
CA LEU C 63 -21.06 32.38 4.72
C LEU C 63 -19.90 32.91 3.90
N ARG C 64 -18.64 32.57 4.28
CA ARG C 64 -17.52 32.83 3.39
C ARG C 64 -17.54 31.91 2.21
N ALA C 65 -18.26 30.78 2.31
CA ALA C 65 -18.30 29.79 1.21
C ALA C 65 -19.60 29.79 0.40
N THR C 66 -20.67 30.43 0.91
CA THR C 66 -21.96 30.35 0.17
C THR C 66 -22.82 31.51 0.56
N ARG C 67 -23.74 31.89 -0.30
CA ARG C 67 -24.73 32.87 0.09
C ARG C 67 -26.12 32.18 0.16
N ASP C 68 -26.20 30.88 -0.08
CA ASP C 68 -27.46 30.17 -0.12
C ASP C 68 -27.79 29.74 1.31
N LEU C 69 -29.01 29.96 1.73
CA LEU C 69 -29.38 29.72 3.13
C LEU C 69 -29.24 28.26 3.48
N TRP C 70 -29.73 27.38 2.63
CA TRP C 70 -29.70 25.92 2.96
C TRP C 70 -28.26 25.38 3.01
N GLU C 71 -27.47 25.77 2.05
CA GLU C 71 -26.05 25.36 2.10
C GLU C 71 -25.35 26.00 3.32
N ALA C 72 -25.70 27.24 3.71
CA ALA C 72 -25.14 27.81 4.92
C ALA C 72 -25.45 26.93 6.14
N VAL C 73 -26.67 26.37 6.19
CA VAL C 73 -27.05 25.53 7.29
C VAL C 73 -26.15 24.27 7.28
N ARG C 74 -26.08 23.63 6.11
CA ARG C 74 -25.25 22.39 5.99
C ARG C 74 -23.80 22.66 6.40
N LEU C 75 -23.23 23.79 5.97
CA LEU C 75 -21.83 24.06 6.30
C LEU C 75 -21.54 24.54 7.67
N SER C 76 -22.52 25.02 8.42
CA SER C 76 -22.32 25.63 9.71
CA SER C 76 -22.21 25.62 9.71
C SER C 76 -22.13 24.65 10.88
N ARG C 77 -22.79 23.50 10.83
CA ARG C 77 -22.81 22.60 12.01
C ARG C 77 -23.38 23.29 13.27
N VAL C 78 -24.36 24.18 13.03
CA VAL C 78 -25.02 24.93 14.10
C VAL C 78 -26.53 24.64 14.02
N PRO C 79 -27.23 24.53 15.16
CA PRO C 79 -28.68 24.26 15.09
C PRO C 79 -29.40 25.41 14.40
N LEU C 80 -30.42 25.06 13.62
CA LEU C 80 -31.19 26.07 12.86
C LEU C 80 -31.86 27.02 13.82
N ARG C 81 -32.30 26.50 14.96
CA ARG C 81 -32.85 27.37 16.01
C ARG C 81 -31.92 28.50 16.47
N PHE C 82 -30.61 28.28 16.40
CA PHE C 82 -29.61 29.27 16.76
C PHE C 82 -29.21 30.11 15.53
N LEU C 83 -29.15 29.49 14.35
CA LEU C 83 -28.70 30.21 13.18
C LEU C 83 -29.63 31.40 12.89
N VAL C 84 -30.92 31.19 13.05
CA VAL C 84 -31.87 32.30 12.74
C VAL C 84 -31.56 33.58 13.55
N PRO C 85 -31.58 33.51 14.88
CA PRO C 85 -31.18 34.69 15.65
C PRO C 85 -29.74 35.16 15.51
N ILE C 86 -28.78 34.23 15.21
CA ILE C 86 -27.42 34.68 14.92
C ILE C 86 -27.38 35.51 13.63
N TRP C 87 -27.98 34.97 12.58
CA TRP C 87 -28.03 35.66 11.31
C TRP C 87 -28.62 37.07 11.50
N GLU C 88 -29.70 37.14 12.26
CA GLU C 88 -30.40 38.41 12.53
C GLU C 88 -29.49 39.39 13.26
N GLY C 89 -28.74 38.89 14.26
CA GLY C 89 -27.81 39.70 15.00
C GLY C 89 -26.68 40.18 14.13
N LEU C 90 -26.18 39.29 13.28
CA LEU C 90 -25.17 39.73 12.37
C LEU C 90 -25.62 40.84 11.43
N ALA C 91 -26.85 40.72 10.89
CA ALA C 91 -27.41 41.78 10.05
C ALA C 91 -27.62 43.13 10.79
N ARG C 92 -28.10 43.08 12.02
CA ARG C 92 -28.22 44.30 12.80
C ARG C 92 -26.86 44.99 12.96
N ARG C 93 -25.73 44.28 12.96
CA ARG C 93 -24.41 44.92 13.07
C ARG C 93 -23.84 45.33 11.73
N GLY C 94 -24.57 45.15 10.64
CA GLY C 94 -24.04 45.43 9.32
C GLY C 94 -23.03 44.47 8.74
N LEU C 95 -22.94 43.26 9.30
CA LEU C 95 -21.99 42.28 8.82
C LEU C 95 -22.57 41.36 7.74
N LEU C 96 -23.89 41.35 7.64
CA LEU C 96 -24.58 40.45 6.76
C LEU C 96 -25.73 41.18 6.11
N ARG C 97 -25.90 41.06 4.82
CA ARG C 97 -27.12 41.57 4.21
C ARG C 97 -27.97 40.36 3.85
N VAL C 98 -29.25 40.53 4.06
CA VAL C 98 -30.24 39.52 3.79
C VAL C 98 -31.10 40.04 2.70
N GLU C 99 -30.95 39.47 1.51
CA GLU C 99 -31.83 39.84 0.42
C GLU C 99 -32.36 38.56 -0.26
N GLU C 100 -31.92 38.19 -1.44
CA GLU C 100 -32.37 36.94 -2.04
C GLU C 100 -31.49 35.78 -1.50
N GLY C 101 -30.55 36.10 -0.63
CA GLY C 101 -29.54 35.19 -0.15
C GLY C 101 -28.94 35.79 1.09
N LEU C 102 -27.86 35.20 1.63
CA LEU C 102 -27.23 35.72 2.81
C LEU C 102 -25.80 36.16 2.41
N ASP C 103 -25.55 37.45 2.34
CA ASP C 103 -24.30 37.98 1.81
C ASP C 103 -23.40 38.62 2.87
N LEU C 104 -22.20 38.08 3.06
CA LEU C 104 -21.24 38.73 3.97
C LEU C 104 -20.87 40.12 3.45
N LEU C 105 -20.90 41.13 4.31
CA LEU C 105 -20.57 42.52 3.87
C LEU C 105 -19.13 42.88 4.22
N ALA C 106 -18.49 42.16 5.16
CA ALA C 106 -17.11 42.48 5.56
C ALA C 106 -16.21 41.25 5.61
N GLU C 107 -14.91 41.51 5.75
CA GLU C 107 -13.95 40.45 5.92
C GLU C 107 -14.10 40.04 7.33
N VAL C 108 -14.11 38.72 7.57
CA VAL C 108 -14.24 38.23 8.95
C VAL C 108 -13.12 37.20 9.26
N PRO C 109 -12.68 37.13 10.52
CA PRO C 109 -11.60 36.15 10.80
C PRO C 109 -12.03 34.65 10.63
N ALA C 110 -13.33 34.37 10.69
CA ALA C 110 -13.87 33.02 10.79
C ALA C 110 -13.33 32.08 9.75
N PRO C 111 -12.90 30.89 10.17
CA PRO C 111 -12.40 29.98 9.17
C PRO C 111 -13.43 29.52 8.14
N ARG C 112 -13.00 29.46 6.90
CA ARG C 112 -13.84 28.92 5.84
C ARG C 112 -13.83 27.40 5.96
N PRO C 113 -14.96 26.73 5.77
CA PRO C 113 -14.88 25.31 6.13
C PRO C 113 -14.13 24.60 4.99
N GLY C 114 -13.28 23.66 5.35
CA GLY C 114 -12.40 22.99 4.37
C GLY C 114 -13.09 21.99 3.46
N GLU C 115 -12.35 21.50 2.48
CA GLU C 115 -12.91 20.78 1.32
C GLU C 115 -12.28 19.43 1.22
N ALA C 116 -12.02 18.77 2.35
CA ALA C 116 -11.21 17.54 2.29
C ALA C 116 -12.00 16.26 2.41
N ALA C 117 -13.33 16.32 2.37
CA ALA C 117 -14.07 15.07 2.31
C ALA C 117 -13.75 14.23 1.05
N CYS C 118 -13.64 12.91 1.20
CA CYS C 118 -13.46 12.00 0.05
C CYS C 118 -14.69 12.00 -0.87
N PRO C 119 -14.52 12.30 -2.18
CA PRO C 119 -15.74 12.35 -3.04
C PRO C 119 -16.34 10.97 -3.39
N ALA C 120 -15.52 9.93 -3.33
CA ALA C 120 -15.97 8.59 -3.66
C ALA C 120 -17.03 8.09 -2.68
N CYS C 121 -16.91 8.46 -1.40
CA CYS C 121 -17.86 8.02 -0.37
C CYS C 121 -18.58 9.17 0.28
N GLU C 122 -18.48 10.38 -0.26
CA GLU C 122 -19.19 11.51 0.31
C GLU C 122 -18.82 11.76 1.75
N GLY C 123 -17.55 11.46 2.11
CA GLY C 123 -17.02 11.71 3.43
C GLY C 123 -17.31 10.64 4.48
N ARG C 124 -18.02 9.59 4.09
CA ARG C 124 -18.48 8.57 5.06
C ARG C 124 -17.36 7.64 5.50
N GLY C 125 -16.45 7.33 4.55
CA GLY C 125 -15.50 6.24 4.66
C GLY C 125 -16.06 4.86 4.42
N LEU C 126 -17.36 4.74 4.20
CA LEU C 126 -18.01 3.47 3.90
C LEU C 126 -18.80 3.59 2.62
N VAL C 127 -18.91 2.48 1.89
CA VAL C 127 -19.69 2.42 0.65
C VAL C 127 -20.74 1.27 0.68
N GLY C 128 -22.02 1.63 0.53
CA GLY C 128 -23.14 0.66 0.49
C GLY C 128 -23.12 -0.38 -0.63
N GLU C 129 -22.61 -0.02 -1.79
CA GLU C 129 -22.48 -0.94 -2.89
C GLU C 129 -21.71 -2.18 -2.51
N ARG C 130 -20.84 -2.08 -1.51
CA ARG C 130 -20.02 -3.21 -1.14
C ARG C 130 -20.77 -4.29 -0.35
N LEU C 131 -21.98 -4.01 0.09
CA LEU C 131 -22.77 -5.02 0.83
C LEU C 131 -23.04 -6.36 0.13
N PRO C 132 -23.05 -7.47 0.88
CA PRO C 132 -23.32 -8.75 0.21
C PRO C 132 -24.79 -8.96 -0.16
N GLY C 133 -25.11 -10.08 -0.82
CA GLY C 133 -26.46 -10.45 -1.17
C GLY C 133 -27.10 -9.56 -2.20
N ARG C 134 -26.31 -8.80 -2.94
CA ARG C 134 -26.83 -7.79 -3.88
CA ARG C 134 -26.81 -7.82 -3.88
C ARG C 134 -27.74 -6.77 -3.20
N ALA C 135 -27.47 -6.54 -1.91
CA ALA C 135 -28.32 -5.70 -1.13
C ALA C 135 -28.48 -4.35 -1.77
N ALA C 136 -27.43 -3.72 -2.29
CA ALA C 136 -27.63 -2.37 -2.79
C ALA C 136 -28.63 -2.34 -3.98
N GLU C 137 -28.44 -3.24 -4.97
CA GLU C 137 -29.31 -3.14 -6.18
C GLU C 137 -30.72 -3.42 -5.74
N ARG C 138 -30.90 -4.42 -4.86
CA ARG C 138 -32.22 -4.86 -4.47
C ARG C 138 -32.91 -3.77 -3.68
N PHE C 139 -32.16 -3.12 -2.79
CA PHE C 139 -32.67 -2.02 -2.02
C PHE C 139 -33.11 -0.84 -2.86
N LEU C 140 -32.31 -0.45 -3.85
CA LEU C 140 -32.61 0.72 -4.65
C LEU C 140 -33.98 0.48 -5.38
N ALA C 141 -34.18 -0.74 -5.82
CA ALA C 141 -35.46 -1.03 -6.51
C ALA C 141 -36.67 -0.87 -5.58
N TRP C 142 -36.59 -1.38 -4.36
CA TRP C 142 -37.59 -1.11 -3.33
C TRP C 142 -37.72 0.36 -2.94
N ALA C 143 -36.61 1.08 -2.81
CA ALA C 143 -36.68 2.49 -2.39
C ALA C 143 -37.46 3.38 -3.38
N LYS C 144 -37.41 3.06 -4.66
CA LYS C 144 -38.23 3.71 -5.66
C LYS C 144 -39.75 3.68 -5.43
N GLU C 145 -40.25 2.79 -4.55
CA GLU C 145 -41.66 2.71 -4.18
C GLU C 145 -41.95 3.02 -2.76
N ARG C 146 -41.01 3.65 -2.05
CA ARG C 146 -41.21 3.88 -0.63
C ARG C 146 -42.31 4.84 -0.27
N PRO C 147 -42.83 4.75 0.98
CA PRO C 147 -43.79 5.69 1.47
C PRO C 147 -43.19 7.08 1.62
N GLU C 148 -43.89 8.11 1.15
CA GLU C 148 -43.38 9.45 1.23
C GLU C 148 -43.35 9.90 2.67
N ALA C 149 -42.41 10.78 2.96
CA ALA C 149 -42.28 11.27 4.32
C ALA C 149 -43.41 12.22 4.67
N ILE C 150 -44.10 11.97 5.80
CA ILE C 150 -45.18 12.86 6.23
C ILE C 150 -44.94 13.54 7.56
N GLN C 151 -45.51 14.75 7.67
CA GLN C 151 -45.33 15.55 8.84
C GLN C 151 -45.92 14.91 10.14
N ASP C 152 -46.96 14.08 10.01
CA ASP C 152 -47.61 13.48 11.19
C ASP C 152 -46.64 12.78 12.18
N PHE C 153 -45.62 12.17 11.61
CA PHE C 153 -44.64 11.40 12.38
C PHE C 153 -43.20 12.01 12.29
N ASP C 154 -43.11 13.29 11.92
CA ASP C 154 -41.81 13.98 11.81
C ASP C 154 -40.82 13.24 10.89
N GLN C 155 -41.33 12.68 9.83
CA GLN C 155 -40.54 11.87 8.89
C GLN C 155 -39.63 12.68 7.99
N GLY C 156 -38.52 12.06 7.60
CA GLY C 156 -37.58 12.60 6.63
C GLY C 156 -36.57 11.54 6.42
N TYR C 157 -36.63 10.83 5.29
CA TYR C 157 -35.67 9.73 5.06
C TYR C 157 -34.33 10.16 4.49
N VAL C 158 -33.31 9.40 4.88
CA VAL C 158 -31.96 9.60 4.31
C VAL C 158 -31.91 9.10 2.88
N THR C 159 -30.90 9.52 2.12
CA THR C 159 -30.77 8.98 0.78
C THR C 159 -30.53 7.46 0.83
N PRO C 160 -30.85 6.77 -0.29
CA PRO C 160 -30.58 5.34 -0.28
C PRO C 160 -29.17 4.97 0.04
N GLU C 161 -28.21 5.73 -0.47
CA GLU C 161 -26.83 5.39 -0.19
C GLU C 161 -26.52 5.59 1.29
N SER C 162 -27.17 6.56 1.94
CA SER C 162 -27.02 6.75 3.38
C SER C 162 -27.50 5.53 4.17
N THR C 163 -28.65 4.98 3.79
CA THR C 163 -29.16 3.80 4.49
C THR C 163 -28.22 2.67 4.32
N LEU C 164 -27.81 2.45 3.07
CA LEU C 164 -26.94 1.34 2.83
C LEU C 164 -25.59 1.50 3.52
N ALA C 165 -25.06 2.72 3.55
CA ALA C 165 -23.79 2.94 4.27
C ALA C 165 -23.92 2.69 5.79
N ARG C 166 -25.07 3.06 6.39
CA ARG C 166 -25.37 2.79 7.81
C ARG C 166 -25.34 1.28 8.07
N VAL C 167 -26.01 0.55 7.21
CA VAL C 167 -26.01 -0.92 7.31
C VAL C 167 -24.58 -1.46 7.11
N ALA C 168 -23.82 -0.86 6.17
CA ALA C 168 -22.42 -1.24 5.94
C ALA C 168 -21.50 -1.07 7.18
N LEU C 169 -21.73 -0.05 7.99
CA LEU C 169 -20.99 0.21 9.18
C LEU C 169 -21.24 -0.94 10.15
N ALA C 170 -22.49 -1.34 10.23
CA ALA C 170 -22.88 -2.48 11.07
C ALA C 170 -22.29 -3.81 10.59
N TRP C 171 -22.22 -3.98 9.26
CA TRP C 171 -21.55 -5.14 8.70
C TRP C 171 -20.11 -5.17 9.13
N ASN C 172 -19.42 -4.06 8.88
CA ASN C 172 -17.98 -3.96 9.28
C ASN C 172 -17.71 -4.25 10.74
N TRP C 173 -18.63 -3.90 11.63
CA TRP C 173 -18.51 -4.14 13.05
C TRP C 173 -19.06 -5.47 13.58
N GLY C 174 -19.44 -6.35 12.68
CA GLY C 174 -19.92 -7.67 13.08
C GLY C 174 -21.24 -7.66 13.81
N ASP C 175 -22.07 -6.65 13.50
CA ASP C 175 -23.34 -6.49 14.20
C ASP C 175 -24.55 -6.98 13.44
N LEU C 176 -24.34 -7.67 12.31
CA LEU C 176 -25.45 -8.22 11.53
C LEU C 176 -25.46 -9.72 11.42
N GLU C 177 -24.32 -10.30 11.09
CA GLU C 177 -24.28 -11.71 10.73
C GLU C 177 -24.72 -12.62 11.88
N GLY C 178 -25.79 -13.36 11.65
CA GLY C 178 -26.38 -14.16 12.70
C GLY C 178 -27.01 -13.45 13.84
N LYS C 179 -27.18 -12.11 13.79
CA LYS C 179 -27.68 -11.37 14.91
C LYS C 179 -29.19 -11.02 14.82
N GLU C 180 -29.80 -10.72 15.95
CA GLU C 180 -31.16 -10.33 16.04
C GLU C 180 -31.09 -8.79 16.05
N VAL C 181 -31.79 -8.16 15.10
CA VAL C 181 -31.67 -6.71 14.85
C VAL C 181 -33.04 -6.04 15.06
N LEU C 182 -33.10 -5.00 15.89
CA LEU C 182 -34.26 -4.17 16.05
C LEU C 182 -34.04 -2.82 15.37
N VAL C 183 -35.08 -2.32 14.71
CA VAL C 183 -35.05 -0.94 14.14
C VAL C 183 -36.17 -0.20 14.79
N LEU C 184 -35.85 0.89 15.46
CA LEU C 184 -36.84 1.70 16.12
C LEU C 184 -37.16 2.96 15.28
N GLY C 185 -38.29 2.91 14.55
CA GLY C 185 -38.65 3.95 13.57
C GLY C 185 -37.92 3.59 12.26
N ASP C 186 -38.66 3.57 11.12
CA ASP C 186 -38.04 3.11 9.87
C ASP C 186 -38.40 3.71 8.53
N ASP C 187 -38.61 5.01 8.53
CA ASP C 187 -38.74 5.72 7.25
C ASP C 187 -37.52 5.54 6.39
N ASP C 188 -36.34 5.35 7.00
CA ASP C 188 -35.09 5.12 6.24
C ASP C 188 -34.96 3.74 5.57
N LEU C 189 -35.80 2.78 6.00
CA LEU C 189 -35.85 1.44 5.48
C LEU C 189 -34.60 0.67 5.81
N THR C 190 -34.00 1.02 6.94
CA THR C 190 -32.78 0.33 7.46
C THR C 190 -33.02 -1.15 7.66
N GLY C 191 -34.22 -1.50 8.11
CA GLY C 191 -34.54 -2.92 8.38
C GLY C 191 -34.52 -3.73 7.10
N LEU C 192 -35.00 -3.10 6.04
CA LEU C 192 -35.02 -3.71 4.72
C LEU C 192 -33.63 -3.85 4.12
N ALA C 193 -32.81 -2.78 4.15
CA ALA C 193 -31.40 -2.93 3.74
C ALA C 193 -30.63 -4.00 4.52
N ALA C 194 -30.82 -4.04 5.82
CA ALA C 194 -30.18 -5.05 6.65
C ALA C 194 -30.64 -6.44 6.26
N ALA C 195 -31.95 -6.63 6.12
CA ALA C 195 -32.46 -7.97 5.77
C ALA C 195 -31.95 -8.45 4.40
N LEU C 196 -31.86 -7.53 3.44
CA LEU C 196 -31.43 -7.86 2.11
C LEU C 196 -29.97 -8.34 2.04
N THR C 197 -29.12 -7.99 3.02
CA THR C 197 -27.74 -8.49 3.00
C THR C 197 -27.68 -9.98 3.15
N GLY C 198 -28.77 -10.55 3.64
CA GLY C 198 -28.82 -11.98 4.00
C GLY C 198 -28.05 -12.33 5.25
N LEU C 199 -27.53 -11.32 5.97
CA LEU C 199 -26.72 -11.61 7.16
C LEU C 199 -27.51 -11.86 8.44
N PRO C 200 -28.47 -11.01 8.81
CA PRO C 200 -29.14 -11.18 10.11
C PRO C 200 -29.96 -12.47 10.31
N LYS C 201 -30.05 -12.90 11.55
CA LYS C 201 -30.91 -14.01 11.86
C LYS C 201 -32.36 -13.54 11.74
N ARG C 202 -32.69 -12.39 12.33
CA ARG C 202 -34.04 -11.81 12.21
C ARG C 202 -33.91 -10.32 12.30
N VAL C 203 -34.77 -9.58 11.59
CA VAL C 203 -34.91 -8.15 11.72
C VAL C 203 -36.36 -7.82 12.15
N VAL C 204 -36.52 -7.10 13.24
CA VAL C 204 -37.80 -6.65 13.70
C VAL C 204 -37.81 -5.13 13.61
N VAL C 205 -38.85 -4.57 13.00
CA VAL C 205 -38.97 -3.09 12.95
C VAL C 205 -40.17 -2.67 13.70
N LEU C 206 -40.07 -1.59 14.46
CA LEU C 206 -41.18 -0.90 15.08
C LEU C 206 -41.38 0.50 14.54
N ASP C 207 -42.65 0.90 14.24
CA ASP C 207 -42.88 2.25 13.82
C ASP C 207 -44.33 2.61 14.14
N ALA C 208 -44.59 3.88 14.43
CA ALA C 208 -45.95 4.38 14.67
C ALA C 208 -46.81 4.48 13.40
N ASP C 209 -46.18 4.60 12.23
CA ASP C 209 -46.86 4.77 10.96
C ASP C 209 -47.14 3.47 10.27
N PRO C 210 -48.45 3.10 10.14
CA PRO C 210 -48.81 1.88 9.47
C PRO C 210 -48.39 1.77 8.06
N ARG C 211 -48.13 2.88 7.40
CA ARG C 211 -47.59 2.80 6.03
C ARG C 211 -46.24 2.17 5.94
N ILE C 212 -45.38 2.58 6.87
CA ILE C 212 -44.03 2.02 6.93
C ILE C 212 -44.06 0.53 7.27
N VAL C 213 -44.86 0.18 8.25
CA VAL C 213 -44.98 -1.24 8.64
C VAL C 213 -45.48 -2.08 7.46
N ARG C 214 -46.53 -1.62 6.77
CA ARG C 214 -47.13 -2.41 5.68
CA ARG C 214 -47.11 -2.40 5.67
C ARG C 214 -46.15 -2.56 4.50
N PHE C 215 -45.43 -1.47 4.17
CA PHE C 215 -44.44 -1.55 3.13
C PHE C 215 -43.34 -2.61 3.48
N LEU C 216 -42.85 -2.57 4.71
CA LEU C 216 -41.86 -3.53 5.16
C LEU C 216 -42.36 -4.97 5.13
N GLU C 217 -43.57 -5.17 5.60
CA GLU C 217 -44.20 -6.49 5.50
C GLU C 217 -44.30 -6.95 4.06
N ARG C 218 -44.67 -6.03 3.17
CA ARG C 218 -44.82 -6.33 1.76
C ARG C 218 -43.47 -6.80 1.18
N ALA C 219 -42.38 -6.04 1.40
CA ALA C 219 -41.07 -6.41 0.93
C ALA C 219 -40.53 -7.71 1.52
N ALA C 220 -40.84 -7.95 2.79
CA ALA C 220 -40.39 -9.19 3.42
C ALA C 220 -41.06 -10.38 2.77
N LYS C 221 -42.37 -10.29 2.50
CA LYS C 221 -43.05 -11.45 1.92
C LYS C 221 -42.54 -11.63 0.52
N ALA C 222 -42.45 -10.54 -0.22
CA ALA C 222 -42.03 -10.60 -1.62
C ALA C 222 -40.62 -11.12 -1.80
N GLU C 223 -39.72 -10.74 -0.90
CA GLU C 223 -38.36 -11.18 -1.02
C GLU C 223 -38.02 -12.43 -0.17
N GLY C 224 -38.93 -12.92 0.66
CA GLY C 224 -38.70 -14.07 1.52
C GLY C 224 -37.64 -13.82 2.59
N LEU C 225 -37.73 -12.70 3.30
CA LEU C 225 -36.73 -12.32 4.25
C LEU C 225 -37.24 -12.53 5.67
N PRO C 226 -36.34 -12.76 6.63
CA PRO C 226 -36.70 -12.87 8.02
C PRO C 226 -36.82 -11.48 8.60
N LEU C 227 -37.83 -10.76 8.13
CA LEU C 227 -38.07 -9.39 8.50
C LEU C 227 -39.54 -9.26 8.88
N GLU C 228 -39.79 -8.61 10.00
CA GLU C 228 -41.15 -8.33 10.39
C GLU C 228 -41.27 -6.93 10.92
N ALA C 229 -42.46 -6.37 10.80
CA ALA C 229 -42.73 -5.02 11.33
C ALA C 229 -44.00 -4.96 12.08
N HIS C 230 -44.07 -4.07 13.07
CA HIS C 230 -45.21 -3.93 13.94
C HIS C 230 -45.48 -2.46 14.22
N VAL C 231 -46.75 -2.09 14.22
CA VAL C 231 -47.20 -0.78 14.59
C VAL C 231 -47.08 -0.65 16.07
N HIS C 232 -46.29 0.32 16.48
CA HIS C 232 -46.02 0.57 17.92
C HIS C 232 -45.63 1.99 18.14
N ASP C 233 -46.27 2.66 19.09
CA ASP C 233 -45.92 4.01 19.46
C ASP C 233 -44.88 3.94 20.57
N LEU C 234 -43.71 4.54 20.32
CA LEU C 234 -42.54 4.32 21.22
C LEU C 234 -42.69 5.08 22.53
N ARG C 235 -43.70 5.91 22.63
CA ARG C 235 -44.01 6.50 23.93
C ARG C 235 -44.58 5.47 24.91
N GLU C 236 -45.21 4.45 24.39
CA GLU C 236 -45.74 3.40 25.23
C GLU C 236 -44.57 2.45 25.59
N PRO C 237 -44.71 1.75 26.73
CA PRO C 237 -43.77 0.66 27.09
C PRO C 237 -43.45 -0.27 25.96
N LEU C 238 -42.19 -0.68 25.91
CA LEU C 238 -41.76 -1.71 25.00
C LEU C 238 -42.39 -3.01 25.50
N PRO C 239 -43.12 -3.75 24.64
CA PRO C 239 -43.65 -5.06 24.97
C PRO C 239 -42.52 -6.01 25.40
N GLU C 240 -42.82 -6.81 26.43
CA GLU C 240 -41.85 -7.70 27.03
C GLU C 240 -41.09 -8.55 26.08
N ALA C 241 -41.70 -9.02 25.02
CA ALA C 241 -40.99 -9.90 24.14
C ALA C 241 -39.76 -9.23 23.56
N TRP C 242 -39.78 -7.92 23.44
CA TRP C 242 -38.66 -7.24 22.83
C TRP C 242 -37.65 -6.69 23.82
N VAL C 243 -37.92 -6.83 25.13
CA VAL C 243 -37.04 -6.34 26.14
C VAL C 243 -35.86 -7.30 26.28
N HIS C 244 -34.64 -6.75 26.27
CA HIS C 244 -33.44 -7.58 26.29
C HIS C 244 -33.43 -8.80 25.37
N ALA C 245 -33.83 -8.62 24.13
CA ALA C 245 -33.97 -9.63 23.17
C ALA C 245 -33.16 -9.51 21.93
N PHE C 246 -32.43 -8.40 21.77
CA PHE C 246 -31.73 -8.18 20.50
C PHE C 246 -30.24 -7.98 20.70
N HIS C 247 -29.47 -8.20 19.63
CA HIS C 247 -28.07 -7.92 19.63
C HIS C 247 -27.68 -6.55 19.07
N THR C 248 -28.53 -5.95 18.29
CA THR C 248 -28.19 -4.73 17.54
C THR C 248 -29.45 -3.93 17.40
N PHE C 249 -29.41 -2.62 17.64
CA PHE C 249 -30.52 -1.78 17.23
C PHE C 249 -30.05 -0.66 16.28
N PHE C 250 -31.00 -0.16 15.49
CA PHE C 250 -30.78 1.05 14.72
C PHE C 250 -31.90 2.02 15.00
N THR C 251 -31.59 3.29 15.18
CA THR C 251 -32.68 4.31 15.26
C THR C 251 -32.18 5.66 14.76
N ASP C 252 -33.11 6.49 14.32
CA ASP C 252 -32.78 7.87 13.79
C ASP C 252 -33.79 8.78 14.38
N PRO C 253 -33.57 9.14 15.65
CA PRO C 253 -34.69 9.59 16.50
C PRO C 253 -35.04 11.05 16.52
N VAL C 254 -36.26 11.33 17.02
CA VAL C 254 -36.56 12.70 17.45
C VAL C 254 -35.56 13.12 18.56
N GLU C 255 -35.07 14.34 18.53
CA GLU C 255 -33.84 14.76 19.29
C GLU C 255 -34.07 15.64 20.48
N GLY C 256 -35.32 15.87 20.87
CA GLY C 256 -35.58 16.39 22.23
C GLY C 256 -35.23 15.28 23.24
N PRO C 257 -34.98 15.64 24.49
CA PRO C 257 -34.58 14.61 25.48
C PRO C 257 -35.55 13.49 25.64
N LEU C 258 -36.84 13.81 25.57
CA LEU C 258 -37.89 12.78 25.69
C LEU C 258 -37.91 11.94 24.46
N GLY C 259 -37.58 12.53 23.30
CA GLY C 259 -37.50 11.74 22.08
C GLY C 259 -36.31 10.81 22.13
N LEU C 260 -35.21 11.26 22.73
CA LEU C 260 -34.04 10.36 22.86
C LEU C 260 -34.36 9.22 23.84
N GLN C 261 -35.08 9.55 24.88
CA GLN C 261 -35.50 8.48 25.81
C GLN C 261 -36.43 7.46 25.16
N ALA C 262 -37.41 7.95 24.40
CA ALA C 262 -38.35 7.10 23.73
C ALA C 262 -37.75 6.23 22.63
N PHE C 263 -36.74 6.72 21.93
CA PHE C 263 -36.18 5.97 20.82
C PHE C 263 -34.90 5.23 21.31
N VAL C 264 -33.89 5.98 21.79
CA VAL C 264 -32.60 5.43 22.20
C VAL C 264 -32.69 4.66 23.53
N GLY C 265 -33.33 5.22 24.55
CA GLY C 265 -33.60 4.44 25.82
C GLY C 265 -34.30 3.11 25.59
N ARG C 266 -35.30 3.06 24.71
CA ARG C 266 -35.97 1.79 24.35
C ARG C 266 -35.04 0.89 23.59
N GLY C 267 -34.21 1.46 22.71
CA GLY C 267 -33.18 0.64 22.08
C GLY C 267 -32.23 -0.03 23.08
N LEU C 268 -31.78 0.74 24.09
CA LEU C 268 -30.79 0.25 25.08
C LEU C 268 -31.47 -0.90 25.91
N LEU C 269 -32.76 -0.70 26.21
CA LEU C 269 -33.56 -1.73 26.91
C LEU C 269 -33.71 -2.96 26.08
N ALA C 270 -33.81 -2.79 24.79
CA ALA C 270 -34.04 -3.90 23.90
C ALA C 270 -32.81 -4.78 23.74
N LEU C 271 -31.59 -4.28 24.02
CA LEU C 271 -30.39 -5.06 23.80
C LEU C 271 -30.25 -6.09 24.96
N GLU C 272 -29.75 -7.25 24.61
CA GLU C 272 -29.54 -8.32 25.64
C GLU C 272 -28.64 -7.88 26.73
N GLY C 273 -27.55 -7.22 26.36
CA GLY C 273 -26.63 -6.75 27.36
C GLY C 273 -25.23 -6.56 26.88
N GLU C 274 -24.25 -6.98 27.66
CA GLU C 274 -22.83 -6.78 27.29
C GLU C 274 -22.53 -7.26 25.88
N GLY C 275 -21.84 -6.45 25.06
CA GLY C 275 -21.48 -6.88 23.74
C GLY C 275 -22.47 -6.55 22.60
N CYS C 276 -23.67 -6.08 22.96
CA CYS C 276 -24.72 -5.63 22.00
C CYS C 276 -24.46 -4.19 21.56
N ALA C 277 -24.95 -3.81 20.39
CA ALA C 277 -24.58 -2.58 19.77
C ALA C 277 -25.80 -1.78 19.42
N GLY C 278 -25.62 -0.47 19.37
CA GLY C 278 -26.68 0.41 18.87
C GLY C 278 -26.11 1.47 17.88
N TYR C 279 -26.94 1.83 16.91
CA TYR C 279 -26.56 2.79 15.86
C TYR C 279 -27.59 3.89 15.90
N VAL C 280 -27.13 5.14 16.03
CA VAL C 280 -28.00 6.26 16.29
C VAL C 280 -27.63 7.42 15.40
N GLY C 281 -28.64 7.99 14.73
CA GLY C 281 -28.43 9.25 13.94
C GLY C 281 -28.60 10.48 14.77
N LEU C 282 -27.72 11.47 14.61
CA LEU C 282 -27.75 12.64 15.49
C LEU C 282 -27.34 13.86 14.71
N THR C 283 -28.18 14.87 14.70
CA THR C 283 -27.90 16.08 13.85
C THR C 283 -27.23 17.16 14.64
N HIS C 284 -26.68 18.17 13.94
CA HIS C 284 -26.43 19.47 14.57
C HIS C 284 -27.65 20.38 14.34
N VAL C 285 -28.29 20.21 13.21
CA VAL C 285 -29.47 21.06 12.82
C VAL C 285 -30.49 21.21 14.01
N GLU C 286 -30.73 20.13 14.73
CA GLU C 286 -31.66 20.17 15.81
C GLU C 286 -31.12 19.72 17.16
N ALA C 287 -29.83 19.82 17.36
CA ALA C 287 -29.18 19.42 18.60
C ALA C 287 -27.87 20.18 18.80
N SER C 288 -27.79 20.97 19.86
CA SER C 288 -26.58 21.75 20.24
C SER C 288 -25.50 20.87 20.78
N LEU C 289 -24.27 21.34 20.80
CA LEU C 289 -23.19 20.54 21.42
C LEU C 289 -23.44 20.28 22.91
N ALA C 290 -24.12 21.22 23.60
CA ALA C 290 -24.52 20.97 24.98
C ALA C 290 -25.41 19.74 25.10
N LYS C 291 -26.41 19.66 24.23
CA LYS C 291 -27.27 18.49 24.20
C LYS C 291 -26.46 17.23 23.73
N TRP C 292 -25.57 17.36 22.76
CA TRP C 292 -24.70 16.20 22.45
C TRP C 292 -23.96 15.66 23.70
N ALA C 293 -23.42 16.55 24.53
CA ALA C 293 -22.71 16.10 25.73
C ALA C 293 -23.66 15.45 26.71
N ASP C 294 -24.86 16.01 26.85
CA ASP C 294 -25.86 15.39 27.75
C ASP C 294 -26.23 14.00 27.26
N PHE C 295 -26.38 13.83 25.96
CA PHE C 295 -26.67 12.54 25.39
C PHE C 295 -25.50 11.51 25.58
N GLN C 296 -24.28 11.97 25.38
CA GLN C 296 -23.10 11.15 25.60
C GLN C 296 -23.01 10.72 27.08
N ARG C 297 -23.36 11.64 27.99
CA ARG C 297 -23.34 11.33 29.41
C ARG C 297 -24.44 10.33 29.74
N PHE C 298 -25.62 10.48 29.13
CA PHE C 298 -26.70 9.49 29.24
C PHE C 298 -26.26 8.11 28.78
N LEU C 299 -25.57 8.03 27.65
CA LEU C 299 -25.06 6.75 27.23
C LEU C 299 -24.03 6.17 28.20
N LEU C 300 -23.05 6.97 28.63
CA LEU C 300 -22.01 6.36 29.50
C LEU C 300 -22.59 5.91 30.83
N GLU C 301 -23.53 6.69 31.38
CA GLU C 301 -24.12 6.33 32.68
C GLU C 301 -24.95 5.11 32.64
N ASN C 302 -25.39 4.68 31.47
CA ASN C 302 -26.25 3.52 31.33
C ASN C 302 -25.55 2.30 30.71
N GLY C 303 -24.23 2.31 30.74
CA GLY C 303 -23.42 1.17 30.41
C GLY C 303 -22.85 1.07 29.02
N ALA C 304 -23.02 2.10 28.20
CA ALA C 304 -22.53 2.10 26.80
C ALA C 304 -21.21 2.85 26.67
N VAL C 305 -20.53 2.60 25.56
CA VAL C 305 -19.36 3.32 25.18
C VAL C 305 -19.55 3.64 23.71
N ILE C 306 -19.08 4.79 23.25
CA ILE C 306 -19.13 5.13 21.85
C ILE C 306 -17.89 4.60 21.12
N THR C 307 -18.09 3.88 20.05
CA THR C 307 -16.99 3.37 19.27
C THR C 307 -16.86 4.01 17.90
N GLU C 308 -17.86 4.66 17.36
CA GLU C 308 -17.76 5.40 16.11
C GLU C 308 -18.67 6.61 16.26
N LEU C 309 -18.22 7.77 15.79
CA LEU C 309 -19.06 8.95 15.63
C LEU C 309 -18.64 9.64 14.36
N ARG C 310 -19.32 9.31 13.27
CA ARG C 310 -19.00 9.87 11.96
C ARG C 310 -19.92 11.01 11.63
N ASP C 311 -19.42 12.23 11.73
CA ASP C 311 -20.29 13.41 11.55
C ASP C 311 -20.60 13.60 10.08
N GLY C 312 -21.82 14.05 9.77
CA GLY C 312 -22.32 14.23 8.40
C GLY C 312 -22.38 12.98 7.57
N PHE C 313 -22.60 11.84 8.21
CA PHE C 313 -22.59 10.60 7.52
C PHE C 313 -23.89 10.45 6.68
N HIS C 314 -25.01 10.81 7.28
CA HIS C 314 -26.29 10.68 6.56
C HIS C 314 -26.64 12.00 5.87
N VAL C 315 -27.10 11.88 4.62
CA VAL C 315 -27.69 12.99 3.87
C VAL C 315 -29.17 12.70 3.73
N TYR C 316 -30.05 13.70 3.91
CA TYR C 316 -31.48 13.48 3.94
C TYR C 316 -32.10 14.02 2.67
N GLU C 317 -33.08 13.30 2.16
CA GLU C 317 -33.83 13.83 1.02
C GLU C 317 -34.79 14.86 1.54
N ASN C 318 -34.97 15.91 0.75
CA ASN C 318 -35.92 16.94 1.09
C ASN C 318 -37.36 16.40 1.17
N TRP C 319 -38.10 16.86 2.17
CA TRP C 319 -39.41 16.36 2.50
C TRP C 319 -40.41 17.36 1.94
N GLY C 320 -41.59 16.88 1.52
CA GLY C 320 -42.57 17.78 0.94
C GLY C 320 -43.22 18.85 1.81
N TYR C 321 -43.21 18.69 3.12
CA TYR C 321 -43.86 19.60 4.00
C TYR C 321 -42.95 20.66 4.56
N ILE C 322 -41.82 20.91 3.91
CA ILE C 322 -40.89 21.94 4.38
C ILE C 322 -41.52 23.31 4.69
N GLU C 323 -42.51 23.72 3.88
CA GLU C 323 -43.16 25.03 4.13
C GLU C 323 -44.11 25.05 5.33
N GLN C 324 -44.42 23.89 5.85
CA GLN C 324 -45.24 23.81 7.03
C GLN C 324 -44.44 23.50 8.24
N MET C 325 -43.10 23.49 8.15
CA MET C 325 -42.33 23.12 9.35
C MET C 325 -42.18 24.27 10.28
N ARG C 326 -41.89 23.97 11.53
CA ARG C 326 -41.84 25.03 12.53
C ARG C 326 -41.03 26.28 12.15
N ALA C 327 -39.82 26.06 11.67
CA ALA C 327 -38.95 27.18 11.39
C ALA C 327 -39.26 27.99 10.15
N TRP C 328 -40.04 27.46 9.22
CA TRP C 328 -40.27 28.12 7.98
C TRP C 328 -40.64 29.64 8.05
N PRO C 329 -41.62 30.02 8.89
CA PRO C 329 -42.00 31.46 9.00
C PRO C 329 -40.83 32.36 9.49
N TRP C 330 -39.88 31.77 10.19
CA TRP C 330 -38.73 32.47 10.72
C TRP C 330 -37.58 32.66 9.82
N LEU C 331 -37.48 31.94 8.72
CA LEU C 331 -36.32 31.95 7.86
C LEU C 331 -36.18 33.32 7.21
N PRO C 332 -34.97 33.88 7.16
CA PRO C 332 -34.83 35.23 6.58
C PRO C 332 -34.97 35.25 5.10
N VAL C 333 -34.68 34.15 4.45
CA VAL C 333 -34.95 33.91 3.04
C VAL C 333 -35.80 32.64 2.94
N LYS C 334 -36.87 32.65 2.15
CA LYS C 334 -37.75 31.48 2.05
C LYS C 334 -37.82 31.05 0.62
N ARG C 335 -37.11 29.98 0.30
CA ARG C 335 -37.13 29.36 -1.00
C ARG C 335 -36.98 27.86 -0.83
N ARG C 336 -37.81 27.09 -1.52
CA ARG C 336 -37.75 25.63 -1.39
C ARG C 336 -36.33 25.14 -1.74
N PRO C 337 -35.76 24.22 -0.94
CA PRO C 337 -34.42 23.70 -1.31
C PRO C 337 -34.47 22.87 -2.54
N GLU C 338 -33.44 22.94 -3.36
CA GLU C 338 -33.37 22.14 -4.60
C GLU C 338 -32.31 21.03 -4.47
N LYS C 339 -31.55 21.04 -3.40
CA LYS C 339 -30.60 19.94 -3.19
C LYS C 339 -30.53 19.62 -1.73
N PRO C 340 -29.88 18.49 -1.39
CA PRO C 340 -29.84 18.19 0.07
C PRO C 340 -29.08 19.18 0.94
N TRP C 341 -29.56 19.36 2.16
CA TRP C 341 -28.97 20.26 3.11
C TRP C 341 -28.93 19.71 4.54
N TYR C 342 -29.86 18.82 4.88
CA TYR C 342 -30.03 18.35 6.23
C TYR C 342 -29.24 17.07 6.32
N THR C 343 -28.36 16.99 7.30
CA THR C 343 -27.42 15.87 7.46
C THR C 343 -27.33 15.44 8.91
N SER C 344 -26.86 14.25 9.16
CA SER C 344 -26.73 13.79 10.56
C SER C 344 -25.52 12.87 10.71
N ALA C 345 -25.03 12.78 11.93
CA ALA C 345 -23.91 11.90 12.31
C ALA C 345 -24.43 10.49 12.51
N LEU C 346 -23.61 9.50 12.29
CA LEU C 346 -23.91 8.10 12.71
C LEU C 346 -23.02 7.73 13.90
N ILE C 347 -23.65 7.33 15.01
CA ILE C 347 -22.99 6.94 16.20
C ILE C 347 -23.10 5.44 16.35
N ARG C 348 -22.02 4.76 16.68
CA ARG C 348 -22.13 3.38 17.12
C ARG C 348 -21.78 3.33 18.59
N LEU C 349 -22.64 2.69 19.35
CA LEU C 349 -22.37 2.42 20.76
C LEU C 349 -22.35 0.94 20.99
N GLU C 350 -21.60 0.55 22.03
CA GLU C 350 -21.57 -0.87 22.45
C GLU C 350 -21.83 -0.89 23.92
N LEU C 351 -22.58 -1.89 24.39
CA LEU C 351 -22.78 -2.03 25.85
C LEU C 351 -21.66 -2.76 26.50
N LEU C 352 -21.22 -2.25 27.66
CA LEU C 352 -20.20 -2.93 28.47
C LEU C 352 -20.94 -3.80 29.53
N ARG C 353 -22.19 -3.48 29.76
CA ARG C 353 -23.09 -4.25 30.63
C ARG C 353 -24.52 -4.02 30.26
N ARG C 354 -25.42 -4.84 30.79
N ARG C 354 -25.43 -4.86 30.77
CA ARG C 354 -26.83 -4.69 30.46
CA ARG C 354 -26.87 -4.74 30.51
C ARG C 354 -27.39 -3.36 30.94
C ARG C 354 -27.40 -3.37 30.94
N ALA C 355 -28.22 -2.72 30.12
CA ALA C 355 -28.83 -1.46 30.49
C ALA C 355 -30.20 -1.75 31.13
N ASP C 356 -30.38 -1.48 32.42
CA ASP C 356 -31.64 -1.90 33.07
C ASP C 356 -32.60 -0.76 33.25
N LEU C 357 -32.85 -0.04 32.17
CA LEU C 357 -33.61 1.19 32.21
C LEU C 357 -35.05 0.83 32.47
N GLU C 358 -35.80 1.78 33.00
CA GLU C 358 -37.22 1.53 33.21
C GLU C 358 -37.97 1.55 31.87
N ASN C 359 -39.03 0.78 31.81
CA ASN C 359 -39.84 0.64 30.63
C ASN C 359 -41.20 1.36 30.83
N ALA C 360 -41.12 2.64 31.03
CA ALA C 360 -42.28 3.43 31.45
C ALA C 360 -42.81 4.26 30.26
N ARG C 361 -44.07 4.62 30.36
CA ARG C 361 -44.68 5.57 29.39
C ARG C 361 -43.90 6.89 29.36
N VAL C 362 -43.67 7.45 28.18
CA VAL C 362 -43.02 8.74 28.07
C VAL C 362 -44.13 9.71 27.77
N GLU C 363 -44.33 10.67 28.66
CA GLU C 363 -45.37 11.64 28.51
C GLU C 363 -44.72 12.96 28.19
N GLY C 364 -45.36 13.73 27.36
CA GLY C 364 -44.82 15.02 26.99
C GLY C 364 -44.15 14.99 25.63
N ASP C 365 -43.77 16.19 25.23
CA ASP C 365 -43.41 16.46 23.88
C ASP C 365 -42.07 15.81 23.57
N LEU C 366 -41.96 15.05 22.50
CA LEU C 366 -40.66 14.45 22.13
C LEU C 366 -39.71 15.50 21.59
N GLN C 367 -40.23 16.58 21.02
CA GLN C 367 -39.41 17.69 20.50
C GLN C 367 -39.20 18.65 21.60
N ASP C 368 -38.15 19.44 21.47
CA ASP C 368 -37.81 20.45 22.44
C ASP C 368 -37.68 21.80 21.74
N GLU C 369 -37.18 22.78 22.46
CA GLU C 369 -37.02 24.13 21.93
C GLU C 369 -36.05 24.19 20.72
N GLU C 370 -35.07 23.31 20.69
CA GLU C 370 -34.12 23.24 19.58
C GLU C 370 -34.64 22.60 18.35
N ALA C 371 -35.79 21.94 18.41
CA ALA C 371 -36.34 21.29 17.24
C ALA C 371 -36.99 22.33 16.37
N THR C 372 -36.80 22.22 15.06
CA THR C 372 -37.28 23.22 14.07
C THR C 372 -37.86 22.63 12.82
N THR C 373 -37.73 21.34 12.57
CA THR C 373 -38.21 20.79 11.32
C THR C 373 -39.51 19.95 11.32
N TYR C 374 -40.21 20.00 12.43
CA TYR C 374 -41.42 19.24 12.63
C TYR C 374 -42.67 20.05 12.24
N VAL D 31 -19.10 -25.36 17.66
CA VAL D 31 -18.77 -24.39 18.76
C VAL D 31 -19.96 -23.50 19.10
N ASN D 32 -20.23 -23.35 20.41
CA ASN D 32 -21.37 -22.61 20.88
C ASN D 32 -21.00 -21.31 21.61
N LYS D 33 -21.98 -20.44 21.78
CA LYS D 33 -21.78 -19.15 22.39
C LYS D 33 -21.23 -19.27 23.81
N GLU D 34 -21.64 -20.31 24.56
CA GLU D 34 -21.13 -20.48 25.92
C GLU D 34 -19.58 -20.67 25.96
N ALA D 35 -18.99 -21.28 24.93
CA ALA D 35 -17.52 -21.44 24.89
C ALA D 35 -16.83 -20.09 24.78
N LEU D 36 -17.46 -19.11 24.11
CA LEU D 36 -16.86 -17.77 24.03
C LEU D 36 -16.86 -17.13 25.39
N VAL D 37 -17.98 -17.30 26.14
CA VAL D 37 -18.06 -16.75 27.47
C VAL D 37 -17.03 -17.42 28.44
N GLN D 38 -16.85 -18.73 28.29
CA GLN D 38 -15.94 -19.45 29.15
C GLN D 38 -14.49 -19.05 28.89
N VAL D 39 -14.16 -18.87 27.61
CA VAL D 39 -12.83 -18.42 27.25
C VAL D 39 -12.55 -17.06 27.86
N ALA D 40 -13.46 -16.12 27.70
CA ALA D 40 -13.34 -14.85 28.33
C ALA D 40 -13.13 -14.90 29.83
N GLU D 41 -13.97 -15.71 30.50
CA GLU D 41 -14.02 -15.72 31.94
C GLU D 41 -12.62 -16.28 32.41
N GLU D 42 -12.06 -17.24 31.67
CA GLU D 42 -10.74 -17.83 31.99
C GLU D 42 -9.62 -16.79 31.99
N VAL D 43 -9.65 -15.90 30.99
CA VAL D 43 -8.66 -14.85 30.83
C VAL D 43 -8.86 -13.84 31.94
N ARG D 44 -10.14 -13.54 32.23
N ARG D 44 -10.13 -13.55 32.24
CA ARG D 44 -10.50 -12.61 33.30
CA ARG D 44 -10.46 -12.62 33.31
C ARG D 44 -9.98 -13.12 34.65
C ARG D 44 -9.95 -13.14 34.65
N ARG D 45 -10.17 -14.40 34.94
CA ARG D 45 -9.73 -14.94 36.24
C ARG D 45 -8.19 -15.02 36.38
N ALA D 46 -7.50 -15.20 35.27
CA ALA D 46 -6.04 -15.26 35.24
C ALA D 46 -5.37 -13.90 35.20
N THR D 47 -6.06 -12.85 34.75
CA THR D 47 -5.41 -11.57 34.60
C THR D 47 -5.97 -10.41 35.34
N GLY D 48 -7.23 -10.44 35.75
CA GLY D 48 -7.83 -9.29 36.38
C GLY D 48 -8.25 -8.22 35.37
N LEU D 49 -8.15 -8.51 34.06
CA LEU D 49 -8.43 -7.53 33.02
C LEU D 49 -9.88 -7.61 32.51
N PRO D 50 -10.45 -6.49 32.01
CA PRO D 50 -11.83 -6.54 31.52
C PRO D 50 -12.03 -7.19 30.16
N VAL D 51 -11.81 -8.50 30.09
CA VAL D 51 -11.99 -9.32 28.92
C VAL D 51 -13.44 -9.89 28.88
N GLY D 52 -14.13 -9.59 27.81
CA GLY D 52 -15.57 -10.00 27.61
C GLY D 52 -15.78 -11.01 26.56
N TRP D 53 -16.97 -11.61 26.51
CA TRP D 53 -17.23 -12.58 25.46
C TRP D 53 -17.16 -11.96 24.07
N ARG D 54 -17.53 -10.69 23.95
CA ARG D 54 -17.47 -10.09 22.66
C ARG D 54 -16.03 -9.93 22.12
N ASP D 55 -15.04 -9.84 23.01
CA ASP D 55 -13.65 -9.83 22.58
C ASP D 55 -13.27 -11.17 21.99
N VAL D 56 -13.80 -12.25 22.54
CA VAL D 56 -13.53 -13.56 21.97
C VAL D 56 -14.21 -13.73 20.64
N GLU D 57 -15.44 -13.23 20.52
CA GLU D 57 -16.14 -13.29 19.26
C GLU D 57 -15.37 -12.53 18.20
N ARG D 58 -14.94 -11.35 18.55
CA ARG D 58 -14.10 -10.60 17.57
CA ARG D 58 -14.13 -10.61 17.56
C ARG D 58 -12.80 -11.32 17.15
N THR D 59 -12.15 -11.88 18.15
CA THR D 59 -10.93 -12.66 17.88
C THR D 59 -11.22 -13.74 16.89
N LEU D 60 -12.24 -14.57 17.15
CA LEU D 60 -12.60 -15.65 16.19
C LEU D 60 -13.02 -15.17 14.81
N GLY D 61 -13.78 -14.08 14.81
CA GLY D 61 -14.23 -13.47 13.56
C GLY D 61 -13.09 -13.10 12.65
N ALA D 62 -12.06 -12.48 13.22
CA ALA D 62 -10.91 -12.12 12.44
C ALA D 62 -10.24 -13.35 11.76
N LEU D 63 -10.22 -14.45 12.49
CA LEU D 63 -9.56 -15.67 12.06
C LEU D 63 -10.37 -16.36 10.95
N ARG D 64 -11.62 -16.00 10.72
CA ARG D 64 -12.31 -16.44 9.54
C ARG D 64 -11.80 -15.80 8.30
N ALA D 65 -11.17 -14.61 8.44
CA ALA D 65 -10.66 -13.89 7.25
C ALA D 65 -9.13 -14.03 7.01
N THR D 66 -8.40 -14.43 8.03
CA THR D 66 -6.97 -14.53 7.89
C THR D 66 -6.39 -15.58 8.79
N ARG D 67 -5.20 -16.08 8.40
CA ARG D 67 -4.38 -16.85 9.26
C ARG D 67 -3.13 -16.09 9.67
N ASP D 68 -2.94 -14.87 9.16
CA ASP D 68 -1.78 -14.08 9.53
C ASP D 68 -2.02 -13.42 10.88
N LEU D 69 -1.09 -13.56 11.80
CA LEU D 69 -1.18 -13.01 13.12
C LEU D 69 -1.38 -11.49 13.11
N TRP D 70 -0.59 -10.79 12.33
CA TRP D 70 -0.64 -9.34 12.43
C TRP D 70 -1.95 -8.84 11.83
N GLU D 71 -2.34 -9.42 10.72
CA GLU D 71 -3.65 -9.14 10.13
C GLU D 71 -4.79 -9.45 11.11
N ALA D 72 -4.65 -10.54 11.86
CA ALA D 72 -5.64 -10.90 12.83
C ALA D 72 -5.77 -9.80 13.93
N VAL D 73 -4.62 -9.23 14.35
CA VAL D 73 -4.68 -8.12 15.30
C VAL D 73 -5.42 -6.98 14.70
N ARG D 74 -5.08 -6.61 13.46
CA ARG D 74 -5.72 -5.45 12.84
CA ARG D 74 -5.72 -5.44 12.85
C ARG D 74 -7.23 -5.67 12.71
N LEU D 75 -7.65 -6.86 12.29
CA LEU D 75 -9.07 -7.14 12.08
C LEU D 75 -9.92 -7.26 13.34
N SER D 76 -9.29 -7.55 14.46
CA SER D 76 -9.97 -7.95 15.65
C SER D 76 -10.56 -6.81 16.45
N ARG D 77 -9.95 -5.63 16.44
CA ARG D 77 -10.32 -4.53 17.33
C ARG D 77 -10.26 -4.96 18.82
N VAL D 78 -9.29 -5.82 19.18
CA VAL D 78 -9.19 -6.32 20.55
C VAL D 78 -7.77 -5.96 21.01
N PRO D 79 -7.55 -5.56 22.27
CA PRO D 79 -6.19 -5.30 22.73
C PRO D 79 -5.29 -6.54 22.55
N LEU D 80 -4.03 -6.32 22.11
CA LEU D 80 -3.07 -7.43 21.94
C LEU D 80 -2.86 -8.14 23.28
N ARG D 81 -2.97 -7.41 24.41
CA ARG D 81 -2.79 -8.02 25.72
C ARG D 81 -3.86 -9.09 25.97
N PHE D 82 -5.06 -8.89 25.40
CA PHE D 82 -6.18 -9.84 25.52
C PHE D 82 -6.03 -10.90 24.46
N LEU D 83 -5.62 -10.54 23.26
CA LEU D 83 -5.51 -11.48 22.19
C LEU D 83 -4.62 -12.67 22.48
N VAL D 84 -3.48 -12.43 23.17
CA VAL D 84 -2.53 -13.51 23.39
C VAL D 84 -3.23 -14.60 24.25
N PRO D 85 -3.74 -14.25 25.41
CA PRO D 85 -4.41 -15.34 26.21
C PRO D 85 -5.70 -15.86 25.60
N ILE D 86 -6.48 -15.04 24.85
CA ILE D 86 -7.61 -15.57 24.12
C ILE D 86 -7.22 -16.58 23.07
N TRP D 87 -6.25 -16.25 22.24
CA TRP D 87 -5.73 -17.27 21.30
C TRP D 87 -5.25 -18.56 22.05
N GLU D 88 -4.60 -18.39 23.17
CA GLU D 88 -4.12 -19.57 23.93
C GLU D 88 -5.29 -20.42 24.42
N GLY D 89 -6.33 -19.74 24.89
CA GLY D 89 -7.54 -20.42 25.44
C GLY D 89 -8.28 -21.17 24.36
N LEU D 90 -8.31 -20.59 23.15
CA LEU D 90 -8.88 -21.22 21.99
C LEU D 90 -8.12 -22.44 21.55
N ALA D 91 -6.81 -22.35 21.63
CA ALA D 91 -5.99 -23.50 21.20
C ALA D 91 -6.16 -24.68 22.15
N ARG D 92 -6.29 -24.37 23.44
CA ARG D 92 -6.46 -25.40 24.46
C ARG D 92 -7.72 -26.14 24.23
N ARG D 93 -8.68 -25.55 23.53
CA ARG D 93 -9.96 -26.20 23.32
C ARG D 93 -10.04 -26.88 21.98
N GLY D 94 -8.92 -26.96 21.27
CA GLY D 94 -8.89 -27.49 19.90
C GLY D 94 -9.58 -26.67 18.84
N LEU D 95 -9.89 -25.40 19.11
CA LEU D 95 -10.58 -24.54 18.13
C LEU D 95 -9.62 -23.80 17.21
N LEU D 96 -8.35 -23.75 17.61
CA LEU D 96 -7.33 -23.02 16.89
C LEU D 96 -6.01 -23.81 16.89
N ARG D 97 -5.36 -23.87 15.74
CA ARG D 97 -4.06 -24.48 15.61
C ARG D 97 -3.04 -23.37 15.47
N VAL D 98 -2.00 -23.45 16.27
CA VAL D 98 -0.99 -22.42 16.29
C VAL D 98 0.26 -23.04 15.73
N GLU D 99 0.57 -22.74 14.49
CA GLU D 99 1.79 -23.28 13.89
C GLU D 99 2.54 -22.12 13.17
N GLU D 100 2.57 -22.02 11.83
CA GLU D 100 3.24 -20.87 11.16
C GLU D 100 2.24 -19.74 10.89
N GLY D 101 1.20 -19.67 11.72
CA GLY D 101 -0.04 -18.93 11.45
C GLY D 101 -1.07 -19.36 12.48
N LEU D 102 -2.24 -18.76 12.41
CA LEU D 102 -3.33 -19.06 13.34
C LEU D 102 -4.48 -19.57 12.45
N ASP D 103 -4.73 -20.88 12.52
CA ASP D 103 -5.74 -21.55 11.68
C ASP D 103 -6.90 -22.04 12.52
N LEU D 104 -8.09 -21.50 12.25
CA LEU D 104 -9.32 -21.99 12.89
C LEU D 104 -9.54 -23.41 12.54
N LEU D 105 -9.88 -24.21 13.52
CA LEU D 105 -10.16 -25.65 13.30
C LEU D 105 -11.65 -26.00 13.22
N ALA D 106 -12.51 -25.10 13.67
CA ALA D 106 -13.92 -25.38 13.70
C ALA D 106 -14.77 -24.23 13.12
N GLU D 107 -16.03 -24.55 12.82
CA GLU D 107 -17.02 -23.49 12.51
C GLU D 107 -17.38 -22.79 13.79
N VAL D 108 -17.33 -21.45 13.77
CA VAL D 108 -17.49 -20.70 15.00
C VAL D 108 -18.64 -19.71 14.84
N PRO D 109 -19.32 -19.38 15.95
CA PRO D 109 -20.39 -18.42 15.96
C PRO D 109 -19.82 -17.02 16.04
N ALA D 110 -19.19 -16.60 14.94
CA ALA D 110 -18.56 -15.29 14.92
C ALA D 110 -18.63 -14.64 13.58
N PRO D 111 -19.12 -13.39 13.53
CA PRO D 111 -19.21 -12.70 12.26
C PRO D 111 -17.86 -12.45 11.62
N ARG D 112 -17.77 -12.69 10.34
CA ARG D 112 -16.62 -12.28 9.55
CA ARG D 112 -16.62 -12.28 9.55
C ARG D 112 -16.62 -10.73 9.43
N PRO D 113 -15.47 -10.06 9.66
CA PRO D 113 -15.62 -8.59 9.63
C PRO D 113 -15.90 -8.13 8.21
N GLY D 114 -16.79 -7.15 8.07
CA GLY D 114 -17.23 -6.74 6.75
C GLY D 114 -16.15 -5.94 6.02
N GLU D 115 -16.27 -5.89 4.72
CA GLU D 115 -15.32 -5.22 3.85
C GLU D 115 -15.95 -4.01 3.20
N ALA D 116 -16.65 -3.17 3.97
CA ALA D 116 -17.26 -1.98 3.36
C ALA D 116 -16.48 -0.70 3.37
N ALA D 117 -15.27 -0.71 3.91
CA ALA D 117 -14.47 0.54 3.90
C ALA D 117 -14.21 1.09 2.50
N CYS D 118 -14.36 2.38 2.31
CA CYS D 118 -14.00 3.01 1.03
C CYS D 118 -12.48 2.89 0.78
N PRO D 119 -12.07 2.16 -0.28
CA PRO D 119 -10.61 2.08 -0.48
C PRO D 119 -9.96 3.40 -0.88
N ALA D 120 -10.66 4.37 -1.50
CA ALA D 120 -10.02 5.62 -1.96
C ALA D 120 -9.44 6.42 -0.78
N CYS D 121 -10.09 6.34 0.38
CA CYS D 121 -9.61 7.09 1.57
C CYS D 121 -9.25 6.15 2.69
N GLU D 122 -9.07 4.87 2.34
CA GLU D 122 -8.83 3.80 3.34
C GLU D 122 -9.82 3.89 4.51
N GLY D 123 -11.08 4.13 4.20
CA GLY D 123 -12.11 4.15 5.23
C GLY D 123 -12.17 5.41 6.10
N ARG D 124 -11.40 6.45 5.77
CA ARG D 124 -11.32 7.64 6.66
C ARG D 124 -12.45 8.59 6.41
N GLY D 125 -12.87 8.69 5.15
CA GLY D 125 -13.79 9.70 4.77
C GLY D 125 -13.14 11.01 4.34
N LEU D 126 -11.83 11.12 4.60
CA LEU D 126 -11.05 12.33 4.38
C LEU D 126 -9.81 11.99 3.60
N VAL D 127 -9.36 12.94 2.81
CA VAL D 127 -8.16 12.81 2.09
C VAL D 127 -7.31 14.08 2.20
N GLY D 128 -6.03 13.86 2.30
CA GLY D 128 -5.08 14.93 2.51
C GLY D 128 -4.75 15.76 1.27
N GLU D 129 -5.02 15.21 0.10
CA GLU D 129 -4.55 15.81 -1.13
C GLU D 129 -5.03 17.23 -1.34
N ARG D 130 -6.22 17.58 -0.85
CA ARG D 130 -6.75 18.87 -1.18
C ARG D 130 -6.31 19.95 -0.19
N LEU D 131 -5.42 19.60 0.77
CA LEU D 131 -5.03 20.64 1.77
C LEU D 131 -4.40 21.81 1.06
N PRO D 132 -4.64 23.02 1.54
CA PRO D 132 -4.03 24.21 0.92
C PRO D 132 -2.50 24.23 1.11
N GLY D 133 -1.83 25.16 0.46
CA GLY D 133 -0.39 25.33 0.68
C GLY D 133 0.48 24.23 0.00
N ARG D 134 -0.09 23.46 -0.91
CA ARG D 134 0.52 22.23 -1.39
C ARG D 134 1.03 21.33 -0.25
N ALA D 135 0.29 21.34 0.88
CA ALA D 135 0.81 20.64 2.02
C ALA D 135 1.14 19.18 1.79
N ALA D 136 0.31 18.46 1.08
CA ALA D 136 0.48 17.05 0.94
C ALA D 136 1.76 16.78 0.22
N GLU D 137 1.91 17.44 -0.92
CA GLU D 137 3.18 17.24 -1.69
C GLU D 137 4.45 17.64 -0.93
N ARG D 138 4.44 18.77 -0.24
CA ARG D 138 5.61 19.22 0.51
C ARG D 138 5.96 18.35 1.69
N PHE D 139 4.94 17.89 2.37
CA PHE D 139 5.09 16.98 3.49
C PHE D 139 5.71 15.69 3.09
N LEU D 140 5.27 15.10 1.98
CA LEU D 140 5.82 13.83 1.54
C LEU D 140 7.31 13.89 1.36
N ALA D 141 7.82 14.94 0.75
CA ALA D 141 9.24 15.06 0.56
C ALA D 141 10.01 15.16 1.88
N TRP D 142 9.48 15.94 2.83
CA TRP D 142 10.12 16.12 4.11
C TRP D 142 10.12 14.79 4.90
N ALA D 143 9.06 14.02 4.77
CA ALA D 143 8.90 12.78 5.61
C ALA D 143 9.96 11.71 5.34
N LYS D 144 10.52 11.68 4.13
CA LYS D 144 11.59 10.76 3.83
C LYS D 144 12.81 10.90 4.74
N GLU D 145 13.06 12.09 5.26
CA GLU D 145 14.21 12.32 6.13
CA GLU D 145 14.19 12.32 6.14
C GLU D 145 13.81 12.38 7.61
N ARG D 146 12.62 11.91 7.97
CA ARG D 146 12.15 12.07 9.36
C ARG D 146 12.97 11.21 10.32
N PRO D 147 13.03 11.57 11.61
CA PRO D 147 13.67 10.76 12.68
C PRO D 147 12.99 9.40 12.83
N GLU D 148 13.76 8.31 12.83
CA GLU D 148 13.16 7.00 12.96
C GLU D 148 12.61 6.86 14.35
N ALA D 149 11.56 6.03 14.46
CA ALA D 149 10.95 5.75 15.76
C ALA D 149 11.90 4.96 16.65
N ILE D 150 12.11 5.46 17.87
CA ILE D 150 12.95 4.78 18.87
C ILE D 150 12.11 4.41 20.08
N GLN D 151 12.53 3.34 20.71
CA GLN D 151 11.83 2.78 21.87
C GLN D 151 11.93 3.63 23.11
N ASP D 152 13.01 4.41 23.24
CA ASP D 152 13.17 5.35 24.38
C ASP D 152 11.93 6.17 24.69
N PHE D 153 11.13 6.49 23.68
CA PHE D 153 9.94 7.33 23.88
C PHE D 153 8.66 6.69 23.36
N ASP D 154 8.67 5.37 23.19
CA ASP D 154 7.49 4.60 22.74
C ASP D 154 7.04 5.08 21.38
N GLN D 155 7.99 5.48 20.53
CA GLN D 155 7.59 6.09 19.26
C GLN D 155 7.07 5.11 18.18
N GLY D 156 6.19 5.60 17.33
CA GLY D 156 5.76 4.85 16.13
C GLY D 156 4.85 5.80 15.40
N TYR D 157 5.32 6.32 14.29
CA TYR D 157 4.59 7.29 13.58
C TYR D 157 3.61 6.67 12.55
N VAL D 158 2.59 7.44 12.28
CA VAL D 158 1.56 7.04 11.35
C VAL D 158 2.06 7.28 9.94
N THR D 159 1.38 6.70 8.96
CA THR D 159 1.77 6.91 7.55
C THR D 159 1.62 8.35 7.21
N PRO D 160 2.31 8.81 6.15
CA PRO D 160 2.14 10.24 5.83
C PRO D 160 0.71 10.60 5.46
N GLU D 161 0.01 9.73 4.79
CA GLU D 161 -1.41 10.07 4.45
CA GLU D 161 -1.41 9.90 4.43
C GLU D 161 -2.27 10.15 5.70
N SER D 162 -1.99 9.33 6.70
CA SER D 162 -2.69 9.43 8.00
C SER D 162 -2.43 10.80 8.66
N THR D 163 -1.19 11.30 8.70
CA THR D 163 -0.94 12.65 9.28
C THR D 163 -1.67 13.70 8.49
N LEU D 164 -1.56 13.61 7.17
CA LEU D 164 -2.30 14.56 6.31
C LEU D 164 -3.84 14.53 6.44
N ALA D 165 -4.40 13.34 6.64
CA ALA D 165 -5.87 13.22 6.79
C ALA D 165 -6.31 13.77 8.17
N ARG D 166 -5.47 13.59 9.15
CA ARG D 166 -5.68 14.09 10.54
C ARG D 166 -5.73 15.64 10.50
N VAL D 167 -4.74 16.25 9.84
CA VAL D 167 -4.78 17.67 9.62
C VAL D 167 -6.01 18.08 8.80
N ALA D 168 -6.37 17.31 7.78
CA ALA D 168 -7.53 17.63 6.96
C ALA D 168 -8.85 17.64 7.75
N LEU D 169 -8.99 16.73 8.72
CA LEU D 169 -10.16 16.78 9.59
C LEU D 169 -10.22 18.11 10.30
N ALA D 170 -9.05 18.62 10.77
CA ALA D 170 -9.03 19.85 11.51
C ALA D 170 -9.32 21.01 10.60
N TRP D 171 -8.89 20.91 9.35
CA TRP D 171 -9.21 21.93 8.36
C TRP D 171 -10.74 22.00 8.17
N ASN D 172 -11.36 20.84 7.93
CA ASN D 172 -12.81 20.74 7.72
C ASN D 172 -13.58 21.29 8.89
N TRP D 173 -13.10 21.14 10.10
CA TRP D 173 -13.75 21.67 11.28
C TRP D 173 -13.40 23.11 11.67
N GLY D 174 -12.65 23.84 10.84
CA GLY D 174 -12.27 25.17 11.13
C GLY D 174 -11.32 25.34 12.29
N ASP D 175 -10.53 24.30 12.60
CA ASP D 175 -9.61 24.36 13.70
C ASP D 175 -8.21 24.76 13.40
N LEU D 176 -7.89 25.08 12.14
CA LEU D 176 -6.55 25.55 11.79
C LEU D 176 -6.47 27.06 11.45
N GLU D 177 -7.43 27.55 10.66
CA GLU D 177 -7.26 28.87 9.99
C GLU D 177 -7.25 30.00 11.05
N GLY D 178 -6.08 30.67 11.15
CA GLY D 178 -5.79 31.79 12.08
C GLY D 178 -5.83 31.37 13.51
N LYS D 179 -5.62 30.06 13.78
CA LYS D 179 -5.72 29.51 15.12
C LYS D 179 -4.31 29.28 15.71
N GLU D 180 -4.22 29.19 17.02
CA GLU D 180 -2.97 28.89 17.71
C GLU D 180 -3.07 27.38 17.98
N VAL D 181 -2.16 26.63 17.41
CA VAL D 181 -2.17 25.19 17.48
C VAL D 181 -1.03 24.63 18.33
N LEU D 182 -1.36 23.69 19.21
CA LEU D 182 -0.38 22.99 20.04
C LEU D 182 -0.36 21.49 19.69
N VAL D 183 0.83 20.92 19.59
CA VAL D 183 0.99 19.50 19.28
C VAL D 183 1.79 18.94 20.45
N LEU D 184 1.20 17.95 21.14
CA LEU D 184 1.79 17.29 22.30
C LEU D 184 2.32 15.91 21.94
N GLY D 185 3.61 15.86 21.65
CA GLY D 185 4.23 14.73 21.00
C GLY D 185 4.08 14.81 19.52
N ASP D 186 5.18 14.63 18.79
CA ASP D 186 5.10 14.86 17.35
C ASP D 186 5.91 14.01 16.40
N ASP D 187 6.08 12.74 16.73
CA ASP D 187 6.69 11.80 15.77
C ASP D 187 5.95 11.68 14.47
N ASP D 188 4.64 11.93 14.51
CA ASP D 188 3.78 11.96 13.36
C ASP D 188 4.00 13.18 12.44
N LEU D 189 4.70 14.20 12.97
CA LEU D 189 4.93 15.46 12.24
C LEU D 189 3.63 16.15 11.84
N THR D 190 2.62 15.99 12.68
CA THR D 190 1.39 16.78 12.57
C THR D 190 1.63 18.29 12.57
N GLY D 191 2.63 18.73 13.34
CA GLY D 191 2.90 20.14 13.42
C GLY D 191 3.43 20.67 12.12
N LEU D 192 4.21 19.86 11.46
CA LEU D 192 4.75 20.24 10.19
C LEU D 192 3.67 20.22 9.13
N ALA D 193 2.87 19.18 9.04
CA ALA D 193 1.78 19.18 8.08
C ALA D 193 0.83 20.32 8.30
N ALA D 194 0.49 20.64 9.54
CA ALA D 194 -0.38 21.75 9.81
C ALA D 194 0.21 23.10 9.40
N ALA D 195 1.47 23.32 9.69
CA ALA D 195 2.11 24.59 9.33
C ALA D 195 2.27 24.73 7.84
N LEU D 196 2.48 23.65 7.15
CA LEU D 196 2.62 23.69 5.71
C LEU D 196 1.33 24.11 4.97
N THR D 197 0.15 23.93 5.60
CA THR D 197 -1.09 24.40 4.97
C THR D 197 -1.12 25.94 4.80
N GLY D 198 -0.33 26.68 5.57
CA GLY D 198 -0.41 28.13 5.60
C GLY D 198 -1.58 28.64 6.41
N LEU D 199 -2.28 27.74 7.10
CA LEU D 199 -3.52 28.17 7.78
C LEU D 199 -3.33 28.66 9.19
N PRO D 200 -2.53 27.93 10.04
CA PRO D 200 -2.46 28.41 11.42
C PRO D 200 -1.79 29.74 11.61
N LYS D 201 -2.19 30.47 12.65
CA LYS D 201 -1.41 31.65 13.11
C LYS D 201 -0.03 31.22 13.62
N ARG D 202 0.00 30.13 14.39
CA ARG D 202 1.23 29.64 14.92
C ARG D 202 0.97 28.15 15.31
N VAL D 203 2.01 27.36 15.16
CA VAL D 203 2.04 25.98 15.62
C VAL D 203 3.22 25.81 16.61
N VAL D 204 2.91 25.32 17.81
CA VAL D 204 3.87 25.06 18.84
C VAL D 204 3.89 23.57 19.06
N VAL D 205 5.07 22.97 19.04
CA VAL D 205 5.19 21.51 19.18
C VAL D 205 6.03 21.25 20.41
N LEU D 206 5.55 20.37 21.29
CA LEU D 206 6.34 19.88 22.44
C LEU D 206 6.67 18.41 22.24
N ASP D 207 7.89 17.99 22.56
CA ASP D 207 8.24 16.59 22.49
C ASP D 207 9.39 16.33 23.47
N ALA D 208 9.42 15.15 24.10
CA ALA D 208 10.56 14.77 24.88
C ALA D 208 11.84 14.44 24.10
N ASP D 209 11.76 14.16 22.81
CA ASP D 209 12.86 13.75 22.02
C ASP D 209 13.47 14.94 21.25
N PRO D 210 14.69 15.33 21.57
CA PRO D 210 15.29 16.46 20.82
C PRO D 210 15.42 16.23 19.33
N ARG D 211 15.53 14.97 18.88
CA ARG D 211 15.56 14.65 17.43
C ARG D 211 14.33 15.21 16.67
N ILE D 212 13.17 15.09 17.31
CA ILE D 212 11.91 15.55 16.74
C ILE D 212 11.91 17.06 16.75
N VAL D 213 12.36 17.65 17.86
CA VAL D 213 12.37 19.07 18.02
C VAL D 213 13.28 19.74 16.96
N ARG D 214 14.45 19.16 16.76
CA ARG D 214 15.44 19.77 15.84
C ARG D 214 15.03 19.61 14.44
N PHE D 215 14.38 18.47 14.15
CA PHE D 215 13.88 18.26 12.79
C PHE D 215 12.83 19.30 12.46
N LEU D 216 11.90 19.54 13.39
CA LEU D 216 10.86 20.52 13.14
C LEU D 216 11.44 21.91 12.99
N GLU D 217 12.42 22.25 13.82
CA GLU D 217 13.05 23.60 13.73
C GLU D 217 13.73 23.77 12.39
N ARG D 218 14.33 22.72 11.89
CA ARG D 218 14.97 22.76 10.59
C ARG D 218 13.97 23.01 9.46
N ALA D 219 12.91 22.24 9.48
CA ALA D 219 11.92 22.34 8.44
C ALA D 219 11.26 23.72 8.55
N ALA D 220 11.00 24.20 9.76
CA ALA D 220 10.40 25.55 9.92
C ALA D 220 11.26 26.65 9.27
N LYS D 221 12.56 26.57 9.48
CA LYS D 221 13.48 27.60 8.97
C LYS D 221 13.61 27.42 7.45
N ALA D 222 13.66 26.22 6.94
CA ALA D 222 13.80 26.00 5.52
C ALA D 222 12.56 26.47 4.73
N GLU D 223 11.38 26.25 5.31
CA GLU D 223 10.14 26.59 4.66
C GLU D 223 9.48 27.93 5.08
N GLY D 224 10.11 28.70 5.95
CA GLY D 224 9.58 29.96 6.48
C GLY D 224 8.26 29.85 7.22
N LEU D 225 8.14 28.87 8.13
CA LEU D 225 6.85 28.54 8.74
C LEU D 225 6.74 29.09 10.12
N PRO D 226 5.55 29.51 10.54
CA PRO D 226 5.38 29.91 11.95
C PRO D 226 5.19 28.68 12.86
N LEU D 227 6.26 27.93 12.94
CA LEU D 227 6.29 26.61 13.62
C LEU D 227 7.46 26.71 14.58
N GLU D 228 7.23 26.39 15.85
CA GLU D 228 8.28 26.33 16.82
C GLU D 228 8.14 25.01 17.60
N ALA D 229 9.26 24.52 18.07
CA ALA D 229 9.30 23.24 18.82
C ALA D 229 10.20 23.32 20.04
N HIS D 230 9.89 22.54 21.06
CA HIS D 230 10.51 22.67 22.35
C HIS D 230 10.61 21.30 23.00
N VAL D 231 11.77 21.00 23.57
CA VAL D 231 11.91 19.77 24.35
C VAL D 231 11.17 19.98 25.66
N HIS D 232 10.28 19.09 25.97
CA HIS D 232 9.50 19.16 27.17
C HIS D 232 8.96 17.77 27.46
N ASP D 233 9.06 17.35 28.72
CA ASP D 233 8.53 16.03 29.15
C ASP D 233 7.19 16.28 29.78
N LEU D 234 6.14 15.62 29.26
CA LEU D 234 4.80 15.89 29.70
C LEU D 234 4.49 15.43 31.09
N ARG D 235 5.43 14.69 31.71
CA ARG D 235 5.34 14.40 33.12
C ARG D 235 5.58 15.65 33.97
N GLU D 236 6.26 16.66 33.44
CA GLU D 236 6.42 17.96 34.16
C GLU D 236 5.12 18.75 33.98
N PRO D 237 4.79 19.64 34.90
CA PRO D 237 3.71 20.59 34.65
C PRO D 237 3.93 21.36 33.36
N LEU D 238 2.80 21.69 32.74
CA LEU D 238 2.83 22.57 31.60
C LEU D 238 3.28 23.99 32.01
N PRO D 239 4.25 24.59 31.31
CA PRO D 239 4.71 25.95 31.57
C PRO D 239 3.62 26.93 31.51
N GLU D 240 3.69 27.98 32.31
CA GLU D 240 2.56 28.92 32.39
C GLU D 240 2.19 29.57 31.07
N ALA D 241 3.19 29.80 30.21
CA ALA D 241 2.93 30.44 28.95
C ALA D 241 1.98 29.64 28.06
N TRP D 242 1.89 28.32 28.29
CA TRP D 242 1.07 27.44 27.45
C TRP D 242 -0.27 27.08 28.05
N VAL D 243 -0.53 27.51 29.26
CA VAL D 243 -1.81 27.19 29.92
C VAL D 243 -2.87 28.15 29.40
N HIS D 244 -3.99 27.59 28.92
CA HIS D 244 -5.07 28.41 28.42
C HIS D 244 -4.66 29.35 27.36
N ALA D 245 -3.81 28.89 26.45
CA ALA D 245 -3.21 29.73 25.41
C ALA D 245 -3.45 29.30 23.99
N PHE D 246 -4.13 28.20 23.79
CA PHE D 246 -4.31 27.65 22.43
C PHE D 246 -5.74 27.46 22.03
N HIS D 247 -5.96 27.37 20.74
CA HIS D 247 -7.29 27.06 20.25
C HIS D 247 -7.50 25.61 19.88
N THR D 248 -6.42 24.95 19.52
CA THR D 248 -6.49 23.59 18.97
C THR D 248 -5.29 22.80 19.47
N PHE D 249 -5.53 21.56 19.88
CA PHE D 249 -4.37 20.64 20.14
C PHE D 249 -4.51 19.34 19.42
N PHE D 250 -3.36 18.73 19.11
CA PHE D 250 -3.27 17.41 18.51
C PHE D 250 -2.37 16.56 19.43
N THR D 251 -2.75 15.32 19.65
CA THR D 251 -1.87 14.37 20.41
C THR D 251 -2.17 12.92 20.06
N ASP D 252 -1.14 12.06 20.13
CA ASP D 252 -1.30 10.63 19.86
C ASP D 252 -0.65 9.91 21.00
N PRO D 253 -1.39 9.85 22.14
CA PRO D 253 -0.74 9.66 23.43
C PRO D 253 -0.45 8.22 23.80
N VAL D 254 0.41 8.09 24.82
CA VAL D 254 0.56 6.83 25.58
C VAL D 254 -0.82 6.61 26.27
N GLU D 255 -1.26 5.37 26.33
CA GLU D 255 -2.63 5.05 26.62
C GLU D 255 -2.92 4.45 27.98
N GLY D 256 -1.95 4.38 28.88
CA GLY D 256 -2.30 4.11 30.27
C GLY D 256 -3.03 5.33 30.81
N PRO D 257 -3.82 5.15 31.88
CA PRO D 257 -4.47 6.33 32.50
C PRO D 257 -3.55 7.54 32.77
N LEU D 258 -2.33 7.27 33.23
CA LEU D 258 -1.38 8.33 33.50
C LEU D 258 -0.87 8.97 32.21
N GLY D 259 -0.75 8.19 31.16
CA GLY D 259 -0.32 8.73 29.86
C GLY D 259 -1.41 9.65 29.33
N LEU D 260 -2.68 9.22 29.45
CA LEU D 260 -3.80 10.07 28.95
C LEU D 260 -3.85 11.35 29.74
N GLN D 261 -3.57 11.25 31.04
CA GLN D 261 -3.44 12.49 31.88
C GLN D 261 -2.34 13.42 31.42
N ALA D 262 -1.17 12.83 31.17
CA ALA D 262 0.04 13.60 30.81
C ALA D 262 -0.08 14.24 29.44
N PHE D 263 -0.74 13.54 28.48
CA PHE D 263 -0.82 14.05 27.15
C PHE D 263 -2.15 14.75 26.97
N VAL D 264 -3.28 14.06 27.23
CA VAL D 264 -4.59 14.67 26.93
C VAL D 264 -4.99 15.72 27.95
N GLY D 265 -4.82 15.41 29.20
CA GLY D 265 -5.01 16.36 30.31
C GLY D 265 -4.28 17.67 30.07
N ARG D 266 -2.99 17.57 29.67
CA ARG D 266 -2.29 18.76 29.37
C ARG D 266 -2.81 19.51 28.17
N GLY D 267 -3.22 18.77 27.13
CA GLY D 267 -3.91 19.41 26.01
C GLY D 267 -5.08 20.22 26.49
N LEU D 268 -5.95 19.63 27.28
CA LEU D 268 -7.16 20.31 27.77
C LEU D 268 -6.85 21.56 28.55
N LEU D 269 -5.83 21.47 29.41
CA LEU D 269 -5.33 22.64 30.17
C LEU D 269 -4.78 23.70 29.25
N ALA D 270 -4.21 23.28 28.14
CA ALA D 270 -3.64 24.25 27.20
C ALA D 270 -4.67 25.05 26.40
N LEU D 271 -5.85 24.50 26.22
CA LEU D 271 -6.90 25.19 25.47
C LEU D 271 -7.41 26.38 26.29
N GLU D 272 -7.64 27.48 25.60
CA GLU D 272 -8.24 28.69 26.20
C GLU D 272 -9.55 28.40 26.93
N GLY D 273 -10.47 27.67 26.27
CA GLY D 273 -11.70 27.26 26.92
C GLY D 273 -12.80 26.94 25.94
N GLU D 274 -14.00 27.41 26.22
CA GLU D 274 -15.17 27.13 25.41
C GLU D 274 -14.90 27.35 23.93
N GLY D 275 -15.26 26.37 23.08
CA GLY D 275 -15.07 26.48 21.65
C GLY D 275 -13.74 26.04 21.07
N CYS D 276 -12.82 25.64 21.94
CA CYS D 276 -11.52 25.18 21.51
C CYS D 276 -11.61 23.70 21.28
N ALA D 277 -10.68 23.14 20.51
CA ALA D 277 -10.81 21.76 20.05
C ALA D 277 -9.51 20.93 20.29
N GLY D 278 -9.69 19.63 20.51
CA GLY D 278 -8.61 18.67 20.67
C GLY D 278 -8.81 17.51 19.66
N TYR D 279 -7.71 16.93 19.19
CA TYR D 279 -7.61 15.80 18.32
C TYR D 279 -6.72 14.75 18.96
N VAL D 280 -7.28 13.57 19.24
CA VAL D 280 -6.57 12.51 19.99
C VAL D 280 -6.65 11.19 19.20
N GLY D 281 -5.53 10.50 19.07
CA GLY D 281 -5.46 9.15 18.57
C GLY D 281 -5.72 8.13 19.68
N LEU D 282 -6.53 7.14 19.40
CA LEU D 282 -6.86 6.13 20.44
C LEU D 282 -6.97 4.75 19.82
N THR D 283 -6.14 3.80 20.27
CA THR D 283 -6.13 2.50 19.66
C THR D 283 -7.14 1.52 20.36
N HIS D 284 -7.42 0.41 19.69
CA HIS D 284 -7.90 -0.80 20.39
C HIS D 284 -6.70 -1.65 20.82
N VAL D 285 -5.62 -1.62 20.05
CA VAL D 285 -4.47 -2.52 20.33
C VAL D 285 -4.00 -2.45 21.76
N GLU D 286 -4.01 -1.26 22.33
CA GLU D 286 -3.52 -0.99 23.71
C GLU D 286 -4.54 -0.38 24.63
N ALA D 287 -5.82 -0.51 24.29
CA ALA D 287 -6.88 0.12 25.12
C ALA D 287 -8.18 -0.64 24.93
N SER D 288 -8.67 -1.30 25.98
CA SER D 288 -9.93 -1.99 25.98
C SER D 288 -11.13 -1.04 25.90
N LEU D 289 -12.32 -1.58 25.60
CA LEU D 289 -13.49 -0.74 25.53
C LEU D 289 -13.82 -0.18 26.91
N ALA D 290 -13.50 -0.92 27.96
CA ALA D 290 -13.73 -0.34 29.30
C ALA D 290 -12.89 0.90 29.53
N LYS D 291 -11.63 0.88 29.06
CA LYS D 291 -10.75 2.04 29.09
C LYS D 291 -11.30 3.17 28.18
N TRP D 292 -11.81 2.80 27.02
CA TRP D 292 -12.46 3.83 26.14
C TRP D 292 -13.58 4.55 26.88
N ALA D 293 -14.39 3.80 27.62
CA ALA D 293 -15.40 4.43 28.42
C ALA D 293 -14.89 5.32 29.55
N ASP D 294 -13.87 4.86 30.29
CA ASP D 294 -13.26 5.72 31.28
C ASP D 294 -12.64 7.01 30.70
N PHE D 295 -12.10 6.89 29.52
CA PHE D 295 -11.58 8.10 28.84
C PHE D 295 -12.67 9.04 28.38
N GLN D 296 -13.75 8.50 27.84
CA GLN D 296 -14.91 9.31 27.48
C GLN D 296 -15.52 10.02 28.73
N ARG D 297 -15.59 9.33 29.85
N ARG D 297 -15.62 9.31 29.85
CA ARG D 297 -16.08 9.95 31.08
CA ARG D 297 -16.12 9.96 31.06
C ARG D 297 -15.16 11.07 31.53
C ARG D 297 -15.17 11.08 31.54
N PHE D 298 -13.85 10.87 31.35
CA PHE D 298 -12.85 11.84 31.76
C PHE D 298 -12.98 13.10 30.89
N LEU D 299 -13.28 12.89 29.60
CA LEU D 299 -13.52 14.08 28.72
C LEU D 299 -14.75 14.82 29.13
N LEU D 300 -15.83 14.11 29.36
CA LEU D 300 -17.10 14.77 29.66
C LEU D 300 -17.05 15.48 31.01
N GLU D 301 -16.40 14.87 31.98
CA GLU D 301 -16.26 15.54 33.31
C GLU D 301 -15.42 16.78 33.29
N ASN D 302 -14.56 16.92 32.27
CA ASN D 302 -13.72 18.08 32.12
C ASN D 302 -14.22 19.09 31.11
N GLY D 303 -15.50 18.97 30.74
CA GLY D 303 -16.20 19.96 29.96
C GLY D 303 -16.11 19.84 28.47
N ALA D 304 -15.64 18.70 27.98
CA ALA D 304 -15.53 18.41 26.54
C ALA D 304 -16.68 17.57 26.04
N VAL D 305 -16.82 17.52 24.75
CA VAL D 305 -17.80 16.73 24.08
C VAL D 305 -17.09 16.15 22.86
N ILE D 306 -17.48 14.94 22.51
CA ILE D 306 -16.95 14.26 21.34
C ILE D 306 -17.78 14.63 20.16
N THR D 307 -17.12 15.16 19.11
CA THR D 307 -17.80 15.50 17.88
C THR D 307 -17.43 14.66 16.68
N GLU D 308 -16.37 13.86 16.78
CA GLU D 308 -15.99 12.88 15.72
C GLU D 308 -15.21 11.76 16.42
N LEU D 309 -15.43 10.52 16.01
CA LEU D 309 -14.63 9.41 16.45
C LEU D 309 -14.58 8.45 15.27
N ARG D 310 -13.53 8.60 14.48
CA ARG D 310 -13.40 7.77 13.31
C ARG D 310 -12.48 6.59 13.59
N ASP D 311 -13.05 5.40 13.73
CA ASP D 311 -12.25 4.29 14.11
C ASP D 311 -11.38 3.84 12.93
N GLY D 312 -10.16 3.45 13.25
CA GLY D 312 -9.24 2.91 12.21
C GLY D 312 -8.69 3.97 11.26
N PHE D 313 -8.75 5.22 11.67
CA PHE D 313 -8.39 6.35 10.84
C PHE D 313 -6.89 6.38 10.57
N HIS D 314 -6.07 6.08 11.57
CA HIS D 314 -4.63 6.18 11.44
C HIS D 314 -4.04 4.77 11.23
N VAL D 315 -3.18 4.67 10.24
CA VAL D 315 -2.42 3.46 10.02
C VAL D 315 -0.97 3.77 10.41
N TYR D 316 -0.32 2.87 11.11
CA TYR D 316 1.03 3.16 11.64
C TYR D 316 2.09 2.37 10.82
N GLU D 317 3.18 3.07 10.50
CA GLU D 317 4.34 2.39 9.92
C GLU D 317 5.00 1.49 10.95
N ASN D 318 5.50 0.34 10.52
CA ASN D 318 6.21 -0.54 11.40
C ASN D 318 7.50 0.03 11.98
N TRP D 319 7.72 -0.11 13.28
CA TRP D 319 8.86 0.42 13.98
C TRP D 319 9.94 -0.67 14.05
N GLY D 320 11.19 -0.22 14.10
CA GLY D 320 12.36 -1.08 14.08
C GLY D 320 12.54 -1.98 15.27
N TYR D 321 12.07 -1.56 16.42
CA TYR D 321 12.30 -2.22 17.66
C TYR D 321 11.19 -3.25 18.05
N ILE D 322 10.39 -3.72 17.09
CA ILE D 322 9.27 -4.58 17.33
C ILE D 322 9.69 -5.82 18.14
N GLU D 323 10.85 -6.38 17.83
CA GLU D 323 11.31 -7.56 18.57
C GLU D 323 11.76 -7.30 19.98
N GLN D 324 11.94 -6.02 20.35
CA GLN D 324 12.24 -5.63 21.72
C GLN D 324 11.02 -5.17 22.51
N MET D 325 9.82 -5.24 21.94
CA MET D 325 8.68 -4.71 22.63
C MET D 325 8.14 -5.77 23.58
N ARG D 326 7.43 -5.29 24.58
CA ARG D 326 6.90 -6.08 25.68
C ARG D 326 6.25 -7.37 25.22
N ALA D 327 5.32 -7.34 24.28
CA ALA D 327 4.55 -8.52 23.92
C ALA D 327 5.34 -9.54 23.03
N TRP D 328 6.49 -9.16 22.44
CA TRP D 328 7.12 -10.04 21.44
C TRP D 328 7.32 -11.48 21.99
N PRO D 329 7.90 -11.62 23.19
CA PRO D 329 8.15 -13.01 23.63
C PRO D 329 6.89 -13.82 23.83
N TRP D 330 5.74 -13.16 23.95
CA TRP D 330 4.45 -13.83 24.21
C TRP D 330 3.78 -14.32 22.98
N LEU D 331 4.15 -13.79 21.80
CA LEU D 331 3.44 -14.00 20.62
C LEU D 331 3.52 -15.45 20.20
N PRO D 332 2.38 -16.04 19.88
CA PRO D 332 2.41 -17.44 19.52
C PRO D 332 3.12 -17.74 18.23
N VAL D 333 3.12 -16.79 17.31
CA VAL D 333 3.87 -16.84 16.08
C VAL D 333 4.72 -15.59 16.11
N LYS D 334 6.00 -15.74 15.78
CA LYS D 334 6.94 -14.61 15.81
C LYS D 334 7.61 -14.43 14.51
N ARG D 335 7.17 -13.46 13.75
CA ARG D 335 7.73 -13.14 12.46
C ARG D 335 7.54 -11.64 12.32
N ARG D 336 8.51 -10.96 11.72
CA ARG D 336 8.47 -9.50 11.61
C ARG D 336 7.36 -9.17 10.63
N PRO D 337 6.50 -8.17 10.92
CA PRO D 337 5.43 -7.80 9.99
C PRO D 337 5.98 -7.14 8.74
N GLU D 338 5.38 -7.44 7.60
CA GLU D 338 5.81 -6.88 6.31
C GLU D 338 4.92 -5.77 5.81
N LYS D 339 3.83 -5.55 6.50
CA LYS D 339 2.95 -4.43 6.15
C LYS D 339 2.29 -3.88 7.43
N PRO D 340 1.53 -2.78 7.31
CA PRO D 340 1.01 -2.21 8.56
C PRO D 340 -0.07 -3.09 9.20
N TRP D 341 -0.12 -3.06 10.51
CA TRP D 341 -1.10 -3.84 11.30
C TRP D 341 -1.68 -3.02 12.47
N TYR D 342 -0.97 -1.99 12.90
CA TYR D 342 -1.36 -1.25 14.11
C TYR D 342 -2.07 -0.01 13.60
N THR D 343 -3.24 0.27 14.20
CA THR D 343 -4.12 1.36 13.72
C THR D 343 -4.67 2.09 14.92
N SER D 344 -5.23 3.27 14.69
CA SER D 344 -5.90 3.99 15.79
C SER D 344 -7.06 4.83 15.28
N ALA D 345 -7.99 5.11 16.19
CA ALA D 345 -9.10 6.05 15.94
C ALA D 345 -8.60 7.47 16.01
N LEU D 346 -9.29 8.40 15.33
CA LEU D 346 -9.14 9.85 15.54
C LEU D 346 -10.36 10.39 16.24
N ILE D 347 -10.17 10.99 17.39
CA ILE D 347 -11.22 11.64 18.08
C ILE D 347 -11.07 13.17 17.94
N ARG D 348 -12.18 13.82 17.58
CA ARG D 348 -12.25 15.25 17.79
C ARG D 348 -13.12 15.56 19.00
N LEU D 349 -12.59 16.35 19.90
CA LEU D 349 -13.35 16.91 21.00
C LEU D 349 -13.42 18.45 20.92
N GLU D 350 -14.44 19.02 21.55
CA GLU D 350 -14.57 20.48 21.68
C GLU D 350 -14.93 20.80 23.13
N LEU D 351 -14.41 21.89 23.63
CA LEU D 351 -14.73 22.29 24.99
C LEU D 351 -16.05 23.09 25.00
N LEU D 352 -16.90 22.76 25.97
CA LEU D 352 -18.10 23.53 26.23
C LEU D 352 -17.81 24.60 27.33
N ARG D 353 -16.71 24.45 28.03
CA ARG D 353 -16.29 25.37 29.06
C ARG D 353 -14.79 25.20 29.27
N ARG D 354 -14.21 26.07 30.06
CA ARG D 354 -12.75 25.95 30.41
C ARG D 354 -12.51 24.67 31.19
N ALA D 355 -11.46 23.92 30.83
CA ALA D 355 -11.11 22.73 31.58
C ALA D 355 -10.17 23.18 32.72
N ASP D 356 -10.58 22.99 33.95
CA ASP D 356 -9.76 23.38 35.10
C ASP D 356 -9.16 22.16 35.71
N LEU D 357 -8.15 21.62 35.04
CA LEU D 357 -7.44 20.45 35.53
C LEU D 357 -6.26 20.89 36.39
N GLU D 358 -5.87 20.05 37.31
CA GLU D 358 -4.66 20.37 38.08
C GLU D 358 -3.46 20.22 37.16
N ASN D 359 -2.46 21.06 37.35
CA ASN D 359 -1.29 21.06 36.52
C ASN D 359 -0.10 20.61 37.34
N ALA D 360 -0.19 19.36 37.77
CA ALA D 360 0.74 18.78 38.67
C ALA D 360 1.56 17.79 37.91
N ARG D 361 2.67 17.45 38.49
CA ARG D 361 3.56 16.49 37.93
C ARG D 361 2.85 15.12 37.85
N VAL D 362 3.17 14.37 36.81
CA VAL D 362 2.68 13.01 36.72
C VAL D 362 3.83 12.05 37.10
N GLU D 363 3.52 11.25 38.10
CA GLU D 363 4.43 10.37 38.78
C GLU D 363 3.80 9.02 38.56
N GLY D 364 4.60 8.08 38.13
CA GLY D 364 4.08 6.74 37.92
C GLY D 364 4.28 6.40 36.46
N ASP D 365 3.97 5.17 36.14
CA ASP D 365 4.25 4.64 34.83
C ASP D 365 3.18 5.14 33.86
N LEU D 366 3.56 5.74 32.72
CA LEU D 366 2.52 6.20 31.75
C LEU D 366 1.82 5.02 31.07
N GLN D 367 2.54 3.90 30.96
CA GLN D 367 2.04 2.65 30.42
C GLN D 367 1.35 1.85 31.48
N ASP D 368 0.36 1.07 31.11
CA ASP D 368 -0.36 0.26 32.08
C ASP D 368 -0.31 -1.20 31.69
N GLU D 369 -1.10 -2.03 32.35
CA GLU D 369 -1.03 -3.47 32.06
C GLU D 369 -1.52 -3.81 30.65
N GLU D 370 -2.42 -2.98 30.10
CA GLU D 370 -2.88 -3.21 28.74
C GLU D 370 -1.85 -2.84 27.69
N ALA D 371 -0.78 -2.15 28.07
CA ALA D 371 0.23 -1.69 27.07
C ALA D 371 1.17 -2.82 26.72
N THR D 372 1.43 -2.98 25.43
CA THR D 372 2.25 -4.10 24.96
C THR D 372 3.32 -3.79 23.92
N THR D 373 3.32 -2.60 23.31
CA THR D 373 4.23 -2.33 22.22
C THR D 373 5.38 -1.41 22.64
N TYR D 374 5.52 -1.13 23.91
CA TYR D 374 6.62 -0.26 24.38
C TYR D 374 7.89 -1.10 24.70
FE FE E . 14.52 -10.86 -0.51
CS MTA F . -1.88 -17.82 -22.57
S5' MTA F . -2.69 -18.12 -21.04
C5' MTA F . -2.84 -16.43 -20.44
C4' MTA F . -4.17 -15.81 -20.81
O4' MTA F . -4.34 -15.64 -22.26
C2' MTA F . -6.09 -17.01 -21.54
O2' MTA F . -7.49 -17.19 -21.57
C3' MTA F . -5.39 -16.60 -20.26
O3' MTA F . -6.26 -15.78 -19.44
C1' MTA F . -5.74 -15.93 -22.55
N9 MTA F . -5.66 -16.36 -23.94
C8 MTA F . -5.19 -17.51 -24.43
N7 MTA F . -5.17 -17.53 -25.77
C5 MTA F . -5.63 -16.30 -26.13
C6 MTA F . -5.92 -15.64 -27.36
N6 MTA F . -5.67 -16.26 -28.53
N1 MTA F . -6.39 -14.36 -27.33
C2 MTA F . -6.65 -13.74 -26.18
N3 MTA F . -6.48 -14.29 -24.97
C4 MTA F . -5.98 -15.56 -24.92
C4 N4P G . 1.44 -22.71 -19.47
C5 N4P G . 0.97 -21.39 -18.97
N1 N4P G . -0.32 -24.76 -20.08
C3 N4P G . 1.08 -23.76 -18.43
C2 N4P G . -0.30 -24.29 -18.68
N6 N4P G . 1.34 -20.29 -19.90
C7 N4P G . 2.66 -19.85 -19.51
C8 N4P G . 2.98 -18.57 -20.22
C9 N4P G . 4.44 -18.27 -20.09
N10 N4P G . 4.81 -17.05 -20.84
C11 N4P G . 0.29 -19.25 -19.83
C12 N4P G . 0.31 -18.69 -18.40
C13 N4P G . -0.62 -17.55 -18.20
N14 N4P G . -0.65 -17.01 -16.83
C1 PGE H . 16.65 -22.76 -10.44
O1 PGE H . 17.08 -22.73 -9.08
C2 PGE H . 15.15 -22.56 -10.56
O2 PGE H . 14.63 -21.43 -9.87
C3 PGE H . 13.32 -20.96 -10.30
C4 PGE H . 12.38 -21.25 -9.13
O4 PGE H . 9.47 -22.63 -6.41
C6 PGE H . 10.35 -22.12 -7.40
C5 PGE H . 10.84 -20.68 -7.35
O3 PGE H . 11.44 -20.29 -8.62
C1 PEG I . 9.69 -14.58 -32.05
O1 PEG I . 10.81 -15.01 -31.23
C2 PEG I . 9.37 -13.12 -32.03
O2 PEG I . 8.33 -12.73 -32.94
C3 PEG I . 8.38 -13.38 -34.22
C4 PEG I . 7.44 -12.70 -35.17
O4 PEG I . 6.87 -13.70 -36.03
CS MTA J . 36.49 0.62 -13.94
S5' MTA J . 36.76 0.41 -12.22
C5' MTA J . 36.76 -1.35 -12.19
C4' MTA J . 38.16 -1.89 -12.18
O4' MTA J . 38.73 -1.70 -13.50
C2' MTA J . 40.11 -0.59 -11.98
O2' MTA J . 41.42 -0.65 -11.39
C3' MTA J . 39.12 -1.30 -11.12
O3' MTA J . 39.62 -2.38 -10.38
C1' MTA J . 40.11 -1.36 -13.32
N9 MTA J . 40.51 -0.60 -14.52
C8 MTA J . 40.23 0.62 -14.87
N7 MTA J . 40.72 0.93 -16.11
C5 MTA J . 41.33 -0.18 -16.55
C6 MTA J . 42.01 -0.58 -17.78
N6 MTA J . 42.19 0.35 -18.73
N1 MTA J . 42.47 -1.81 -17.82
C2 MTA J . 42.30 -2.70 -16.83
N3 MTA J . 41.68 -2.42 -15.69
C4 MTA J . 41.13 -1.20 -15.56
C4 N4P K . 32.82 4.37 -10.78
C5 N4P K . 32.04 3.13 -10.77
N1 N4P K . 34.08 6.58 -10.53
C3 N4P K . 32.63 5.00 -9.39
C2 N4P K . 33.30 6.33 -9.30
N6 N4P K . 32.43 2.37 -11.96
C7 N4P K . 31.12 1.86 -12.32
C8 N4P K . 31.17 0.69 -13.24
C9 N4P K . 29.74 0.64 -13.72
N10 N4P K . 29.64 -0.42 -14.75
C11 N4P K . 33.47 1.38 -11.70
C12 N4P K . 32.98 0.35 -10.64
C13 N4P K . 33.88 -0.80 -10.44
N14 N4P K . 33.62 -1.60 -9.24
C1 PGE L . 17.71 11.80 -30.56
O1 PGE L . 18.79 12.44 -29.83
C2 PGE L . 17.07 10.62 -29.85
O2 PGE L . 16.60 10.95 -28.52
C3 PGE L . 15.20 11.09 -28.27
C4 PGE L . 14.94 10.87 -26.78
O4 PGE L . 16.22 7.08 -25.79
C6 PGE L . 15.00 7.50 -25.10
C5 PGE L . 14.83 9.03 -25.16
O3 PGE L . 14.89 9.46 -26.51
C1 PEG M . 29.85 -1.29 -29.25
O1 PEG M . 31.10 -0.64 -29.27
C2 PEG M . 29.53 -1.56 -27.80
O2 PEG M . 28.97 -0.40 -27.20
C3 PEG M . 27.56 -0.42 -27.02
C4 PEG M . 27.02 0.89 -26.51
O4 PEG M . 27.21 1.96 -27.47
C1 PEG N . 18.89 0.04 -4.02
O1 PEG N . 19.61 0.88 -3.06
C2 PEG N . 18.97 0.76 -5.36
O2 PEG N . 17.94 0.59 -6.33
C3 PEG N . 16.64 1.24 -6.22
C4 PEG N . 16.42 2.43 -7.14
O4 PEG N . 15.00 2.69 -7.22
C1 PEG O . 23.53 -25.35 -30.28
O1 PEG O . 23.22 -24.68 -29.05
C2 PEG O . 22.23 -25.50 -31.06
O2 PEG O . 22.50 -25.52 -32.46
C3 PEG O . 21.48 -24.89 -33.29
C4 PEG O . 21.12 -25.76 -34.51
O4 PEG O . 19.73 -26.16 -34.52
C1 PEG P . 45.37 -10.16 7.11
O1 PEG P . 45.80 -10.39 8.47
C2 PEG P . 43.85 -10.25 6.96
O2 PEG P . 43.54 -11.60 6.67
C3 PEG P . 42.15 -11.90 6.77
C4 PEG P . 42.04 -13.39 6.98
O4 PEG P . 41.35 -13.64 8.20
FE FE Q . -13.78 7.50 0.62
CS MTA R . -38.46 10.36 13.89
S5' MTA R . -38.81 10.01 12.20
C5' MTA R . -38.19 8.37 12.19
C4' MTA R . -39.27 7.30 12.24
O4' MTA R . -39.87 7.25 13.53
C2' MTA R . -41.60 7.68 12.02
O2' MTA R . -42.84 7.20 11.44
C3' MTA R . -40.36 7.41 11.18
O3' MTA R . -40.35 6.25 10.36
C1' MTA R . -41.29 7.01 13.33
N9 MTA R . -41.90 7.58 14.51
C8 MTA R . -42.12 8.87 14.78
N7 MTA R . -42.68 9.03 16.02
C5 MTA R . -42.85 7.79 16.51
C6 MTA R . -43.37 7.22 17.76
N6 MTA R . -43.87 8.05 18.71
N1 MTA R . -43.28 5.86 17.83
C2 MTA R . -42.81 5.07 16.85
N3 MTA R . -42.31 5.58 15.71
C4 MTA R . -42.32 6.86 15.53
C4 N4P S . -36.70 14.65 10.18
C5 N4P S . -35.34 14.36 10.69
N1 N4P S . -38.75 16.66 10.03
C3 N4P S . -36.60 15.90 9.32
C2 N4P S . -37.97 16.20 8.89
N6 N4P S . -35.38 13.38 11.79
C7 N4P S . -36.16 12.12 11.59
C8 N4P S . -35.81 11.39 10.29
C9 N4P S . -35.53 9.92 10.37
N10 N4P S . -35.09 9.24 9.14
C11 N4P S . -33.96 13.07 11.92
C12 N4P S . -33.67 12.82 13.32
C13 N4P S . -32.20 12.93 13.53
N14 N4P S . -31.88 11.97 14.64
C1 PEG T . -30.04 14.14 26.77
O1 PEG T . -30.48 15.42 27.30
C2 PEG T . -31.17 13.17 26.59
O2 PEG T . -30.94 11.89 27.13
C3 PEG T . -32.06 11.35 27.82
C4 PEG T . -32.22 12.12 29.12
O4 PEG T . -33.50 11.74 29.60
C1 PEG U . -20.00 20.61 6.04
O1 PEG U . -18.64 20.35 5.68
C2 PEG U . -20.64 19.51 6.86
O2 PEG U . -20.88 18.45 5.96
C3 PEG U . -21.98 17.63 6.30
C4 PEG U . -21.93 16.42 5.39
O4 PEG U . -22.55 16.62 4.13
CS MTA V . 3.94 8.50 22.70
S5' MTA V . 4.78 8.53 21.16
C5' MTA V . 4.20 10.08 20.50
C4' MTA V . 5.21 11.16 20.68
O4' MTA V . 5.30 11.48 22.11
C2' MTA V . 7.41 10.77 21.53
O2' MTA V . 8.76 11.19 21.51
C3' MTA V . 6.62 10.80 20.22
O3' MTA V . 7.05 11.85 19.33
C1' MTA V . 6.66 11.69 22.47
N9 MTA V . 6.72 11.40 23.90
C8 MTA V . 6.72 10.18 24.50
N7 MTA V . 6.76 10.29 25.80
C5 MTA V . 6.73 11.59 26.07
C6 MTA V . 6.77 12.39 27.28
N6 MTA V . 6.78 11.83 28.52
N1 MTA V . 6.73 13.72 27.13
C2 MTA V . 6.73 14.29 25.93
N3 MTA V . 6.73 13.65 24.77
C4 MTA V . 6.71 12.32 24.80
C4 N4P W . 3.44 3.49 19.41
C5 N4P W . 2.02 3.84 19.24
N1 N4P W . 5.17 1.42 20.58
C3 N4P W . 3.65 2.10 18.82
C2 N4P W . 5.06 1.75 19.17
N6 N4P W . 1.66 5.01 20.05
C7 N4P W . 0.25 5.11 19.66
C8 N4P W . -0.53 5.72 20.72
C9 N4P W . -1.97 5.65 20.34
N10 N4P W . -2.65 6.74 21.00
C11 N4P W . 2.48 6.26 19.89
C12 N4P W . 2.35 6.68 18.46
C13 N4P W . 2.76 8.05 18.20
N14 N4P W . 2.52 8.47 16.83
C1 PGE X . -7.18 10.02 34.77
O1 PGE X . -6.03 9.42 35.42
C2 PGE X . -7.09 9.95 33.25
O2 PGE X . -8.19 9.28 32.61
C3 PGE X . -7.79 8.04 32.00
C4 PGE X . -8.97 7.28 31.58
O4 PGE X . -9.39 2.79 32.63
C6 PGE X . -8.42 3.80 32.76
C5 PGE X . -8.84 5.27 32.82
O3 PGE X . -8.62 5.90 31.55
C1 PEG Y . -21.51 25.61 24.39
O1 PEG Y . -22.49 24.73 24.98
C2 PEG Y . -21.97 27.06 24.41
O2 PEG Y . -21.95 27.56 25.77
C3 PEG Y . -22.64 28.81 25.93
C4 PEG Y . -22.86 29.14 27.42
O4 PEG Y . -24.06 28.45 27.89
C1 PEG Z . -8.59 -0.69 10.61
O1 PEG Z . -7.78 -0.34 9.48
C2 PEG Z . -9.86 -1.41 10.17
O2 PEG Z . -10.23 -2.29 11.21
C3 PEG Z . -10.61 -3.61 10.83
C4 PEG Z . -12.07 -3.66 10.41
O4 PEG Z . -12.23 -4.48 9.26
#